data_8OKR
# 
_entry.id   8OKR 
# 
_audit_conform.dict_name       mmcif_pdbx.dic 
_audit_conform.dict_version    5.395 
_audit_conform.dict_location   http://mmcif.pdb.org/dictionaries/ascii/mmcif_pdbx.dic 
# 
loop_
_database_2.database_id 
_database_2.database_code 
_database_2.pdbx_database_accession 
_database_2.pdbx_DOI 
PDB   8OKR         pdb_00008okr 10.2210/pdb8okr/pdb 
WWPDB D_1292129166 ?            ?                   
EMDB  EMD-16930    ?            ?                   
# 
loop_
_pdbx_audit_revision_history.ordinal 
_pdbx_audit_revision_history.data_content_type 
_pdbx_audit_revision_history.major_revision 
_pdbx_audit_revision_history.minor_revision 
_pdbx_audit_revision_history.revision_date 
1 'Structure model' 1 0 2023-08-02 
2 'Structure model' 1 1 2024-07-24 
# 
_pdbx_audit_revision_details.ordinal             1 
_pdbx_audit_revision_details.revision_ordinal    1 
_pdbx_audit_revision_details.data_content_type   'Structure model' 
_pdbx_audit_revision_details.provider            repository 
_pdbx_audit_revision_details.type                'Initial release' 
_pdbx_audit_revision_details.description         ? 
_pdbx_audit_revision_details.details             ? 
# 
_pdbx_audit_revision_group.ordinal             1 
_pdbx_audit_revision_group.revision_ordinal    2 
_pdbx_audit_revision_group.data_content_type   'Structure model' 
_pdbx_audit_revision_group.group               'Data collection' 
# 
loop_
_pdbx_audit_revision_category.ordinal 
_pdbx_audit_revision_category.revision_ordinal 
_pdbx_audit_revision_category.data_content_type 
_pdbx_audit_revision_category.category 
1 2 'Structure model' chem_comp_atom 
2 2 'Structure model' chem_comp_bond 
3 2 'Structure model' em_admin       
# 
_pdbx_audit_revision_item.ordinal             1 
_pdbx_audit_revision_item.revision_ordinal    2 
_pdbx_audit_revision_item.data_content_type   'Structure model' 
_pdbx_audit_revision_item.item                '_em_admin.last_update' 
# 
_pdbx_database_status.status_code                     REL 
_pdbx_database_status.status_code_sf                  ? 
_pdbx_database_status.status_code_mr                  ? 
_pdbx_database_status.entry_id                        8OKR 
_pdbx_database_status.recvd_initial_deposition_date   2023-03-29 
_pdbx_database_status.SG_entry                        N 
_pdbx_database_status.deposit_site                    PDBE 
_pdbx_database_status.process_site                    PDBE 
_pdbx_database_status.status_code_cs                  ? 
_pdbx_database_status.status_code_nmr_data            ? 
_pdbx_database_status.methods_development_category    ? 
_pdbx_database_status.pdb_format_compatible           Y 
# 
_pdbx_database_related.db_name        EMDB 
_pdbx_database_related.details        'virus enhancing amyloid fibril formed by CKFKFQF' 
_pdbx_database_related.db_id          EMD-16930 
_pdbx_database_related.content_type   'associated EM volume' 
# 
_pdbx_contact_author.id                 2 
_pdbx_contact_author.email              marcus.faendrich@uni-ulm.de 
_pdbx_contact_author.name_first         Marcus 
_pdbx_contact_author.name_last          Faendrich 
_pdbx_contact_author.name_mi            ? 
_pdbx_contact_author.role               'principal investigator/group leader' 
_pdbx_contact_author.identifier_ORCID   0000-0003-2123-6816 
# 
loop_
_audit_author.name 
_audit_author.pdbx_ordinal 
_audit_author.identifier_ORCID 
'Heerde, T.'    1 0000-0002-2142-3120 
'Schmidt, M.'   2 0000-0002-9442-460X 
'Faendrich, M.' 3 0000-0003-2123-6816 
# 
_citation.abstract                  ? 
_citation.abstract_id_CAS           ? 
_citation.book_id_ISBN              ? 
_citation.book_publisher            ? 
_citation.book_publisher_city       ? 
_citation.book_title                ? 
_citation.coordinate_linkage        ? 
_citation.country                   UK 
_citation.database_id_Medline       ? 
_citation.details                   ? 
_citation.id                        primary 
_citation.journal_abbrev            'Nat Commun' 
_citation.journal_id_ASTM           ? 
_citation.journal_id_CSD            ? 
_citation.journal_id_ISSN           2041-1723 
_citation.journal_full              ? 
_citation.journal_issue             ? 
_citation.journal_volume            14 
_citation.language                  ? 
_citation.page_first                4293 
_citation.page_last                 4293 
_citation.title                     
'Cryo-EM structure and polymorphic maturation of a viral transduction enhancing amyloid fibril.' 
_citation.year                      2023 
_citation.database_id_CSD           ? 
_citation.pdbx_database_id_DOI      10.1038/s41467-023-40042-1 
_citation.pdbx_database_id_PubMed   37464004 
_citation.pdbx_database_id_patent   ? 
_citation.unpublished_flag          ? 
# 
loop_
_citation_author.citation_id 
_citation_author.name 
_citation_author.ordinal 
_citation_author.identifier_ORCID 
primary 'Heerde, T.'   1 0000-0002-2142-3120 
primary 'Schutz, D.'   2 ?                   
primary 'Lin, Y.J.'    3 ?                   
primary 'Munch, J.'    4 0000-0001-7316-7141 
primary 'Schmidt, M.'  5 0000-0002-9442-460X 
primary 'Fandrich, M.' 6 0000-0003-2123-6816 
# 
_entity.id                         1 
_entity.type                       polymer 
_entity.src_method                 syn 
_entity.pdbx_description           PNF-18 
_entity.formula_weight             949.168 
_entity.pdbx_number_of_molecules   24 
_entity.pdbx_ec                    ? 
_entity.pdbx_mutation              ? 
_entity.pdbx_fragment              ? 
_entity.details                    ? 
# 
_entity_poly.entity_id                      1 
_entity_poly.type                           'polypeptide(L)' 
_entity_poly.nstd_linkage                   no 
_entity_poly.nstd_monomer                   no 
_entity_poly.pdbx_seq_one_letter_code       CKFKFQF 
_entity_poly.pdbx_seq_one_letter_code_can   CKFKFQF 
_entity_poly.pdbx_strand_id                 S,T,U,V,W,X,M,N,O,P,Q,R,G,H,I,J,K,L,A,B,C,D,E,F 
_entity_poly.pdbx_target_identifier         ? 
# 
loop_
_entity_poly_seq.entity_id 
_entity_poly_seq.num 
_entity_poly_seq.mon_id 
_entity_poly_seq.hetero 
1 1 CYS n 
1 2 LYS n 
1 3 PHE n 
1 4 LYS n 
1 5 PHE n 
1 6 GLN n 
1 7 PHE n 
# 
_pdbx_entity_src_syn.entity_id              1 
_pdbx_entity_src_syn.pdbx_src_id            1 
_pdbx_entity_src_syn.pdbx_alt_source_flag   sample 
_pdbx_entity_src_syn.pdbx_beg_seq_num       1 
_pdbx_entity_src_syn.pdbx_end_seq_num       7 
_pdbx_entity_src_syn.organism_scientific    'HIV whole-genome vector AA1305#18' 
_pdbx_entity_src_syn.organism_common_name   ? 
_pdbx_entity_src_syn.ncbi_taxonomy_id       672471 
_pdbx_entity_src_syn.details                ? 
# 
loop_
_chem_comp.id 
_chem_comp.type 
_chem_comp.mon_nstd_flag 
_chem_comp.name 
_chem_comp.pdbx_synonyms 
_chem_comp.formula 
_chem_comp.formula_weight 
CYS 'L-peptide linking' y CYSTEINE      ? 'C3 H7 N O2 S'   121.158 
GLN 'L-peptide linking' y GLUTAMINE     ? 'C5 H10 N2 O3'   146.144 
LYS 'L-peptide linking' y LYSINE        ? 'C6 H15 N2 O2 1' 147.195 
PHE 'L-peptide linking' y PHENYLALANINE ? 'C9 H11 N O2'    165.189 
# 
loop_
_pdbx_poly_seq_scheme.asym_id 
_pdbx_poly_seq_scheme.entity_id 
_pdbx_poly_seq_scheme.seq_id 
_pdbx_poly_seq_scheme.mon_id 
_pdbx_poly_seq_scheme.ndb_seq_num 
_pdbx_poly_seq_scheme.pdb_seq_num 
_pdbx_poly_seq_scheme.auth_seq_num 
_pdbx_poly_seq_scheme.pdb_mon_id 
_pdbx_poly_seq_scheme.auth_mon_id 
_pdbx_poly_seq_scheme.pdb_strand_id 
_pdbx_poly_seq_scheme.pdb_ins_code 
_pdbx_poly_seq_scheme.hetero 
A 1 1 CYS 1 1 1 CYS CYS S . n 
A 1 2 LYS 2 2 2 LYS LYS S . n 
A 1 3 PHE 3 3 3 PHE PHE S . n 
A 1 4 LYS 4 4 4 LYS LYS S . n 
A 1 5 PHE 5 5 5 PHE PHE S . n 
A 1 6 GLN 6 6 6 GLN GLN S . n 
A 1 7 PHE 7 7 7 PHE PHE S . n 
B 1 1 CYS 1 1 1 CYS CYS T . n 
B 1 2 LYS 2 2 2 LYS LYS T . n 
B 1 3 PHE 3 3 3 PHE PHE T . n 
B 1 4 LYS 4 4 4 LYS LYS T . n 
B 1 5 PHE 5 5 5 PHE PHE T . n 
B 1 6 GLN 6 6 6 GLN GLN T . n 
B 1 7 PHE 7 7 7 PHE PHE T . n 
C 1 1 CYS 1 1 1 CYS CYS U . n 
C 1 2 LYS 2 2 2 LYS LYS U . n 
C 1 3 PHE 3 3 3 PHE PHE U . n 
C 1 4 LYS 4 4 4 LYS LYS U . n 
C 1 5 PHE 5 5 5 PHE PHE U . n 
C 1 6 GLN 6 6 6 GLN GLN U . n 
C 1 7 PHE 7 7 7 PHE PHE U . n 
D 1 1 CYS 1 1 1 CYS CYS V . n 
D 1 2 LYS 2 2 2 LYS LYS V . n 
D 1 3 PHE 3 3 3 PHE PHE V . n 
D 1 4 LYS 4 4 4 LYS LYS V . n 
D 1 5 PHE 5 5 5 PHE PHE V . n 
D 1 6 GLN 6 6 6 GLN GLN V . n 
D 1 7 PHE 7 7 7 PHE PHE V . n 
E 1 1 CYS 1 1 1 CYS CYS W . n 
E 1 2 LYS 2 2 2 LYS LYS W . n 
E 1 3 PHE 3 3 3 PHE PHE W . n 
E 1 4 LYS 4 4 4 LYS LYS W . n 
E 1 5 PHE 5 5 5 PHE PHE W . n 
E 1 6 GLN 6 6 6 GLN GLN W . n 
E 1 7 PHE 7 7 7 PHE PHE W . n 
F 1 1 CYS 1 1 1 CYS CYS X . n 
F 1 2 LYS 2 2 2 LYS LYS X . n 
F 1 3 PHE 3 3 3 PHE PHE X . n 
F 1 4 LYS 4 4 4 LYS LYS X . n 
F 1 5 PHE 5 5 5 PHE PHE X . n 
F 1 6 GLN 6 6 6 GLN GLN X . n 
F 1 7 PHE 7 7 7 PHE PHE X . n 
G 1 1 CYS 1 1 1 CYS CYS M . n 
G 1 2 LYS 2 2 2 LYS LYS M . n 
G 1 3 PHE 3 3 3 PHE PHE M . n 
G 1 4 LYS 4 4 4 LYS LYS M . n 
G 1 5 PHE 5 5 5 PHE PHE M . n 
G 1 6 GLN 6 6 6 GLN GLN M . n 
G 1 7 PHE 7 7 7 PHE PHE M . n 
H 1 1 CYS 1 1 1 CYS CYS N . n 
H 1 2 LYS 2 2 2 LYS LYS N . n 
H 1 3 PHE 3 3 3 PHE PHE N . n 
H 1 4 LYS 4 4 4 LYS LYS N . n 
H 1 5 PHE 5 5 5 PHE PHE N . n 
H 1 6 GLN 6 6 6 GLN GLN N . n 
H 1 7 PHE 7 7 7 PHE PHE N . n 
I 1 1 CYS 1 1 1 CYS CYS O . n 
I 1 2 LYS 2 2 2 LYS LYS O . n 
I 1 3 PHE 3 3 3 PHE PHE O . n 
I 1 4 LYS 4 4 4 LYS LYS O . n 
I 1 5 PHE 5 5 5 PHE PHE O . n 
I 1 6 GLN 6 6 6 GLN GLN O . n 
I 1 7 PHE 7 7 7 PHE PHE O . n 
J 1 1 CYS 1 1 1 CYS CYS P . n 
J 1 2 LYS 2 2 2 LYS LYS P . n 
J 1 3 PHE 3 3 3 PHE PHE P . n 
J 1 4 LYS 4 4 4 LYS LYS P . n 
J 1 5 PHE 5 5 5 PHE PHE P . n 
J 1 6 GLN 6 6 6 GLN GLN P . n 
J 1 7 PHE 7 7 7 PHE PHE P . n 
K 1 1 CYS 1 1 1 CYS CYS Q . n 
K 1 2 LYS 2 2 2 LYS LYS Q . n 
K 1 3 PHE 3 3 3 PHE PHE Q . n 
K 1 4 LYS 4 4 4 LYS LYS Q . n 
K 1 5 PHE 5 5 5 PHE PHE Q . n 
K 1 6 GLN 6 6 6 GLN GLN Q . n 
K 1 7 PHE 7 7 7 PHE PHE Q . n 
L 1 1 CYS 1 1 1 CYS CYS R . n 
L 1 2 LYS 2 2 2 LYS LYS R . n 
L 1 3 PHE 3 3 3 PHE PHE R . n 
L 1 4 LYS 4 4 4 LYS LYS R . n 
L 1 5 PHE 5 5 5 PHE PHE R . n 
L 1 6 GLN 6 6 6 GLN GLN R . n 
L 1 7 PHE 7 7 7 PHE PHE R . n 
M 1 1 CYS 1 1 1 CYS CYS G . n 
M 1 2 LYS 2 2 2 LYS LYS G . n 
M 1 3 PHE 3 3 3 PHE PHE G . n 
M 1 4 LYS 4 4 4 LYS LYS G . n 
M 1 5 PHE 5 5 5 PHE PHE G . n 
M 1 6 GLN 6 6 6 GLN GLN G . n 
M 1 7 PHE 7 7 7 PHE PHE G . n 
N 1 1 CYS 1 1 1 CYS CYS H . n 
N 1 2 LYS 2 2 2 LYS LYS H . n 
N 1 3 PHE 3 3 3 PHE PHE H . n 
N 1 4 LYS 4 4 4 LYS LYS H . n 
N 1 5 PHE 5 5 5 PHE PHE H . n 
N 1 6 GLN 6 6 6 GLN GLN H . n 
N 1 7 PHE 7 7 7 PHE PHE H . n 
O 1 1 CYS 1 1 1 CYS CYS I . n 
O 1 2 LYS 2 2 2 LYS LYS I . n 
O 1 3 PHE 3 3 3 PHE PHE I . n 
O 1 4 LYS 4 4 4 LYS LYS I . n 
O 1 5 PHE 5 5 5 PHE PHE I . n 
O 1 6 GLN 6 6 6 GLN GLN I . n 
O 1 7 PHE 7 7 7 PHE PHE I . n 
P 1 1 CYS 1 1 1 CYS CYS J . n 
P 1 2 LYS 2 2 2 LYS LYS J . n 
P 1 3 PHE 3 3 3 PHE PHE J . n 
P 1 4 LYS 4 4 4 LYS LYS J . n 
P 1 5 PHE 5 5 5 PHE PHE J . n 
P 1 6 GLN 6 6 6 GLN GLN J . n 
P 1 7 PHE 7 7 7 PHE PHE J . n 
Q 1 1 CYS 1 1 1 CYS CYS K . n 
Q 1 2 LYS 2 2 2 LYS LYS K . n 
Q 1 3 PHE 3 3 3 PHE PHE K . n 
Q 1 4 LYS 4 4 4 LYS LYS K . n 
Q 1 5 PHE 5 5 5 PHE PHE K . n 
Q 1 6 GLN 6 6 6 GLN GLN K . n 
Q 1 7 PHE 7 7 7 PHE PHE K . n 
R 1 1 CYS 1 1 1 CYS CYS L . n 
R 1 2 LYS 2 2 2 LYS LYS L . n 
R 1 3 PHE 3 3 3 PHE PHE L . n 
R 1 4 LYS 4 4 4 LYS LYS L . n 
R 1 5 PHE 5 5 5 PHE PHE L . n 
R 1 6 GLN 6 6 6 GLN GLN L . n 
R 1 7 PHE 7 7 7 PHE PHE L . n 
S 1 1 CYS 1 1 1 CYS CYS A . n 
S 1 2 LYS 2 2 2 LYS LYS A . n 
S 1 3 PHE 3 3 3 PHE PHE A . n 
S 1 4 LYS 4 4 4 LYS LYS A . n 
S 1 5 PHE 5 5 5 PHE PHE A . n 
S 1 6 GLN 6 6 6 GLN GLN A . n 
S 1 7 PHE 7 7 7 PHE PHE A . n 
T 1 1 CYS 1 1 1 CYS CYS B . n 
T 1 2 LYS 2 2 2 LYS LYS B . n 
T 1 3 PHE 3 3 3 PHE PHE B . n 
T 1 4 LYS 4 4 4 LYS LYS B . n 
T 1 5 PHE 5 5 5 PHE PHE B . n 
T 1 6 GLN 6 6 6 GLN GLN B . n 
T 1 7 PHE 7 7 7 PHE PHE B . n 
U 1 1 CYS 1 1 1 CYS CYS C . n 
U 1 2 LYS 2 2 2 LYS LYS C . n 
U 1 3 PHE 3 3 3 PHE PHE C . n 
U 1 4 LYS 4 4 4 LYS LYS C . n 
U 1 5 PHE 5 5 5 PHE PHE C . n 
U 1 6 GLN 6 6 6 GLN GLN C . n 
U 1 7 PHE 7 7 7 PHE PHE C . n 
V 1 1 CYS 1 1 1 CYS CYS D . n 
V 1 2 LYS 2 2 2 LYS LYS D . n 
V 1 3 PHE 3 3 3 PHE PHE D . n 
V 1 4 LYS 4 4 4 LYS LYS D . n 
V 1 5 PHE 5 5 5 PHE PHE D . n 
V 1 6 GLN 6 6 6 GLN GLN D . n 
V 1 7 PHE 7 7 7 PHE PHE D . n 
W 1 1 CYS 1 1 1 CYS CYS E . n 
W 1 2 LYS 2 2 2 LYS LYS E . n 
W 1 3 PHE 3 3 3 PHE PHE E . n 
W 1 4 LYS 4 4 4 LYS LYS E . n 
W 1 5 PHE 5 5 5 PHE PHE E . n 
W 1 6 GLN 6 6 6 GLN GLN E . n 
W 1 7 PHE 7 7 7 PHE PHE E . n 
X 1 1 CYS 1 1 1 CYS CYS F . n 
X 1 2 LYS 2 2 2 LYS LYS F . n 
X 1 3 PHE 3 3 3 PHE PHE F . n 
X 1 4 LYS 4 4 4 LYS LYS F . n 
X 1 5 PHE 5 5 5 PHE PHE F . n 
X 1 6 GLN 6 6 6 GLN GLN F . n 
X 1 7 PHE 7 7 7 PHE PHE F . n 
# 
_exptl.absorpt_coefficient_mu     ? 
_exptl.absorpt_correction_T_max   ? 
_exptl.absorpt_correction_T_min   ? 
_exptl.absorpt_correction_type    ? 
_exptl.absorpt_process_details    ? 
_exptl.entry_id                   8OKR 
_exptl.crystals_number            ? 
_exptl.details                    ? 
_exptl.method                     'ELECTRON MICROSCOPY' 
_exptl.method_details             ? 
# 
_struct.entry_id                     8OKR 
_struct.title                        'virus enhancing amyloid fibril formed by CKFKFQF' 
_struct.pdbx_model_details           ? 
_struct.pdbx_formula_weight          ? 
_struct.pdbx_formula_weight_method   ? 
_struct.pdbx_model_type_details      ? 
_struct.pdbx_CASP_flag               N 
# 
_struct_keywords.entry_id        8OKR 
_struct_keywords.text            'virus enhancing amyloid fibril, protein fibril, prion' 
_struct_keywords.pdbx_keywords   'PROTEIN FIBRIL' 
# 
loop_
_struct_asym.id 
_struct_asym.pdbx_blank_PDB_chainid_flag 
_struct_asym.pdbx_modified 
_struct_asym.entity_id 
_struct_asym.details 
A N N 1 ? 
B N N 1 ? 
C N N 1 ? 
D N N 1 ? 
E N N 1 ? 
F N N 1 ? 
G N N 1 ? 
H N N 1 ? 
I N N 1 ? 
J N N 1 ? 
K N N 1 ? 
L N N 1 ? 
M N N 1 ? 
N N N 1 ? 
O N N 1 ? 
P N N 1 ? 
Q N N 1 ? 
R N N 1 ? 
S N N 1 ? 
T N N 1 ? 
U N N 1 ? 
V N N 1 ? 
W N N 1 ? 
X N N 1 ? 
# 
_struct_ref.id                         1 
_struct_ref.db_name                    PDB 
_struct_ref.db_code                    8OKR 
_struct_ref.pdbx_db_accession          8OKR 
_struct_ref.pdbx_db_isoform            ? 
_struct_ref.entity_id                  1 
_struct_ref.pdbx_seq_one_letter_code   ? 
_struct_ref.pdbx_align_begin           1 
# 
loop_
_struct_ref_seq.align_id 
_struct_ref_seq.ref_id 
_struct_ref_seq.pdbx_PDB_id_code 
_struct_ref_seq.pdbx_strand_id 
_struct_ref_seq.seq_align_beg 
_struct_ref_seq.pdbx_seq_align_beg_ins_code 
_struct_ref_seq.seq_align_end 
_struct_ref_seq.pdbx_seq_align_end_ins_code 
_struct_ref_seq.pdbx_db_accession 
_struct_ref_seq.db_align_beg 
_struct_ref_seq.pdbx_db_align_beg_ins_code 
_struct_ref_seq.db_align_end 
_struct_ref_seq.pdbx_db_align_end_ins_code 
_struct_ref_seq.pdbx_auth_seq_align_beg 
_struct_ref_seq.pdbx_auth_seq_align_end 
1  1 8OKR S 1 ? 7 ? 8OKR 1 ? 7 ? 1 7 
2  1 8OKR T 1 ? 7 ? 8OKR 1 ? 7 ? 1 7 
3  1 8OKR U 1 ? 7 ? 8OKR 1 ? 7 ? 1 7 
4  1 8OKR V 1 ? 7 ? 8OKR 1 ? 7 ? 1 7 
5  1 8OKR W 1 ? 7 ? 8OKR 1 ? 7 ? 1 7 
6  1 8OKR X 1 ? 7 ? 8OKR 1 ? 7 ? 1 7 
7  1 8OKR M 1 ? 7 ? 8OKR 1 ? 7 ? 1 7 
8  1 8OKR N 1 ? 7 ? 8OKR 1 ? 7 ? 1 7 
9  1 8OKR O 1 ? 7 ? 8OKR 1 ? 7 ? 1 7 
10 1 8OKR P 1 ? 7 ? 8OKR 1 ? 7 ? 1 7 
11 1 8OKR Q 1 ? 7 ? 8OKR 1 ? 7 ? 1 7 
12 1 8OKR R 1 ? 7 ? 8OKR 1 ? 7 ? 1 7 
13 1 8OKR G 1 ? 7 ? 8OKR 1 ? 7 ? 1 7 
14 1 8OKR H 1 ? 7 ? 8OKR 1 ? 7 ? 1 7 
15 1 8OKR I 1 ? 7 ? 8OKR 1 ? 7 ? 1 7 
16 1 8OKR J 1 ? 7 ? 8OKR 1 ? 7 ? 1 7 
17 1 8OKR K 1 ? 7 ? 8OKR 1 ? 7 ? 1 7 
18 1 8OKR L 1 ? 7 ? 8OKR 1 ? 7 ? 1 7 
19 1 8OKR A 1 ? 7 ? 8OKR 1 ? 7 ? 1 7 
20 1 8OKR B 1 ? 7 ? 8OKR 1 ? 7 ? 1 7 
21 1 8OKR C 1 ? 7 ? 8OKR 1 ? 7 ? 1 7 
22 1 8OKR D 1 ? 7 ? 8OKR 1 ? 7 ? 1 7 
23 1 8OKR E 1 ? 7 ? 8OKR 1 ? 7 ? 1 7 
24 1 8OKR F 1 ? 7 ? 8OKR 1 ? 7 ? 1 7 
# 
_pdbx_struct_assembly.id                   1 
_pdbx_struct_assembly.details              author_defined_assembly 
_pdbx_struct_assembly.method_details       ? 
_pdbx_struct_assembly.oligomeric_details   24-meric 
_pdbx_struct_assembly.oligomeric_count     24 
# 
loop_
_pdbx_struct_assembly_prop.biol_id 
_pdbx_struct_assembly_prop.type 
_pdbx_struct_assembly_prop.value 
_pdbx_struct_assembly_prop.details 
1 'ABSA (A^2)' 20610 ? 
1 MORE         -113  ? 
1 'SSA (A^2)'  8470  ? 
# 
_pdbx_struct_assembly_gen.assembly_id       1 
_pdbx_struct_assembly_gen.oper_expression   1 
_pdbx_struct_assembly_gen.asym_id_list      A,B,C,D,E,F,G,H,I,J,K,L,M,N,O,P,Q,R,S,T,U,V,W,X 
# 
_pdbx_struct_assembly_auth_evidence.id                     1 
_pdbx_struct_assembly_auth_evidence.assembly_id            1 
_pdbx_struct_assembly_auth_evidence.experimental_support   'electron microscopy' 
_pdbx_struct_assembly_auth_evidence.details                ? 
# 
_pdbx_struct_oper_list.id                   1 
_pdbx_struct_oper_list.type                 'identity operation' 
_pdbx_struct_oper_list.name                 1_555 
_pdbx_struct_oper_list.symmetry_operation   ? 
_pdbx_struct_oper_list.matrix[1][1]         1.0000000000 
_pdbx_struct_oper_list.matrix[1][2]         0.0000000000 
_pdbx_struct_oper_list.matrix[1][3]         0.0000000000 
_pdbx_struct_oper_list.vector[1]            0.0000000000 
_pdbx_struct_oper_list.matrix[2][1]         0.0000000000 
_pdbx_struct_oper_list.matrix[2][2]         1.0000000000 
_pdbx_struct_oper_list.matrix[2][3]         0.0000000000 
_pdbx_struct_oper_list.vector[2]            0.0000000000 
_pdbx_struct_oper_list.matrix[3][1]         0.0000000000 
_pdbx_struct_oper_list.matrix[3][2]         0.0000000000 
_pdbx_struct_oper_list.matrix[3][3]         1.0000000000 
_pdbx_struct_oper_list.vector[3]            0.0000000000 
# 
loop_
_struct_sheet.id 
_struct_sheet.type 
_struct_sheet.number_strands 
_struct_sheet.details 
AA1 ? 4 ? 
AA2 ? 4 ? 
AA3 ? 4 ? 
AA4 ? 4 ? 
AA5 ? 4 ? 
AA6 ? 4 ? 
# 
loop_
_struct_sheet_order.sheet_id 
_struct_sheet_order.range_id_1 
_struct_sheet_order.range_id_2 
_struct_sheet_order.offset 
_struct_sheet_order.sense 
AA1 1 2 ? parallel 
AA1 2 3 ? parallel 
AA1 3 4 ? parallel 
AA2 1 2 ? parallel 
AA2 2 3 ? parallel 
AA2 3 4 ? parallel 
AA3 1 2 ? parallel 
AA3 2 3 ? parallel 
AA3 3 4 ? parallel 
AA4 1 2 ? parallel 
AA4 2 3 ? parallel 
AA4 3 4 ? parallel 
AA5 1 2 ? parallel 
AA5 2 3 ? parallel 
AA5 3 4 ? parallel 
AA6 1 2 ? parallel 
AA6 2 3 ? parallel 
AA6 3 4 ? parallel 
# 
loop_
_struct_sheet_range.sheet_id 
_struct_sheet_range.id 
_struct_sheet_range.beg_label_comp_id 
_struct_sheet_range.beg_label_asym_id 
_struct_sheet_range.beg_label_seq_id 
_struct_sheet_range.pdbx_beg_PDB_ins_code 
_struct_sheet_range.end_label_comp_id 
_struct_sheet_range.end_label_asym_id 
_struct_sheet_range.end_label_seq_id 
_struct_sheet_range.pdbx_end_PDB_ins_code 
_struct_sheet_range.beg_auth_comp_id 
_struct_sheet_range.beg_auth_asym_id 
_struct_sheet_range.beg_auth_seq_id 
_struct_sheet_range.end_auth_comp_id 
_struct_sheet_range.end_auth_asym_id 
_struct_sheet_range.end_auth_seq_id 
AA1 1 PHE A 3 ? GLN A 6 ? PHE S 3 GLN S 6 
AA1 2 PHE G 3 ? GLN G 6 ? PHE M 3 GLN M 6 
AA1 3 PHE M 3 ? GLN M 6 ? PHE G 3 GLN G 6 
AA1 4 PHE S 3 ? GLN S 6 ? PHE A 3 GLN A 6 
AA2 1 PHE B 3 ? GLN B 6 ? PHE T 3 GLN T 6 
AA2 2 PHE H 3 ? GLN H 6 ? PHE N 3 GLN N 6 
AA2 3 PHE N 3 ? GLN N 6 ? PHE H 3 GLN H 6 
AA2 4 PHE T 3 ? GLN T 6 ? PHE B 3 GLN B 6 
AA3 1 PHE C 3 ? GLN C 6 ? PHE U 3 GLN U 6 
AA3 2 PHE I 3 ? GLN I 6 ? PHE O 3 GLN O 6 
AA3 3 PHE O 3 ? GLN O 6 ? PHE I 3 GLN I 6 
AA3 4 PHE U 3 ? GLN U 6 ? PHE C 3 GLN C 6 
AA4 1 PHE D 3 ? GLN D 6 ? PHE V 3 GLN V 6 
AA4 2 PHE J 3 ? GLN J 6 ? PHE P 3 GLN P 6 
AA4 3 PHE P 3 ? GLN P 6 ? PHE J 3 GLN J 6 
AA4 4 PHE V 3 ? GLN V 6 ? PHE D 3 GLN D 6 
AA5 1 PHE E 3 ? GLN E 6 ? PHE W 3 GLN W 6 
AA5 2 PHE K 3 ? GLN K 6 ? PHE Q 3 GLN Q 6 
AA5 3 PHE Q 3 ? GLN Q 6 ? PHE K 3 GLN K 6 
AA5 4 PHE W 3 ? GLN W 6 ? PHE E 3 GLN E 6 
AA6 1 PHE F 3 ? GLN F 6 ? PHE X 3 GLN X 6 
AA6 2 PHE L 3 ? GLN L 6 ? PHE R 3 GLN R 6 
AA6 3 PHE R 3 ? GLN R 6 ? PHE L 3 GLN L 6 
AA6 4 PHE X 3 ? GLN X 6 ? PHE F 3 GLN F 6 
# 
loop_
_pdbx_struct_sheet_hbond.sheet_id 
_pdbx_struct_sheet_hbond.range_id_1 
_pdbx_struct_sheet_hbond.range_id_2 
_pdbx_struct_sheet_hbond.range_1_label_atom_id 
_pdbx_struct_sheet_hbond.range_1_label_comp_id 
_pdbx_struct_sheet_hbond.range_1_label_asym_id 
_pdbx_struct_sheet_hbond.range_1_label_seq_id 
_pdbx_struct_sheet_hbond.range_1_PDB_ins_code 
_pdbx_struct_sheet_hbond.range_1_auth_atom_id 
_pdbx_struct_sheet_hbond.range_1_auth_comp_id 
_pdbx_struct_sheet_hbond.range_1_auth_asym_id 
_pdbx_struct_sheet_hbond.range_1_auth_seq_id 
_pdbx_struct_sheet_hbond.range_2_label_atom_id 
_pdbx_struct_sheet_hbond.range_2_label_comp_id 
_pdbx_struct_sheet_hbond.range_2_label_asym_id 
_pdbx_struct_sheet_hbond.range_2_label_seq_id 
_pdbx_struct_sheet_hbond.range_2_PDB_ins_code 
_pdbx_struct_sheet_hbond.range_2_auth_atom_id 
_pdbx_struct_sheet_hbond.range_2_auth_comp_id 
_pdbx_struct_sheet_hbond.range_2_auth_asym_id 
_pdbx_struct_sheet_hbond.range_2_auth_seq_id 
AA1 1 2 N GLN A 6 ? N GLN S 6 O PHE G 5 ? O PHE M 5 
AA1 2 3 N GLN G 6 ? N GLN M 6 O PHE M 5 ? O PHE G 5 
AA1 3 4 N GLN M 6 ? N GLN G 6 O PHE S 5 ? O PHE A 5 
AA2 1 2 N LYS B 4 ? N LYS T 4 O PHE H 5 ? O PHE N 5 
AA2 2 3 N LYS H 4 ? N LYS N 4 O PHE N 5 ? O PHE H 5 
AA2 3 4 N LYS N 4 ? N LYS H 4 O PHE T 5 ? O PHE B 5 
AA3 1 2 N LYS C 4 ? N LYS U 4 O PHE I 5 ? O PHE O 5 
AA3 2 3 N LYS I 4 ? N LYS O 4 O PHE O 5 ? O PHE I 5 
AA3 3 4 N LYS O 4 ? N LYS I 4 O PHE U 5 ? O PHE C 5 
AA4 1 2 N GLN D 6 ? N GLN V 6 O PHE J 5 ? O PHE P 5 
AA4 2 3 N GLN J 6 ? N GLN P 6 O PHE P 5 ? O PHE J 5 
AA4 3 4 N GLN P 6 ? N GLN J 6 O PHE V 5 ? O PHE D 5 
AA5 1 2 N LYS E 4 ? N LYS W 4 O PHE K 5 ? O PHE Q 5 
AA5 2 3 N LYS K 4 ? N LYS Q 4 O PHE Q 5 ? O PHE K 5 
AA5 3 4 N LYS Q 4 ? N LYS K 4 O PHE W 5 ? O PHE E 5 
AA6 1 2 N LYS F 4 ? N LYS X 4 O PHE L 5 ? O PHE R 5 
AA6 2 3 N LYS L 4 ? N LYS R 4 O PHE R 5 ? O PHE L 5 
AA6 3 4 N LYS R 4 ? N LYS L 4 O PHE X 5 ? O PHE F 5 
# 
loop_
_pdbx_validate_close_contact.id 
_pdbx_validate_close_contact.PDB_model_num 
_pdbx_validate_close_contact.auth_atom_id_1 
_pdbx_validate_close_contact.auth_asym_id_1 
_pdbx_validate_close_contact.auth_comp_id_1 
_pdbx_validate_close_contact.auth_seq_id_1 
_pdbx_validate_close_contact.PDB_ins_code_1 
_pdbx_validate_close_contact.label_alt_id_1 
_pdbx_validate_close_contact.auth_atom_id_2 
_pdbx_validate_close_contact.auth_asym_id_2 
_pdbx_validate_close_contact.auth_comp_id_2 
_pdbx_validate_close_contact.auth_seq_id_2 
_pdbx_validate_close_contact.PDB_ins_code_2 
_pdbx_validate_close_contact.label_alt_id_2 
_pdbx_validate_close_contact.dist 
1 1 NZ Q LYS 4 ? ? O J PHE 7 ? ? 1.49 
2 1 NZ N LYS 4 ? ? O G PHE 7 ? ? 1.49 
3 1 NZ T LYS 4 ? ? O M PHE 7 ? ? 1.49 
4 1 NZ W LYS 4 ? ? O P PHE 7 ? ? 1.49 
5 1 NZ H LYS 4 ? ? O A PHE 7 ? ? 1.49 
6 1 NZ K LYS 4 ? ? O D PHE 7 ? ? 1.49 
# 
_em_3d_fitting.id                1 
_em_3d_fitting.entry_id          8OKR 
_em_3d_fitting.method            ? 
_em_3d_fitting.target_criteria   'correlation coefficient' 
_em_3d_fitting.details           ? 
_em_3d_fitting.overall_b_value   ? 
_em_3d_fitting.ref_space         REAL 
_em_3d_fitting.ref_protocol      'BACKBONE TRACE' 
# 
_em_3d_reconstruction.entry_id                    8OKR 
_em_3d_reconstruction.id                          1 
_em_3d_reconstruction.method                      ? 
_em_3d_reconstruction.algorithm                   ? 
_em_3d_reconstruction.citation_id                 ? 
_em_3d_reconstruction.details                     ? 
_em_3d_reconstruction.resolution                  2.86 
_em_3d_reconstruction.resolution_method           'FSC 0.143 CUT-OFF' 
_em_3d_reconstruction.magnification_calibration   ? 
_em_3d_reconstruction.nominal_pixel_size          ? 
_em_3d_reconstruction.actual_pixel_size           ? 
_em_3d_reconstruction.num_particles               25550 
_em_3d_reconstruction.euler_angles_details        ? 
_em_3d_reconstruction.num_class_averages          ? 
_em_3d_reconstruction.refinement_type             ? 
_em_3d_reconstruction.image_processing_id         1 
_em_3d_reconstruction.symmetry_type               HELICAL 
# 
_em_buffer.id            1 
_em_buffer.specimen_id   1 
_em_buffer.name          ? 
_em_buffer.details       '50 mM 2-[4-(2-hydroxyethyl)piperazin-1-yl]ethanesulfonic acid' 
_em_buffer.pH            7 
# 
_em_entity_assembly.id                   1 
_em_entity_assembly.parent_id            0 
_em_entity_assembly.source               NATURAL 
_em_entity_assembly.type                 COMPLEX 
_em_entity_assembly.name                 'virus enhancing amyloid' 
_em_entity_assembly.details              ? 
_em_entity_assembly.synonym              ? 
_em_entity_assembly.oligomeric_details   ? 
_em_entity_assembly.entity_id_list       1 
# 
_em_image_scans.entry_id                8OKR 
_em_image_scans.id                      1 
_em_image_scans.number_digital_images   ? 
_em_image_scans.details                 ? 
_em_image_scans.scanner_model           ? 
_em_image_scans.sampling_size           ? 
_em_image_scans.od_range                ? 
_em_image_scans.quant_bit_size          ? 
_em_image_scans.citation_id             ? 
_em_image_scans.dimension_height        ? 
_em_image_scans.dimension_width         ? 
_em_image_scans.frames_per_image        40 
_em_image_scans.image_recording_id      1 
_em_image_scans.used_frames_per_image   ? 
# 
_em_imaging.entry_id                        8OKR 
_em_imaging.id                              1 
_em_imaging.astigmatism                     ? 
_em_imaging.electron_beam_tilt_params       ? 
_em_imaging.residual_tilt                   ? 
_em_imaging.microscope_model                'FEI TITAN KRIOS' 
_em_imaging.specimen_holder_type            ? 
_em_imaging.specimen_holder_model           ? 
_em_imaging.details                         ? 
_em_imaging.date                            ? 
_em_imaging.accelerating_voltage            300 
_em_imaging.illumination_mode               'FLOOD BEAM' 
_em_imaging.mode                            'BRIGHT FIELD' 
_em_imaging.nominal_cs                      2.70 
_em_imaging.nominal_defocus_min             800 
_em_imaging.nominal_defocus_max             2000 
_em_imaging.calibrated_defocus_min          ? 
_em_imaging.calibrated_defocus_max          ? 
_em_imaging.tilt_angle_min                  ? 
_em_imaging.tilt_angle_max                  ? 
_em_imaging.nominal_magnification           ? 
_em_imaging.calibrated_magnification        ? 
_em_imaging.electron_source                 'FIELD EMISSION GUN' 
_em_imaging.citation_id                     ? 
_em_imaging.temperature                     ? 
_em_imaging.detector_distance               ? 
_em_imaging.recording_temperature_minimum   ? 
_em_imaging.recording_temperature_maximum   ? 
_em_imaging.alignment_procedure             ? 
_em_imaging.c2_aperture_diameter            ? 
_em_imaging.specimen_id                     1 
_em_imaging.cryogen                         NITROGEN 
# 
_em_sample_support.id               1 
_em_sample_support.film_material    ? 
_em_sample_support.method           ? 
_em_sample_support.grid_material    COPPER 
_em_sample_support.grid_mesh_size   400 
_em_sample_support.grid_type        C-flat-1.2/1.3 
_em_sample_support.details          ? 
_em_sample_support.specimen_id      1 
_em_sample_support.citation_id      ? 
# 
_em_vitrification.entry_id              8OKR 
_em_vitrification.id                    1 
_em_vitrification.specimen_id           1 
_em_vitrification.cryogen_name          ETHANE 
_em_vitrification.humidity              96 
_em_vitrification.temp                  ? 
_em_vitrification.chamber_temperature   ? 
_em_vitrification.instrument            'FEI VITROBOT MARK III' 
_em_vitrification.method                ? 
_em_vitrification.time_resolved_state   ? 
_em_vitrification.citation_id           ? 
_em_vitrification.details               ? 
# 
_em_experiment.entry_id                8OKR 
_em_experiment.id                      1 
_em_experiment.reconstruction_method   HELICAL 
_em_experiment.aggregation_state       'HELICAL ARRAY' 
_em_experiment.entity_assembly_id      1 
# 
loop_
_chem_comp_atom.comp_id 
_chem_comp_atom.atom_id 
_chem_comp_atom.type_symbol 
_chem_comp_atom.pdbx_aromatic_flag 
_chem_comp_atom.pdbx_stereo_config 
_chem_comp_atom.pdbx_ordinal 
CYS N    N N N 1  
CYS CA   C N R 2  
CYS C    C N N 3  
CYS O    O N N 4  
CYS CB   C N N 5  
CYS SG   S N N 6  
CYS OXT  O N N 7  
CYS H    H N N 8  
CYS H2   H N N 9  
CYS HA   H N N 10 
CYS HB2  H N N 11 
CYS HB3  H N N 12 
CYS HG   H N N 13 
CYS HXT  H N N 14 
GLN N    N N N 15 
GLN CA   C N S 16 
GLN C    C N N 17 
GLN O    O N N 18 
GLN CB   C N N 19 
GLN CG   C N N 20 
GLN CD   C N N 21 
GLN OE1  O N N 22 
GLN NE2  N N N 23 
GLN OXT  O N N 24 
GLN H    H N N 25 
GLN H2   H N N 26 
GLN HA   H N N 27 
GLN HB2  H N N 28 
GLN HB3  H N N 29 
GLN HG2  H N N 30 
GLN HG3  H N N 31 
GLN HE21 H N N 32 
GLN HE22 H N N 33 
GLN HXT  H N N 34 
LYS N    N N N 35 
LYS CA   C N S 36 
LYS C    C N N 37 
LYS O    O N N 38 
LYS CB   C N N 39 
LYS CG   C N N 40 
LYS CD   C N N 41 
LYS CE   C N N 42 
LYS NZ   N N N 43 
LYS OXT  O N N 44 
LYS H    H N N 45 
LYS H2   H N N 46 
LYS HA   H N N 47 
LYS HB2  H N N 48 
LYS HB3  H N N 49 
LYS HG2  H N N 50 
LYS HG3  H N N 51 
LYS HD2  H N N 52 
LYS HD3  H N N 53 
LYS HE2  H N N 54 
LYS HE3  H N N 55 
LYS HZ1  H N N 56 
LYS HZ2  H N N 57 
LYS HZ3  H N N 58 
LYS HXT  H N N 59 
PHE N    N N N 60 
PHE CA   C N S 61 
PHE C    C N N 62 
PHE O    O N N 63 
PHE CB   C N N 64 
PHE CG   C Y N 65 
PHE CD1  C Y N 66 
PHE CD2  C Y N 67 
PHE CE1  C Y N 68 
PHE CE2  C Y N 69 
PHE CZ   C Y N 70 
PHE OXT  O N N 71 
PHE H    H N N 72 
PHE H2   H N N 73 
PHE HA   H N N 74 
PHE HB2  H N N 75 
PHE HB3  H N N 76 
PHE HD1  H N N 77 
PHE HD2  H N N 78 
PHE HE1  H N N 79 
PHE HE2  H N N 80 
PHE HZ   H N N 81 
PHE HXT  H N N 82 
# 
loop_
_chem_comp_bond.comp_id 
_chem_comp_bond.atom_id_1 
_chem_comp_bond.atom_id_2 
_chem_comp_bond.value_order 
_chem_comp_bond.pdbx_aromatic_flag 
_chem_comp_bond.pdbx_stereo_config 
_chem_comp_bond.pdbx_ordinal 
CYS N   CA   sing N N 1  
CYS N   H    sing N N 2  
CYS N   H2   sing N N 3  
CYS CA  C    sing N N 4  
CYS CA  CB   sing N N 5  
CYS CA  HA   sing N N 6  
CYS C   O    doub N N 7  
CYS C   OXT  sing N N 8  
CYS CB  SG   sing N N 9  
CYS CB  HB2  sing N N 10 
CYS CB  HB3  sing N N 11 
CYS SG  HG   sing N N 12 
CYS OXT HXT  sing N N 13 
GLN N   CA   sing N N 14 
GLN N   H    sing N N 15 
GLN N   H2   sing N N 16 
GLN CA  C    sing N N 17 
GLN CA  CB   sing N N 18 
GLN CA  HA   sing N N 19 
GLN C   O    doub N N 20 
GLN C   OXT  sing N N 21 
GLN CB  CG   sing N N 22 
GLN CB  HB2  sing N N 23 
GLN CB  HB3  sing N N 24 
GLN CG  CD   sing N N 25 
GLN CG  HG2  sing N N 26 
GLN CG  HG3  sing N N 27 
GLN CD  OE1  doub N N 28 
GLN CD  NE2  sing N N 29 
GLN NE2 HE21 sing N N 30 
GLN NE2 HE22 sing N N 31 
GLN OXT HXT  sing N N 32 
LYS N   CA   sing N N 33 
LYS N   H    sing N N 34 
LYS N   H2   sing N N 35 
LYS CA  C    sing N N 36 
LYS CA  CB   sing N N 37 
LYS CA  HA   sing N N 38 
LYS C   O    doub N N 39 
LYS C   OXT  sing N N 40 
LYS CB  CG   sing N N 41 
LYS CB  HB2  sing N N 42 
LYS CB  HB3  sing N N 43 
LYS CG  CD   sing N N 44 
LYS CG  HG2  sing N N 45 
LYS CG  HG3  sing N N 46 
LYS CD  CE   sing N N 47 
LYS CD  HD2  sing N N 48 
LYS CD  HD3  sing N N 49 
LYS CE  NZ   sing N N 50 
LYS CE  HE2  sing N N 51 
LYS CE  HE3  sing N N 52 
LYS NZ  HZ1  sing N N 53 
LYS NZ  HZ2  sing N N 54 
LYS NZ  HZ3  sing N N 55 
LYS OXT HXT  sing N N 56 
PHE N   CA   sing N N 57 
PHE N   H    sing N N 58 
PHE N   H2   sing N N 59 
PHE CA  C    sing N N 60 
PHE CA  CB   sing N N 61 
PHE CA  HA   sing N N 62 
PHE C   O    doub N N 63 
PHE C   OXT  sing N N 64 
PHE CB  CG   sing N N 65 
PHE CB  HB2  sing N N 66 
PHE CB  HB3  sing N N 67 
PHE CG  CD1  doub Y N 68 
PHE CG  CD2  sing Y N 69 
PHE CD1 CE1  sing Y N 70 
PHE CD1 HD1  sing N N 71 
PHE CD2 CE2  doub Y N 72 
PHE CD2 HD2  sing N N 73 
PHE CE1 CZ   doub Y N 74 
PHE CE1 HE1  sing N N 75 
PHE CE2 CZ   sing Y N 76 
PHE CE2 HE2  sing N N 77 
PHE CZ  HZ   sing N N 78 
PHE OXT HXT  sing N N 79 
# 
_em_admin.current_status     REL 
_em_admin.deposition_date    2023-03-29 
_em_admin.deposition_site    PDBE 
_em_admin.entry_id           8OKR 
_em_admin.last_update        2024-07-24 
_em_admin.map_release_date   2023-08-02 
_em_admin.title              'virus enhancing amyloid fibril formed by CKFKFQF' 
# 
_em_buffer_component.buffer_id             1 
_em_buffer_component.concentration         50 
_em_buffer_component.concentration_units   mM 
_em_buffer_component.formula               C8H18N2O4S 
_em_buffer_component.id                    1 
_em_buffer_component.name                  '2-[4-(2-hydroxyethyl)piperazin-1-yl]ethanesulfonic acid' 
# 
_em_ctf_correction.details                  ? 
_em_ctf_correction.em_image_processing_id   1 
_em_ctf_correction.id                       1 
_em_ctf_correction.type                     'PHASE FLIPPING AND AMPLITUDE CORRECTION' 
# 
_em_entity_assembly_molwt.entity_assembly_id   1 
_em_entity_assembly_molwt.experimental_flag    NO 
_em_entity_assembly_molwt.id                   1 
_em_entity_assembly_molwt.units                ? 
_em_entity_assembly_molwt.value                ? 
# 
_em_entity_assembly_naturalsource.cell                 ? 
_em_entity_assembly_naturalsource.cellular_location    ? 
_em_entity_assembly_naturalsource.entity_assembly_id   1 
_em_entity_assembly_naturalsource.id                   2 
_em_entity_assembly_naturalsource.ncbi_tax_id          32630 
_em_entity_assembly_naturalsource.organism             'synthetic construct' 
_em_entity_assembly_naturalsource.organelle            ? 
_em_entity_assembly_naturalsource.organ                ? 
_em_entity_assembly_naturalsource.strain               ? 
_em_entity_assembly_naturalsource.tissue               ? 
# 
_em_entity_assembly_recombinant.cell                 ? 
_em_entity_assembly_recombinant.entity_assembly_id   1 
_em_entity_assembly_recombinant.id                   2 
_em_entity_assembly_recombinant.ncbi_tax_id          562 
_em_entity_assembly_recombinant.organism             'Escherichia coli' 
_em_entity_assembly_recombinant.plasmid              ? 
_em_entity_assembly_recombinant.strain               ? 
# 
_em_helical_entity.id                             1 
_em_helical_entity.image_processing_id            1 
_em_helical_entity.details                        ? 
_em_helical_entity.axial_symmetry                 C2 
_em_helical_entity.angular_rotation_per_subunit   -2.61 
_em_helical_entity.axial_rise_per_subunit         4.8 
# 
_em_image_processing.details              ? 
_em_image_processing.id                   1 
_em_image_processing.image_recording_id   1 
# 
_em_image_recording.average_exposure_time               8 
_em_image_recording.avg_electron_dose_per_subtomogram   ? 
_em_image_recording.avg_electron_dose_per_image         45 
_em_image_recording.details                             ? 
_em_image_recording.detector_mode                       COUNTING 
_em_image_recording.film_or_detector_model              'GATAN K2 SUMMIT (4k x 4k)' 
_em_image_recording.id                                  1 
_em_image_recording.imaging_id                          1 
_em_image_recording.num_diffraction_images              ? 
_em_image_recording.num_grids_imaged                    ? 
_em_image_recording.num_real_images                     ? 
# 
_em_particle_selection.details                  ? 
_em_particle_selection.id                       1 
_em_particle_selection.image_processing_id      1 
_em_particle_selection.method                   ? 
_em_particle_selection.num_particles_selected   356134 
_em_particle_selection.reference_model          ? 
# 
loop_
_em_software.category 
_em_software.details 
_em_software.id 
_em_software.image_processing_id 
_em_software.fitting_id 
_em_software.imaging_id 
_em_software.name 
_em_software.version 
'PARTICLE SELECTION'       ? 1  1 ? ? ?        ?         
'IMAGE ACQUISITION'        ? 2  ? ? 1 SerialEM ?         
MASKING                    ? 3  ? ? ? ?        ?         
'CTF CORRECTION'           ? 4  1 ? ? Gctf     ?         
'LAYERLINE INDEXING'       ? 5  ? ? ? ?        ?         
'DIFFRACTION INDEXING'     ? 6  ? ? ? ?        ?         
'MODEL FITTING'            ? 7  ? 1 ? Coot     0.8.9     
OTHER                      ? 8  ? ? ? ?        ?         
'MODEL REFINEMENT'         ? 9  ? 1 ? PHENIX   1.16-3549 
'INITIAL EULER ASSIGNMENT' ? 10 1 ? ? ?        ?         
'FINAL EULER ASSIGNMENT'   ? 11 1 ? ? ?        ?         
CLASSIFICATION             ? 12 1 ? ? RELION   3.0.4     
RECONSTRUCTION             ? 13 1 ? ? RELION   3.1       
# 
_em_specimen.concentration           0.3 
_em_specimen.details                 ? 
_em_specimen.embedding_applied       NO 
_em_specimen.experiment_id           1 
_em_specimen.id                      1 
_em_specimen.shadowing_applied       NO 
_em_specimen.staining_applied        NO 
_em_specimen.vitrification_applied   YES 
# 
_pdbx_audit_support.funding_organization   'German Research Foundation (DFG)' 
_pdbx_audit_support.country                Germany 
_pdbx_audit_support.grant_number           'CRC 1279/2 project A03' 
_pdbx_audit_support.ordinal                1 
# 
_atom_sites.entry_id                    8OKR 
_atom_sites.Cartn_transf_matrix[1][1]   ? 
_atom_sites.Cartn_transf_matrix[1][2]   ? 
_atom_sites.Cartn_transf_matrix[1][3]   ? 
_atom_sites.Cartn_transf_matrix[2][1]   ? 
_atom_sites.Cartn_transf_matrix[2][2]   ? 
_atom_sites.Cartn_transf_matrix[2][3]   ? 
_atom_sites.Cartn_transf_matrix[3][1]   ? 
_atom_sites.Cartn_transf_matrix[3][2]   ? 
_atom_sites.Cartn_transf_matrix[3][3]   ? 
_atom_sites.Cartn_transf_vector[1]      ? 
_atom_sites.Cartn_transf_vector[2]      ? 
_atom_sites.Cartn_transf_vector[3]      ? 
_atom_sites.fract_transf_matrix[1][1]   1.000000 
_atom_sites.fract_transf_matrix[1][2]   0.000000 
_atom_sites.fract_transf_matrix[1][3]   0.000000 
_atom_sites.fract_transf_matrix[2][1]   0.000000 
_atom_sites.fract_transf_matrix[2][2]   1.000000 
_atom_sites.fract_transf_matrix[2][3]   0.000000 
_atom_sites.fract_transf_matrix[3][1]   0.000000 
_atom_sites.fract_transf_matrix[3][2]   0.000000 
_atom_sites.fract_transf_matrix[3][3]   1.000000 
_atom_sites.fract_transf_vector[1]      0.00000 
_atom_sites.fract_transf_vector[2]      0.00000 
_atom_sites.fract_transf_vector[3]      0.00000 
_atom_sites.solution_primary            ? 
_atom_sites.solution_secondary          ? 
_atom_sites.solution_hydrogens          ? 
_atom_sites.special_details             ? 
# 
loop_
_atom_type.symbol 
C 
N 
O 
S 
# 
loop_
_atom_site.group_PDB 
_atom_site.id 
_atom_site.type_symbol 
_atom_site.label_atom_id 
_atom_site.label_alt_id 
_atom_site.label_comp_id 
_atom_site.label_asym_id 
_atom_site.label_entity_id 
_atom_site.label_seq_id 
_atom_site.pdbx_PDB_ins_code 
_atom_site.Cartn_x 
_atom_site.Cartn_y 
_atom_site.Cartn_z 
_atom_site.occupancy 
_atom_site.B_iso_or_equiv 
_atom_site.pdbx_formal_charge 
_atom_site.auth_seq_id 
_atom_site.auth_comp_id 
_atom_site.auth_asym_id 
_atom_site.auth_atom_id 
_atom_site.pdbx_PDB_model_num 
ATOM 1    N N   . CYS A 1 1 ? -3.594  16.018  4.948   1.00 30.00 ? 1 CYS S N   1 
ATOM 2    C CA  . CYS A 1 1 ? -3.920  15.384  3.676   1.00 30.00 ? 1 CYS S CA  1 
ATOM 3    C C   . CYS A 1 1 ? -4.518  13.998  3.887   1.00 30.00 ? 1 CYS S C   1 
ATOM 4    O O   . CYS A 1 1 ? -4.627  13.523  5.018   1.00 30.00 ? 1 CYS S O   1 
ATOM 5    C CB  . CYS A 1 1 ? -2.676  15.288  2.789   1.00 30.00 ? 1 CYS S CB  1 
ATOM 6    S SG  . CYS A 1 1 ? -1.906  16.879  2.408   1.00 30.00 ? 1 CYS S SG  1 
ATOM 7    N N   . LYS A 1 2 ? -4.919  13.361  2.793   1.00 30.00 ? 2 LYS S N   1 
ATOM 8    C CA  . LYS A 1 2 ? -5.495  12.025  2.845   1.00 30.00 ? 2 LYS S CA  1 
ATOM 9    C C   . LYS A 1 2 ? -4.498  11.050  2.187   1.00 30.00 ? 2 LYS S C   1 
ATOM 10   O O   . LYS A 1 2 ? -4.335  9.922   2.648   1.00 30.00 ? 2 LYS S O   1 
ATOM 11   C CB  . LYS A 1 2 ? -6.843  12.030  2.122   1.00 0.00  ? 2 LYS S CB  1 
ATOM 12   C CG  . LYS A 1 2 ? -7.600  10.717  2.211   1.00 0.00  ? 2 LYS S CG  1 
ATOM 13   C CD  . LYS A 1 2 ? -8.814  10.840  3.118   1.00 0.00  ? 2 LYS S CD  1 
ATOM 14   C CE  . LYS A 1 2 ? -9.635  9.561   3.117   1.00 0.00  ? 2 LYS S CE  1 
ATOM 15   N NZ  . LYS A 1 2 ? -10.968 9.755   2.483   1.00 0.00  ? 2 LYS S NZ  1 
ATOM 16   N N   . PHE A 1 3 ? -3.810  11.506  1.143   1.00 30.00 ? 3 PHE S N   1 
ATOM 17   C CA  . PHE A 1 3 ? -2.847  10.662  0.438   1.00 30.00 ? 3 PHE S CA  1 
ATOM 18   C C   . PHE A 1 3 ? -1.533  11.363  0.078   1.00 30.00 ? 3 PHE S C   1 
ATOM 19   O O   . PHE A 1 3 ? -1.545  12.462  -0.469  1.00 30.00 ? 3 PHE S O   1 
ATOM 20   C CB  . PHE A 1 3 ? -3.445  10.178  -0.886  1.00 0.00  ? 3 PHE S CB  1 
ATOM 21   C CG  . PHE A 1 3 ? -4.527  9.148   -0.727  1.00 0.00  ? 3 PHE S CG  1 
ATOM 22   C CD1 . PHE A 1 3 ? -5.669  9.431   -0.001  1.00 0.00  ? 3 PHE S CD1 1 
ATOM 23   C CD2 . PHE A 1 3 ? -4.419  7.913   -1.339  1.00 0.00  ? 3 PHE S CD2 1 
ATOM 24   C CE1 . PHE A 1 3 ? -6.674  8.491   0.135   1.00 0.00  ? 3 PHE S CE1 1 
ATOM 25   C CE2 . PHE A 1 3 ? -5.421  6.970   -1.209  1.00 0.00  ? 3 PHE S CE2 1 
ATOM 26   C CZ  . PHE A 1 3 ? -6.549  7.259   -0.471  1.00 0.00  ? 3 PHE S CZ  1 
ATOM 27   N N   . LYS A 1 4 ? -0.407  10.725  0.387   1.00 30.00 ? 4 LYS S N   1 
ATOM 28   C CA  . LYS A 1 4 ? 0.903   11.237  0.018   1.00 30.00 ? 4 LYS S CA  1 
ATOM 29   C C   . LYS A 1 4 ? 1.659   10.041  -0.536  1.00 30.00 ? 4 LYS S C   1 
ATOM 30   O O   . LYS A 1 4 ? 2.053   9.144   0.209   1.00 30.00 ? 4 LYS S O   1 
ATOM 31   C CB  . LYS A 1 4 ? 1.563   11.808  1.270   1.00 30.00 ? 4 LYS S CB  1 
ATOM 32   C CG  . LYS A 1 4 ? 0.900   13.071  1.797   1.00 30.00 ? 4 LYS S CG  1 
ATOM 33   C CD  . LYS A 1 4 ? 1.510   13.503  3.121   1.00 30.00 ? 4 LYS S CD  1 
ATOM 34   C CE  . LYS A 1 4 ? 2.963   13.908  2.952   1.00 30.00 ? 4 LYS S CE  1 
ATOM 35   N NZ  . LYS A 1 4 ? 3.499   14.439  4.234   1.00 30.00 ? 4 LYS S NZ  1 
ATOM 36   N N   . PHE A 1 5 ? 1.793   10.008  -1.857  1.00 30.00 ? 5 PHE S N   1 
ATOM 37   C CA  . PHE A 1 5 ? 2.471   8.922   -2.546  1.00 30.00 ? 5 PHE S CA  1 
ATOM 38   C C   . PHE A 1 5 ? 3.735   9.464   -3.198  1.00 30.00 ? 5 PHE S C   1 
ATOM 39   O O   . PHE A 1 5 ? 3.655   10.337  -4.057  1.00 30.00 ? 5 PHE S O   1 
ATOM 40   C CB  . PHE A 1 5 ? 1.597   8.332   -3.653  1.00 0.00  ? 5 PHE S CB  1 
ATOM 41   C CG  . PHE A 1 5 ? 0.382   7.577   -3.171  1.00 0.00  ? 5 PHE S CG  1 
ATOM 42   C CD1 . PHE A 1 5 ? -0.199  7.900   -1.940  1.00 0.00  ? 5 PHE S CD1 1 
ATOM 43   C CD2 . PHE A 1 5 ? -0.165  6.555   -3.955  1.00 0.00  ? 5 PHE S CD2 1 
ATOM 44   C CE1 . PHE A 1 5 ? -1.328  7.200   -1.492  1.00 0.00  ? 5 PHE S CE1 1 
ATOM 45   C CE2 . PHE A 1 5 ? -1.291  5.855   -3.509  1.00 0.00  ? 5 PHE S CE2 1 
ATOM 46   C CZ  . PHE A 1 5 ? -1.872  6.177   -2.278  1.00 0.00  ? 5 PHE S CZ  1 
ATOM 47   N N   . GLN A 1 6 ? 4.897   8.960   -2.806  1.00 30.00 ? 6 GLN S N   1 
ATOM 48   C CA  . GLN A 1 6 ? 6.143   9.415   -3.411  1.00 30.00 ? 6 GLN S CA  1 
ATOM 49   C C   . GLN A 1 6 ? 6.519   8.189   -4.230  1.00 30.00 ? 6 GLN S C   1 
ATOM 50   O O   . GLN A 1 6 ? 6.873   7.151   -3.679  1.00 30.00 ? 6 GLN S O   1 
ATOM 51   C CB  . GLN A 1 6 ? 7.147   9.837   -2.342  1.00 30.00 ? 6 GLN S CB  1 
ATOM 52   C CG  . GLN A 1 6 ? 8.437   10.403  -2.909  1.00 30.00 ? 6 GLN S CG  1 
ATOM 53   C CD  . GLN A 1 6 ? 9.056   11.451  -2.008  1.00 30.00 ? 6 GLN S CD  1 
ATOM 54   O OE1 . GLN A 1 6 ? 9.015   11.336  -0.786  1.00 30.00 ? 6 GLN S OE1 1 
ATOM 55   N NE2 . GLN A 1 6 ? 9.637   12.479  -2.612  1.00 30.00 ? 6 GLN S NE2 1 
ATOM 56   N N   . PHE A 1 7 ? 6.435   8.318   -5.550  1.00 30.00 ? 7 PHE S N   1 
ATOM 57   C CA  . PHE A 1 7 ? 6.763   7.222   -6.451  1.00 30.00 ? 7 PHE S CA  1 
ATOM 58   C C   . PHE A 1 7 ? 8.220   7.456   -6.842  1.00 30.00 ? 7 PHE S C   1 
ATOM 59   O O   . PHE A 1 7 ? 8.665   8.595   -6.977  1.00 30.00 ? 7 PHE S O   1 
ATOM 60   C CB  . PHE A 1 7 ? 5.882   7.191   -7.702  1.00 30.00 ? 7 PHE S CB  1 
ATOM 61   C CG  . PHE A 1 7 ? 4.425   6.969   -7.412  1.00 30.00 ? 7 PHE S CG  1 
ATOM 62   C CD1 . PHE A 1 7 ? 3.607   8.027   -7.052  1.00 30.00 ? 7 PHE S CD1 1 
ATOM 63   C CD2 . PHE A 1 7 ? 3.872   5.703   -7.498  1.00 30.00 ? 7 PHE S CD2 1 
ATOM 64   C CE1 . PHE A 1 7 ? 2.267   7.828   -6.782  1.00 30.00 ? 7 PHE S CE1 1 
ATOM 65   C CE2 . PHE A 1 7 ? 2.532   5.494   -7.231  1.00 30.00 ? 7 PHE S CE2 1 
ATOM 66   C CZ  . PHE A 1 7 ? 1.728   6.559   -6.873  1.00 30.00 ? 7 PHE S CZ  1 
ATOM 67   O OXT . PHE A 1 7 ? 8.984   6.510   -7.032  1.00 0.00  ? 7 PHE S OXT 1 
ATOM 68   N N   . CYS B 1 1 ? 15.911  7.392   -9.913  1.00 30.00 ? 1 CYS T N   1 
ATOM 69   C CA  . CYS B 1 1 ? 15.775  8.298   -8.780  1.00 30.00 ? 1 CYS T CA  1 
ATOM 70   C C   . CYS B 1 1 ? 16.973  8.174   -7.863  1.00 30.00 ? 1 CYS T C   1 
ATOM 71   O O   . CYS B 1 1 ? 17.588  7.120   -7.857  1.00 30.00 ? 1 CYS T O   1 
ATOM 72   C CB  . CYS B 1 1 ? 14.490  7.994   -8.010  1.00 30.00 ? 1 CYS T CB  1 
ATOM 73   S SG  . CYS B 1 1 ? 12.982  8.221   -8.982  1.00 30.00 ? 1 CYS T SG  1 
ATOM 74   N N   . LYS B 1 2 ? 17.438  9.235   -7.171  1.00 30.00 ? 2 LYS T N   1 
ATOM 75   C CA  . LYS B 1 2 ? 18.468  9.022   -6.162  1.00 30.00 ? 2 LYS T CA  1 
ATOM 76   C C   . LYS B 1 2 ? 18.034  9.273   -4.716  1.00 30.00 ? 2 LYS T C   1 
ATOM 77   O O   . LYS B 1 2 ? 18.315  8.456   -3.845  1.00 30.00 ? 2 LYS T O   1 
ATOM 78   C CB  . LYS B 1 2 ? 19.706  9.883   -6.445  1.00 0.00  ? 2 LYS T CB  1 
ATOM 79   C CG  . LYS B 1 2 ? 20.929  9.493   -5.633  1.00 0.00  ? 2 LYS T CG  1 
ATOM 80   C CD  . LYS B 1 2 ? 22.191  10.117  -6.202  1.00 0.00  ? 2 LYS T CD  1 
ATOM 81   C CE  . LYS B 1 2 ? 23.381  9.185   -6.060  1.00 0.00  ? 2 LYS T CE  1 
ATOM 82   N NZ  . LYS B 1 2 ? 24.675  9.909   -6.214  1.00 0.00  ? 2 LYS T NZ  1 
ATOM 83   N N   . PHE B 1 3 ? 17.355  10.392  -4.448  1.00 30.00 ? 3 PHE T N   1 
ATOM 84   C CA  . PHE B 1 3 ? 16.940  10.641  -3.081  1.00 30.00 ? 3 PHE T CA  1 
ATOM 85   C C   . PHE B 1 3 ? 15.423  10.816  -3.109  1.00 30.00 ? 3 PHE T C   1 
ATOM 86   O O   . PHE B 1 3 ? 14.880  11.462  -4.005  1.00 30.00 ? 3 PHE T O   1 
ATOM 87   C CB  . PHE B 1 3 ? 17.600  11.895  -2.508  1.00 0.00  ? 3 PHE T CB  1 
ATOM 88   C CG  . PHE B 1 3 ? 19.053  11.715  -2.166  1.00 0.00  ? 3 PHE T CG  1 
ATOM 89   C CD1 . PHE B 1 3 ? 20.018  11.731  -3.159  1.00 0.00  ? 3 PHE T CD1 1 
ATOM 90   C CD2 . PHE B 1 3 ? 19.451  11.528  -0.853  1.00 0.00  ? 3 PHE T CD2 1 
ATOM 91   C CE1 . PHE B 1 3 ? 21.355  11.566  -2.848  1.00 0.00  ? 3 PHE T CE1 1 
ATOM 92   C CE2 . PHE B 1 3 ? 20.785  11.361  -0.536  1.00 0.00  ? 3 PHE T CE2 1 
ATOM 93   C CZ  . PHE B 1 3 ? 21.739  11.380  -1.534  1.00 0.00  ? 3 PHE T CZ  1 
ATOM 94   N N   . LYS B 1 4 ? 14.753  10.224  -2.127  1.00 30.00 ? 4 LYS T N   1 
ATOM 95   C CA  . LYS B 1 4 ? 13.305  10.305  -2.021  1.00 30.00 ? 4 LYS T CA  1 
ATOM 96   C C   . LYS B 1 4 ? 13.066  10.558  -0.542  1.00 30.00 ? 4 LYS T C   1 
ATOM 97   O O   . LYS B 1 4 ? 13.230  9.667   0.287   1.00 30.00 ? 4 LYS T O   1 
ATOM 98   C CB  . LYS B 1 4 ? 12.656  9.026   -2.549  1.00 30.00 ? 4 LYS T CB  1 
ATOM 99   C CG  . LYS B 1 4 ? 12.836  8.819   -4.044  1.00 30.00 ? 4 LYS T CG  1 
ATOM 100  C CD  . LYS B 1 4 ? 12.258  7.489   -4.492  1.00 30.00 ? 4 LYS T CD  1 
ATOM 101  C CE  . LYS B 1 4 ? 10.750  7.469   -4.348  1.00 30.00 ? 4 LYS T CE  1 
ATOM 102  N NZ  . LYS B 1 4 ? 10.197  6.108   -4.578  1.00 30.00 ? 4 LYS T NZ  1 
ATOM 103  N N   . PHE B 1 5 ? 12.674  11.782  -0.221  1.00 30.00 ? 5 PHE T N   1 
ATOM 104  C CA  . PHE B 1 5 ? 12.422  12.189  1.147   1.00 30.00 ? 5 PHE T CA  1 
ATOM 105  C C   . PHE B 1 5 ? 10.939  12.488  1.199   1.00 30.00 ? 5 PHE T C   1 
ATOM 106  O O   . PHE B 1 5 ? 10.421  13.200  0.344   1.00 30.00 ? 5 PHE T O   1 
ATOM 107  C CB  . PHE B 1 5 ? 13.183  13.452  1.537   1.00 0.00  ? 5 PHE T CB  1 
ATOM 108  C CG  . PHE B 1 5 ? 14.659  13.264  1.785   1.00 0.00  ? 5 PHE T CG  1 
ATOM 109  C CD1 . PHE B 1 5 ? 15.512  12.938  0.724   1.00 0.00  ? 5 PHE T CD1 1 
ATOM 110  C CD2 . PHE B 1 5 ? 15.177  13.420  3.077   1.00 0.00  ? 5 PHE T CD2 1 
ATOM 111  C CE1 . PHE B 1 5 ? 16.881  12.764  0.954   1.00 0.00  ? 5 PHE T CE1 1 
ATOM 112  C CE2 . PHE B 1 5 ? 16.548  13.246  3.306   1.00 0.00  ? 5 PHE T CE2 1 
ATOM 113  C CZ  . PHE B 1 5 ? 17.399  12.919  2.245   1.00 0.00  ? 5 PHE T CZ  1 
ATOM 114  N N   . GLN B 1 6 ? 10.259  11.921  2.187   1.00 30.00 ? 6 GLN T N   1 
ATOM 115  C CA  . GLN B 1 6 ? 8.828   12.134  2.367   1.00 30.00 ? 6 GLN T CA  1 
ATOM 116  C C   . GLN B 1 6 ? 8.606   12.618  3.789   1.00 30.00 ? 6 GLN T C   1 
ATOM 117  O O   . GLN B 1 6 ? 8.916   11.910  4.747   1.00 30.00 ? 6 GLN T O   1 
ATOM 118  C CB  . GLN B 1 6 ? 8.052   10.838  2.119   1.00 30.00 ? 6 GLN T CB  1 
ATOM 119  C CG  . GLN B 1 6 ? 6.587   10.906  2.520   1.00 30.00 ? 6 GLN T CG  1 
ATOM 120  C CD  . GLN B 1 6 ? 5.685   10.180  1.542   1.00 30.00 ? 6 GLN T CD  1 
ATOM 121  O OE1 . GLN B 1 6 ? 6.113   9.254   0.853   1.00 30.00 ? 6 GLN T OE1 1 
ATOM 122  N NE2 . GLN B 1 6 ? 4.426   10.601  1.478   1.00 30.00 ? 6 GLN T NE2 1 
ATOM 123  N N   . PHE B 1 7 ? 8.070   13.825  3.935   1.00 30.00 ? 7 PHE T N   1 
ATOM 124  C CA  . PHE B 1 7 ? 7.860   14.375  5.269   1.00 30.00 ? 7 PHE T CA  1 
ATOM 125  C C   . PHE B 1 7 ? 6.374   14.462  5.599   1.00 30.00 ? 7 PHE T C   1 
ATOM 126  O O   . PHE B 1 7 ? 5.688   15.400  5.193   1.00 30.00 ? 7 PHE T O   1 
ATOM 127  C CB  . PHE B 1 7 ? 8.508   15.755  5.387   1.00 30.00 ? 7 PHE T CB  1 
ATOM 128  C CG  . PHE B 1 7 ? 9.941   15.792  4.937   1.00 30.00 ? 7 PHE T CG  1 
ATOM 129  C CD1 . PHE B 1 7 ? 10.967  15.512  5.824   1.00 30.00 ? 7 PHE T CD1 1 
ATOM 130  C CD2 . PHE B 1 7 ? 10.262  16.107  3.627   1.00 30.00 ? 7 PHE T CD2 1 
ATOM 131  C CE1 . PHE B 1 7 ? 12.286  15.545  5.414   1.00 30.00 ? 7 PHE T CE1 1 
ATOM 132  C CE2 . PHE B 1 7 ? 11.579  16.143  3.210   1.00 30.00 ? 7 PHE T CE2 1 
ATOM 133  C CZ  . PHE B 1 7 ? 12.592  15.861  4.104   1.00 30.00 ? 7 PHE T CZ  1 
ATOM 134  O OXT . PHE B 1 7 ? 5.823   13.596  6.279   1.00 0.00  ? 7 PHE T OXT 1 
ATOM 135  N N   . CYS C 1 1 ? 18.777  24.388  12.146  1.00 30.00 ? 1 CYS U N   1 
ATOM 136  C CA  . CYS C 1 1 ? 18.606  23.576  13.346  1.00 30.00 ? 1 CYS U CA  1 
ATOM 137  C C   . CYS C 1 1 ? 17.932  22.248  13.019  1.00 30.00 ? 1 CYS U C   1 
ATOM 138  O O   . CYS C 1 1 ? 18.465  21.179  13.322  1.00 30.00 ? 1 CYS U O   1 
ATOM 139  C CB  . CYS C 1 1 ? 17.791  24.335  14.395  1.00 30.00 ? 1 CYS U CB  1 
ATOM 140  S SG  . CYS C 1 1 ? 18.025  23.749  16.089  1.00 30.00 ? 1 CYS U SG  1 
ATOM 141  N N   . LYS C 1 2 ? 16.777  22.320  12.369  1.00 30.00 ? 2 LYS U N   1 
ATOM 142  C CA  . LYS C 1 2 ? 15.994  21.130  12.040  1.00 30.00 ? 2 LYS U CA  1 
ATOM 143  C C   . LYS C 1 2 ? 16.543  20.294  10.877  1.00 30.00 ? 2 LYS U C   1 
ATOM 144  O O   . LYS C 1 2 ? 16.826  19.105  11.037  1.00 30.00 ? 2 LYS U O   1 
ATOM 145  C CB  . LYS C 1 2 ? 14.539  21.410  11.652  1.00 0.00  ? 2 LYS U CB  1 
ATOM 146  C CG  . LYS C 1 2 ? 13.548  21.252  12.795  1.00 0.00  ? 2 LYS U CG  1 
ATOM 147  C CD  . LYS C 1 2 ? 13.548  19.830  13.332  1.00 0.00  ? 2 LYS U CD  1 
ATOM 148  C CE  . LYS C 1 2 ? 12.142  19.259  13.386  1.00 0.00  ? 2 LYS U CE  1 
ATOM 149  N NZ  . LYS C 1 2 ? 12.000  18.228  14.451  1.00 0.00  ? 2 LYS U NZ  1 
ATOM 150  N N   . PHE C 1 3 ? 16.634  20.917  9.711   1.00 30.00 ? 3 PHE U N   1 
ATOM 151  C CA  . PHE C 1 3 ? 17.135  20.260  8.514   1.00 30.00 ? 3 PHE U CA  1 
ATOM 152  C C   . PHE C 1 3 ? 18.039  21.205  7.742   1.00 30.00 ? 3 PHE U C   1 
ATOM 153  O O   . PHE C 1 3 ? 17.686  22.356  7.492   1.00 30.00 ? 3 PHE U O   1 
ATOM 154  C CB  . PHE C 1 3 ? 15.975  19.787  7.640   1.00 0.00  ? 3 PHE U CB  1 
ATOM 155  C CG  . PHE C 1 3 ? 15.185  18.661  8.241   1.00 0.00  ? 3 PHE U CG  1 
ATOM 156  C CD1 . PHE C 1 3 ? 14.114  18.918  9.082   1.00 0.00  ? 3 PHE U CD1 1 
ATOM 157  C CD2 . PHE C 1 3 ? 15.511  17.345  7.966   1.00 0.00  ? 3 PHE U CD2 1 
ATOM 158  C CE1 . PHE C 1 3 ? 13.387  17.886  9.638   1.00 0.00  ? 3 PHE U CE1 1 
ATOM 159  C CE2 . PHE C 1 3 ? 14.786  16.306  8.518   1.00 0.00  ? 3 PHE U CE2 1 
ATOM 160  C CZ  . PHE C 1 3 ? 13.722  16.577  9.355   1.00 0.00  ? 3 PHE U CZ  1 
ATOM 161  N N   . LYS C 1 4 ? 19.207  20.709  7.368   1.00 30.00 ? 4 LYS U N   1 
ATOM 162  C CA  . LYS C 1 4 ? 20.189  21.496  6.657   1.00 30.00 ? 4 LYS U CA  1 
ATOM 163  C C   . LYS C 1 4 ? 20.609  20.573  5.529   1.00 30.00 ? 4 LYS U C   1 
ATOM 164  O O   . LYS C 1 4 ? 21.194  19.513  5.753   1.00 30.00 ? 4 LYS U O   1 
ATOM 165  C CB  . LYS C 1 4 ? 21.378  21.823  7.557   1.00 0.00  ? 4 LYS U CB  1 
ATOM 166  C CG  . LYS C 1 4 ? 20.995  22.435  8.894   1.00 0.00  ? 4 LYS U CG  1 
ATOM 167  C CD  . LYS C 1 4 ? 22.034  23.443  9.359   1.00 0.00  ? 4 LYS U CD  1 
ATOM 168  C CE  . LYS C 1 4 ? 21.581  24.160  10.618  1.00 0.00  ? 4 LYS U CE  1 
ATOM 169  N NZ  . LYS C 1 4 ? 22.629  24.143  11.677  1.00 0.00  ? 4 LYS U NZ  1 
ATOM 170  N N   . PHE C 1 5 ? 20.300  20.993  4.314   1.00 30.00 ? 5 PHE U N   1 
ATOM 171  C CA  . PHE C 1 5 ? 20.571  20.224  3.110   1.00 30.00 ? 5 PHE U CA  1 
ATOM 172  C C   . PHE C 1 5 ? 21.453  21.089  2.229   1.00 30.00 ? 5 PHE U C   1 
ATOM 173  O O   . PHE C 1 5 ? 21.062  22.192  1.847   1.00 30.00 ? 5 PHE U O   1 
ATOM 174  C CB  . PHE C 1 5 ? 19.270  19.877  2.386   1.00 0.00  ? 5 PHE U CB  1 
ATOM 175  C CG  . PHE C 1 5 ? 18.534  18.712  2.985   1.00 0.00  ? 5 PHE U CG  1 
ATOM 176  C CD1 . PHE C 1 5 ? 17.802  18.863  4.150   1.00 0.00  ? 5 PHE U CD1 1 
ATOM 177  C CD2 . PHE C 1 5 ? 18.577  17.465  2.382   1.00 0.00  ? 5 PHE U CD2 1 
ATOM 178  C CE1 . PHE C 1 5 ? 17.126  17.794  4.704   1.00 0.00  ? 5 PHE U CE1 1 
ATOM 179  C CE2 . PHE C 1 5 ? 17.902  16.392  2.931   1.00 0.00  ? 5 PHE U CE2 1 
ATOM 180  C CZ  . PHE C 1 5 ? 17.175  16.556  4.094   1.00 0.00  ? 5 PHE U CZ  1 
ATOM 181  N N   . GLN C 1 6 ? 22.682  20.692  1.954   1.00 30.00 ? 6 GLN U N   1 
ATOM 182  C CA  . GLN C 1 6 ? 23.522  21.563  1.137   1.00 30.00 ? 6 GLN U CA  1 
ATOM 183  C C   . GLN C 1 6 ? 24.057  20.774  -0.052  1.00 30.00 ? 6 GLN U C   1 
ATOM 184  O O   . GLN C 1 6 ? 24.534  19.721  0.189   1.00 30.00 ? 6 GLN U O   1 
ATOM 185  C CB  . GLN C 1 6 ? 24.685  22.096  1.968   1.00 30.00 ? 6 GLN U CB  1 
ATOM 186  C CG  . GLN C 1 6 ? 24.291  23.213  2.923   1.00 30.00 ? 6 GLN U CG  1 
ATOM 187  C CD  . GLN C 1 6 ? 25.437  23.655  3.811   1.00 30.00 ? 6 GLN U CD  1 
ATOM 188  O OE1 . GLN C 1 6 ? 25.499  23.295  4.986   1.00 30.00 ? 6 GLN U OE1 1 
ATOM 189  N NE2 . GLN C 1 6 ? 26.348  24.442  3.253   1.00 30.00 ? 6 GLN U NE2 1 
ATOM 190  N N   . PHE C 1 7 ? 23.996  21.307  -1.282  1.00 30.00 ? 7 PHE U N   1 
ATOM 191  C CA  . PHE C 1 7 ? 24.440  20.715  -2.538  1.00 30.00 ? 7 PHE U CA  1 
ATOM 192  C C   . PHE C 1 7 ? 25.577  21.499  -3.182  1.00 30.00 ? 7 PHE U C   1 
ATOM 193  O O   . PHE C 1 7 ? 25.405  22.652  -3.580  1.00 30.00 ? 7 PHE U O   1 
ATOM 194  C CB  . PHE C 1 7 ? 23.252  20.631  -3.500  1.00 30.00 ? 7 PHE U CB  1 
ATOM 195  C CG  . PHE C 1 7 ? 21.952  20.285  -2.828  1.00 30.00 ? 7 PHE U CG  1 
ATOM 196  C CD1 . PHE C 1 7 ? 21.146  21.279  -2.298  1.00 30.00 ? 7 PHE U CD1 1 
ATOM 197  C CD2 . PHE C 1 7 ? 21.539  18.968  -2.728  1.00 30.00 ? 7 PHE U CD2 1 
ATOM 198  C CE1 . PHE C 1 7 ? 19.951  20.964  -1.680  1.00 30.00 ? 7 PHE U CE1 1 
ATOM 199  C CE2 . PHE C 1 7 ? 20.345  18.647  -2.111  1.00 30.00 ? 7 PHE U CE2 1 
ATOM 200  C CZ  . PHE C 1 7 ? 19.549  19.647  -1.587  1.00 30.00 ? 7 PHE U CZ  1 
ATOM 201  O OXT . PHE C 1 7 ? 26.694  21.002  -3.319  1.00 0.00  ? 7 PHE U OXT 1 
ATOM 202  N N   . CYS D 1 1 ? 0.664   -4.255  -16.595 1.00 30.00 ? 1 CYS V N   1 
ATOM 203  C CA  . CYS D 1 1 ? 0.818   -2.930  -16.010 1.00 30.00 ? 1 CYS V CA  1 
ATOM 204  C C   . CYS D 1 1 ? 1.769   -2.959  -14.818 1.00 30.00 ? 1 CYS V C   1 
ATOM 205  O O   . CYS D 1 1 ? 2.260   -4.020  -14.429 1.00 30.00 ? 1 CYS V O   1 
ATOM 206  C CB  . CYS D 1 1 ? -0.541  -2.371  -15.580 1.00 30.00 ? 1 CYS V CB  1 
ATOM 207  S SG  . CYS D 1 1 ? -1.744  -2.223  -16.922 1.00 30.00 ? 1 CYS V SG  1 
ATOM 208  N N   . LYS D 1 2 ? 2.037   -1.788  -14.254 1.00 30.00 ? 2 LYS V N   1 
ATOM 209  C CA  . LYS D 1 2 ? 2.916   -1.669  -13.100 1.00 30.00 ? 2 LYS V CA  1 
ATOM 210  C C   . LYS D 1 2 ? 2.058   -1.254  -11.888 1.00 30.00 ? 2 LYS V C   1 
ATOM 211  O O   . LYS D 1 2 ? 2.292   -1.718  -10.772 1.00 30.00 ? 2 LYS V O   1 
ATOM 212  C CB  . LYS D 1 2 ? 4.006   -0.640  -13.401 1.00 0.00  ? 2 LYS V CB  1 
ATOM 213  C CG  . LYS D 1 2 ? 5.059   -0.515  -12.314 1.00 0.00  ? 2 LYS V CG  1 
ATOM 214  C CD  . LYS D 1 2 ? 6.388   -1.100  -12.764 1.00 0.00  ? 2 LYS V CD  1 
ATOM 215  C CE  . LYS D 1 2 ? 7.471   -0.873  -11.721 1.00 0.00  ? 2 LYS V CE  1 
ATOM 216  N NZ  . LYS D 1 2 ? 8.523   0.064   -12.206 1.00 0.00  ? 2 LYS V NZ  1 
ATOM 217  N N   . PHE D 1 3 ? 1.049   -0.419  -12.121 1.00 30.00 ? 3 PHE V N   1 
ATOM 218  C CA  . PHE D 1 3 ? 0.180   0.047   -11.043 1.00 30.00 ? 3 PHE V CA  1 
ATOM 219  C C   . PHE D 1 3 ? -1.312  0.061   -11.390 1.00 30.00 ? 3 PHE V C   1 
ATOM 220  O O   . PHE D 1 3 ? -1.701  0.571   -12.437 1.00 30.00 ? 3 PHE V O   1 
ATOM 221  C CB  . PHE D 1 3 ? 0.540   1.486   -10.665 1.00 0.00  ? 3 PHE V CB  1 
ATOM 222  C CG  . PHE D 1 3 ? 1.846   1.618   -9.934  1.00 0.00  ? 3 PHE V CG  1 
ATOM 223  C CD1 . PHE D 1 3 ? 3.025   1.186   -10.513 1.00 0.00  ? 3 PHE V CD1 1 
ATOM 224  C CD2 . PHE D 1 3 ? 1.898   2.211   -8.686  1.00 0.00  ? 3 PHE V CD2 1 
ATOM 225  C CE1 . PHE D 1 3 ? 4.230   1.319   -9.850  1.00 0.00  ? 3 PHE V CE1 1 
ATOM 226  C CE2 . PHE D 1 3 ? 3.100   2.348   -8.018  1.00 0.00  ? 3 PHE V CE2 1 
ATOM 227  C CZ  . PHE D 1 3 ? 4.267   1.902   -8.601  1.00 0.00  ? 3 PHE V CZ  1 
ATOM 228  N N   . LYS D 1 4 ? -2.139  -0.500  -10.512 1.00 30.00 ? 4 LYS V N   1 
ATOM 229  C CA  . LYS D 1 4 ? -3.584  -0.473  -10.678 1.00 30.00 ? 4 LYS V CA  1 
ATOM 230  C C   . LYS D 1 4 ? -4.136  -0.094  -9.314  1.00 30.00 ? 4 LYS V C   1 
ATOM 231  O O   . LYS D 1 4 ? -4.108  -0.895  -8.379  1.00 30.00 ? 4 LYS V O   1 
ATOM 232  C CB  . LYS D 1 4 ? -4.041  -1.859  -11.122 1.00 30.00 ? 4 LYS V CB  1 
ATOM 233  C CG  . LYS D 1 4 ? -3.599  -2.235  -12.527 1.00 30.00 ? 4 LYS V CG  1 
ATOM 234  C CD  . LYS D 1 4 ? -3.957  -3.676  -12.852 1.00 30.00 ? 4 LYS V CD  1 
ATOM 235  C CE  . LYS D 1 4 ? -5.462  -3.875  -12.887 1.00 30.00 ? 4 LYS V CE  1 
ATOM 236  N NZ  . LYS D 1 4 ? -5.785  -5.260  -13.324 1.00 30.00 ? 4 LYS V NZ  1 
ATOM 237  N N   . PHE D 1 5 ? -4.573  1.154   -9.197  1.00 30.00 ? 5 PHE V N   1 
ATOM 238  C CA  . PHE D 1 5 ? -5.112  1.679   -7.952  1.00 30.00 ? 5 PHE V CA  1 
ATOM 239  C C   . PHE D 1 5 ? -6.588  1.992   -8.147  1.00 30.00 ? 5 PHE V C   1 
ATOM 240  O O   . PHE D 1 5 ? -6.933  2.826   -8.978  1.00 30.00 ? 5 PHE V O   1 
ATOM 241  C CB  . PHE D 1 5 ? -4.414  2.978   -7.547  1.00 0.00  ? 5 PHE V CB  1 
ATOM 242  C CG  . PHE D 1 5 ? -2.972  2.824   -7.128  1.00 0.00  ? 5 PHE V CG  1 
ATOM 243  C CD1 . PHE D 1 5 ? -2.208  1.765   -7.630  1.00 0.00  ? 5 PHE V CD1 1 
ATOM 244  C CD2 . PHE D 1 5 ? -2.398  3.738   -6.238  1.00 0.00  ? 5 PHE V CD2 1 
ATOM 245  C CE1 . PHE D 1 5 ? -0.869  1.620   -7.243  1.00 0.00  ? 5 PHE V CE1 1 
ATOM 246  C CE2 . PHE D 1 5 ? -1.062  3.594   -5.849  1.00 0.00  ? 5 PHE V CE2 1 
ATOM 247  C CZ  . PHE D 1 5 ? -0.298  2.536   -6.351  1.00 0.00  ? 5 PHE V CZ  1 
ATOM 248  N N   . GLN D 1 6 ? -7.462  1.340   -7.393  1.00 30.00 ? 6 GLN V N   1 
ATOM 249  C CA  . GLN D 1 6 ? -8.890  1.613   -7.509  1.00 30.00 ? 6 GLN V CA  1 
ATOM 250  C C   . GLN D 1 6 ? -9.141  2.340   -6.197  1.00 30.00 ? 6 GLN V C   1 
ATOM 251  O O   . GLN D 1 6 ? -9.088  1.742   -5.128  1.00 30.00 ? 6 GLN V O   1 
ATOM 252  C CB  . GLN D 1 6 ? -9.678  0.323   -7.719  1.00 30.00 ? 6 GLN V CB  1 
ATOM 253  C CG  . GLN D 1 6 ? -11.164 0.546   -7.934  1.00 30.00 ? 6 GLN V CG  1 
ATOM 254  C CD  . GLN D 1 6 ? -11.784 -0.500  -8.836  1.00 30.00 ? 6 GLN V CD  1 
ATOM 255  O OE1 . GLN D 1 6 ? -11.421 -1.673  -8.783  1.00 30.00 ? 6 GLN V OE1 1 
ATOM 256  N NE2 . GLN D 1 6 ? -12.725 -0.079  -9.668  1.00 30.00 ? 6 GLN V NE2 1 
ATOM 257  N N   . PHE D 1 7 ? -9.412  3.638   -6.290  1.00 30.00 ? 7 PHE V N   1 
ATOM 258  C CA  . PHE D 1 7 ? -9.671  4.455   -5.112  1.00 30.00 ? 7 PHE V CA  1 
ATOM 259  C C   . PHE D 1 7 ? -11.191 4.474   -4.972  1.00 30.00 ? 7 PHE V C   1 
ATOM 260  O O   . PHE D 1 7 ? -11.920 4.472   -5.964  1.00 30.00 ? 7 PHE V O   1 
ATOM 261  C CB  . PHE D 1 7 ? -9.138  5.883   -5.245  1.00 30.00 ? 7 PHE V CB  1 
ATOM 262  C CG  . PHE D 1 7 ? -7.646  5.962   -5.393  1.00 30.00 ? 7 PHE V CG  1 
ATOM 263  C CD1 . PHE D 1 7 ? -7.048  5.790   -6.631  1.00 30.00 ? 7 PHE V CD1 1 
ATOM 264  C CD2 . PHE D 1 7 ? -6.838  6.206   -4.296  1.00 30.00 ? 7 PHE V CD2 1 
ATOM 265  C CE1 . PHE D 1 7 ? -5.676  5.860   -6.772  1.00 30.00 ? 7 PHE V CE1 1 
ATOM 266  C CE2 . PHE D 1 7 ? -5.464  6.279   -4.428  1.00 30.00 ? 7 PHE V CE2 1 
ATOM 267  C CZ  . PHE D 1 7 ? -4.882  6.106   -5.669  1.00 30.00 ? 7 PHE V CZ  1 
ATOM 268  O OXT . PHE D 1 7 ? -11.723 4.491   -3.862  1.00 0.00  ? 7 PHE V OXT 1 
ATOM 269  N N   . CYS E 1 1 ? -19.141 5.577   -2.931  1.00 30.00 ? 1 CYS W N   1 
ATOM 270  C CA  . CYS E 1 1 ? -18.961 4.492   -3.887  1.00 30.00 ? 1 CYS W CA  1 
ATOM 271  C C   . CYS E 1 1 ? -19.834 3.314   -3.514  1.00 30.00 ? 1 CYS W C   1 
ATOM 272  O O   . CYS E 1 1 ? -20.153 3.181   -2.344  1.00 30.00 ? 1 CYS W O   1 
ATOM 273  C CB  . CYS E 1 1 ? -17.493 4.066   -3.933  1.00 30.00 ? 1 CYS W CB  1 
ATOM 274  S SG  . CYS E 1 1 ? -16.367 5.371   -4.479  1.00 30.00 ? 1 CYS W SG  1 
ATOM 275  N N   . LYS E 1 2 ? -20.363 2.508   -4.457  1.00 30.00 ? 2 LYS W N   1 
ATOM 276  C CA  . LYS E 1 2 ? -21.035 1.283   -4.043  1.00 30.00 ? 2 LYS W CA  1 
ATOM 277  C C   . LYS E 1 2 ? -20.339 -0.018  -4.448  1.00 30.00 ? 2 LYS W C   1 
ATOM 278  O O   . LYS E 1 2 ? -20.193 -0.915  -3.623  1.00 30.00 ? 2 LYS W O   1 
ATOM 279  C CB  . LYS E 1 2 ? -22.475 1.237   -4.567  1.00 0.00  ? 2 LYS W CB  1 
ATOM 280  C CG  . LYS E 1 2 ? -23.333 0.159   -3.926  1.00 0.00  ? 2 LYS W CG  1 
ATOM 281  C CD  . LYS E 1 2 ? -24.808 0.391   -4.204  1.00 0.00  ? 2 LYS W CD  1 
ATOM 282  C CE  . LYS E 1 2 ? -25.664 -0.018  -3.018  1.00 0.00  ? 2 LYS W CE  1 
ATOM 283  N NZ  . LYS E 1 2 ? -27.093 -0.199  -3.401  1.00 0.00  ? 2 LYS W NZ  1 
ATOM 284  N N   . PHE E 1 3 ? -19.909 -0.137  -5.708  1.00 30.00 ? 3 PHE W N   1 
ATOM 285  C CA  . PHE E 1 3 ? -19.250 -1.366  -6.104  1.00 30.00 ? 3 PHE W CA  1 
ATOM 286  C C   . PHE E 1 3 ? -17.875 -0.973  -6.639  1.00 30.00 ? 3 PHE W C   1 
ATOM 287  O O   . PHE E 1 3 ? -17.739 0.015   -7.361  1.00 30.00 ? 3 PHE W O   1 
ATOM 288  C CB  . PHE E 1 3 ? -20.038 -2.109  -7.183  1.00 0.00  ? 3 PHE W CB  1 
ATOM 289  C CG  . PHE E 1 3 ? -21.275 -2.791  -6.671  1.00 0.00  ? 3 PHE W CG  1 
ATOM 290  C CD1 . PHE E 1 3 ? -22.426 -2.064  -6.415  1.00 0.00  ? 3 PHE W CD1 1 
ATOM 291  C CD2 . PHE E 1 3 ? -21.286 -4.157  -6.446  1.00 0.00  ? 3 PHE W CD2 1 
ATOM 292  C CE1 . PHE E 1 3 ? -23.566 -2.688  -5.944  1.00 0.00  ? 3 PHE W CE1 1 
ATOM 293  C CE2 . PHE E 1 3 ? -22.423 -4.787  -5.975  1.00 0.00  ? 3 PHE W CE2 1 
ATOM 294  C CZ  . PHE E 1 3 ? -23.564 -4.051  -5.724  1.00 0.00  ? 3 PHE W CZ  1 
ATOM 295  N N   . LYS E 1 4 ? -16.864 -1.749  -6.266  1.00 30.00 ? 4 LYS W N   1 
ATOM 296  C CA  . LYS E 1 4 ? -15.498 -1.501  -6.698  1.00 30.00 ? 4 LYS W CA  1 
ATOM 297  C C   . LYS E 1 4 ? -14.978 -2.882  -7.060  1.00 30.00 ? 4 LYS W C   1 
ATOM 298  O O   . LYS E 1 4 ? -14.714 -3.706  -6.189  1.00 30.00 ? 4 LYS W O   1 
ATOM 299  C CB  . LYS E 1 4 ? -14.704 -0.803  -5.594  1.00 30.00 ? 4 LYS W CB  1 
ATOM 300  C CG  . LYS E 1 4 ? -15.184 0.606   -5.290  1.00 30.00 ? 4 LYS W CG  1 
ATOM 301  C CD  . LYS E 1 4 ? -14.425 1.210   -4.122  1.00 30.00 ? 4 LYS W CD  1 
ATOM 302  C CE  . LYS E 1 4 ? -12.968 1.438   -4.473  1.00 30.00 ? 4 LYS W CE  1 
ATOM 303  N NZ  . LYS E 1 4 ? -12.172 1.824   -3.277  1.00 30.00 ? 4 LYS W NZ  1 
ATOM 304  N N   . PHE E 1 5 ? -14.830 -3.123  -8.355  1.00 30.00 ? 5 PHE W N   1 
ATOM 305  C CA  . PHE E 1 5 ? -14.362 -4.396  -8.864  1.00 30.00 ? 5 PHE W CA  1 
ATOM 306  C C   . PHE E 1 5 ? -13.030 -4.091  -9.514  1.00 30.00 ? 5 PHE W C   1 
ATOM 307  O O   . PHE E 1 5 ? -12.923 -3.151  -10.296 1.00 30.00 ? 5 PHE W O   1 
ATOM 308  C CB  . PHE E 1 5 ? -15.292 -4.987  -9.920  1.00 0.00  ? 5 PHE W CB  1 
ATOM 309  C CG  . PHE E 1 5 ? -16.572 -5.583  -9.392  1.00 0.00  ? 5 PHE W CG  1 
ATOM 310  C CD1 . PHE E 1 5 ? -17.550 -4.755  -8.827  1.00 0.00  ? 5 PHE W CD1 1 
ATOM 311  C CD2 . PHE E 1 5 ? -16.784 -6.965  -9.469  1.00 0.00  ? 5 PHE W CD2 1 
ATOM 312  C CE1 . PHE E 1 5 ? -18.739 -5.308  -8.338  1.00 0.00  ? 5 PHE W CE1 1 
ATOM 313  C CE2 . PHE E 1 5 ? -17.974 -7.518  -8.979  1.00 0.00  ? 5 PHE W CE2 1 
ATOM 314  C CZ  . PHE E 1 5 ? -18.951 -6.689  -8.413  1.00 0.00  ? 5 PHE W CZ  1 
ATOM 315  N N   . GLN E 1 6 ? -12.014 -4.872  -9.168  1.00 30.00 ? 6 GLN W N   1 
ATOM 316  C CA  . GLN E 1 6 ? -10.679 -4.701  -9.727  1.00 30.00 ? 6 GLN W CA  1 
ATOM 317  C C   . GLN E 1 6 ? -10.245 -6.036  -10.307 1.00 30.00 ? 6 GLN W C   1 
ATOM 318  O O   . GLN E 1 6 ? -10.132 -7.025  -9.584  1.00 30.00 ? 6 GLN W O   1 
ATOM 319  C CB  . GLN E 1 6 ? -9.694  -4.245  -8.648  1.00 30.00 ? 6 GLN W CB  1 
ATOM 320  C CG  . GLN E 1 6 ? -8.238  -4.278  -9.084  1.00 30.00 ? 6 GLN W CG  1 
ATOM 321  C CD  . GLN E 1 6 ? -7.450  -3.095  -8.559  1.00 30.00 ? 6 GLN W CD  1 
ATOM 322  O OE1 . GLN E 1 6 ? -7.792  -2.511  -7.530  1.00 30.00 ? 6 GLN W OE1 1 
ATOM 323  N NE2 . GLN E 1 6 ? -6.385  -2.734  -9.268  1.00 30.00 ? 6 GLN W NE2 1 
ATOM 324  N N   . PHE E 1 7 ? -10.001 -6.072  -11.613 1.00 30.00 ? 7 PHE W N   1 
ATOM 325  C CA  . PHE E 1 7 ? -9.616  -7.325  -12.249 1.00 30.00 ? 7 PHE W CA  1 
ATOM 326  C C   . PHE E 1 7 ? -8.161  -7.286  -12.706 1.00 30.00 ? 7 PHE W C   1 
ATOM 327  O O   . PHE E 1 7 ? -7.844  -6.744  -13.764 1.00 30.00 ? 7 PHE W O   1 
ATOM 328  C CB  . PHE E 1 7 ? -10.532 -7.627  -13.436 1.00 30.00 ? 7 PHE W CB  1 
ATOM 329  C CG  . PHE E 1 7 ? -11.996 -7.541  -13.108 1.00 30.00 ? 7 PHE W CG  1 
ATOM 330  C CD1 . PHE E 1 7 ? -12.677 -8.646  -12.624 1.00 30.00 ? 7 PHE W CD1 1 
ATOM 331  C CD2 . PHE E 1 7 ? -12.691 -6.356  -13.284 1.00 30.00 ? 7 PHE W CD2 1 
ATOM 332  C CE1 . PHE E 1 7 ? -14.024 -8.570  -12.321 1.00 30.00 ? 7 PHE W CE1 1 
ATOM 333  C CE2 . PHE E 1 7 ? -14.037 -6.273  -12.984 1.00 30.00 ? 7 PHE W CE2 1 
ATOM 334  C CZ  . PHE E 1 7 ? -14.704 -7.381  -12.501 1.00 30.00 ? 7 PHE W CZ  1 
ATOM 335  O OXT . PHE E 1 7 ? -7.269  -7.792  -12.026 1.00 0.00  ? 7 PHE W OXT 1 
ATOM 336  N N   . CYS F 1 1 ? -20.650 -16.865 -19.595 1.00 30.00 ? 1 CYS X N   1 
ATOM 337  C CA  . CYS F 1 1 ? -20.002 -17.969 -18.897 1.00 30.00 ? 1 CYS X CA  1 
ATOM 338  C C   . CYS F 1 1 ? -19.124 -17.460 -17.760 1.00 30.00 ? 1 CYS X C   1 
ATOM 339  O O   . CYS F 1 1 ? -19.291 -17.862 -16.606 1.00 30.00 ? 1 CYS X O   1 
ATOM 340  C CB  . CYS F 1 1 ? -19.169 -18.804 -19.872 1.00 30.00 ? 1 CYS X CB  1 
ATOM 341  S SG  . CYS F 1 1 ? -18.836 -20.492 -19.315 1.00 30.00 ? 1 CYS X SG  1 
ATOM 342  N N   . LYS F 1 2 ? -18.214 -16.550 -18.083 1.00 30.00 ? 2 LYS X N   1 
ATOM 343  C CA  . LYS F 1 2 ? -17.268 -16.016 -17.105 1.00 30.00 ? 2 LYS X CA  1 
ATOM 344  C C   . LYS F 1 2 ? -17.860 -15.005 -16.115 1.00 30.00 ? 2 LYS X C   1 
ATOM 345  O O   . LYS F 1 2 ? -17.798 -15.204 -14.900 1.00 30.00 ? 2 LYS X O   1 
ATOM 346  C CB  . LYS F 1 2 ? -16.063 -15.290 -17.712 1.00 0.00  ? 2 LYS X CB  1 
ATOM 347  C CG  . LYS F 1 2 ? -14.818 -16.153 -17.844 1.00 0.00  ? 2 LYS X CG  1 
ATOM 348  C CD  . LYS F 1 2 ? -14.342 -16.644 -16.486 1.00 0.00  ? 2 LYS X CD  1 
ATOM 349  C CE  . LYS F 1 2 ? -12.868 -16.343 -16.275 1.00 0.00  ? 2 LYS X CE  1 
ATOM 350  N NZ  . LYS F 1 2 ? -12.226 -17.319 -15.351 1.00 0.00  ? 2 LYS X NZ  1 
ATOM 351  N N   . PHE F 1 3 ? -18.380 -13.909 -16.651 1.00 30.00 ? 3 PHE X N   1 
ATOM 352  C CA  . PHE F 1 3 ? -18.979 -12.857 -15.845 1.00 30.00 ? 3 PHE X CA  1 
ATOM 353  C C   . PHE F 1 3 ? -20.244 -12.348 -16.513 1.00 30.00 ? 3 PHE X C   1 
ATOM 354  O O   . PHE F 1 3 ? -20.254 -12.044 -17.704 1.00 30.00 ? 3 PHE X O   1 
ATOM 355  C CB  . PHE F 1 3 ? -17.985 -11.716 -15.632 1.00 0.00  ? 3 PHE X CB  1 
ATOM 356  C CG  . PHE F 1 3 ? -16.823 -12.083 -14.755 1.00 0.00  ? 3 PHE X CG  1 
ATOM 357  C CD1 . PHE F 1 3 ? -15.677 -12.643 -15.296 1.00 0.00  ? 3 PHE X CD1 1 
ATOM 358  C CD2 . PHE F 1 3 ? -16.875 -11.869 -13.389 1.00 0.00  ? 3 PHE X CD2 1 
ATOM 359  C CE1 . PHE F 1 3 ? -14.608 -12.983 -14.493 1.00 0.00  ? 3 PHE X CE1 1 
ATOM 360  C CE2 . PHE F 1 3 ? -15.808 -12.205 -12.579 1.00 0.00  ? 3 PHE X CE2 1 
ATOM 361  C CZ  . PHE F 1 3 ? -14.672 -12.764 -13.132 1.00 0.00  ? 3 PHE X CZ  1 
ATOM 362  N N   . LYS F 1 4 ? -21.311 -12.261 -15.735 1.00 30.00 ? 4 LYS X N   1 
ATOM 363  C CA  . LYS F 1 4 ? -22.597 -11.827 -16.232 1.00 30.00 ? 4 LYS X CA  1 
ATOM 364  C C   . LYS F 1 4 ? -23.039 -10.816 -15.191 1.00 30.00 ? 4 LYS X C   1 
ATOM 365  O O   . LYS F 1 4 ? -23.276 -11.154 -14.030 1.00 30.00 ? 4 LYS X O   1 
ATOM 366  C CB  . LYS F 1 4 ? -23.577 -12.996 -16.297 1.00 0.00  ? 4 LYS X CB  1 
ATOM 367  C CG  . LYS F 1 4 ? -23.044 -14.212 -17.037 1.00 0.00  ? 4 LYS X CG  1 
ATOM 368  C CD  . LYS F 1 4 ? -24.153 -14.937 -17.782 1.00 0.00  ? 4 LYS X CD  1 
ATOM 369  C CE  . LYS F 1 4 ? -23.598 -16.063 -18.637 1.00 0.00  ? 4 LYS X CE  1 
ATOM 370  N NZ  . LYS F 1 4 ? -24.322 -17.345 -18.410 1.00 0.00  ? 4 LYS X NZ  1 
ATOM 371  N N   . PHE F 1 5 ? -23.144 -9.572  -15.624 1.00 30.00 ? 5 PHE X N   1 
ATOM 372  C CA  . PHE F 1 5 ? -23.502 -8.455  -14.765 1.00 30.00 ? 5 PHE X CA  1 
ATOM 373  C C   . PHE F 1 5 ? -24.754 -7.834  -15.356 1.00 30.00 ? 5 PHE X C   1 
ATOM 374  O O   . PHE F 1 5 ? -24.749 -7.391  -16.505 1.00 30.00 ? 5 PHE X O   1 
ATOM 375  C CB  . PHE F 1 5 ? -22.371 -7.428  -14.714 1.00 0.00  ? 5 PHE X CB  1 
ATOM 376  C CG  . PHE F 1 5 ? -21.250 -7.805  -13.786 1.00 0.00  ? 5 PHE X CG  1 
ATOM 377  C CD1 . PHE F 1 5 ? -20.319 -8.759  -14.156 1.00 0.00  ? 5 PHE X CD1 1 
ATOM 378  C CD2 . PHE F 1 5 ? -21.132 -7.204  -12.543 1.00 0.00  ? 5 PHE X CD2 1 
ATOM 379  C CE1 . PHE F 1 5 ? -19.289 -9.109  -13.305 1.00 0.00  ? 5 PHE X CE1 1 
ATOM 380  C CE2 . PHE F 1 5 ? -20.104 -7.550  -11.687 1.00 0.00  ? 5 PHE X CE2 1 
ATOM 381  C CZ  . PHE F 1 5 ? -19.180 -8.504  -12.068 1.00 0.00  ? 5 PHE X CZ  1 
ATOM 382  N N   . GLN F 1 6 ? -25.879 -7.858  -14.663 1.00 30.00 ? 6 GLN X N   1 
ATOM 383  C CA  . GLN F 1 6 ? -27.077 -7.289  -15.272 1.00 30.00 ? 6 GLN X CA  1 
ATOM 384  C C   . GLN F 1 6 ? -27.674 -6.250  -14.331 1.00 30.00 ? 6 GLN X C   1 
ATOM 385  O O   . GLN F 1 6 ? -27.807 -6.578  -13.205 1.00 30.00 ? 6 GLN X O   1 
ATOM 386  C CB  . GLN F 1 6 ? -28.099 -8.389  -15.542 1.00 30.00 ? 6 GLN X CB  1 
ATOM 387  C CG  . GLN F 1 6 ? -27.771 -9.242  -16.757 1.00 30.00 ? 6 GLN X CG  1 
ATOM 388  C CD  . GLN F 1 6 ? -28.740 -10.392 -16.945 1.00 30.00 ? 6 GLN X CD  1 
ATOM 389  O OE1 . GLN F 1 6 ? -28.427 -11.539 -16.627 1.00 30.00 ? 6 GLN X OE1 1 
ATOM 390  N NE2 . GLN F 1 6 ? -29.923 -10.090 -17.466 1.00 30.00 ? 6 GLN X NE2 1 
ATOM 391  N N   . PHE F 1 7 ? -28.044 -5.054  -14.813 1.00 30.00 ? 7 PHE X N   1 
ATOM 392  C CA  . PHE F 1 7 ? -28.620 -3.932  -14.082 1.00 30.00 ? 7 PHE X CA  1 
ATOM 393  C C   . PHE F 1 7 ? -30.035 -3.601  -14.543 1.00 30.00 ? 7 PHE X C   1 
ATOM 394  O O   . PHE F 1 7 ? -30.250 -3.197  -15.686 1.00 30.00 ? 7 PHE X O   1 
ATOM 395  C CB  . PHE F 1 7 ? -27.715 -2.708  -14.250 1.00 30.00 ? 7 PHE X CB  1 
ATOM 396  C CG  . PHE F 1 7 ? -26.249 -3.035  -14.254 1.00 30.00 ? 7 PHE X CG  1 
ATOM 397  C CD1 . PHE F 1 7 ? -25.606 -3.374  -15.434 1.00 30.00 ? 7 PHE X CD1 1 
ATOM 398  C CD2 . PHE F 1 7 ? -25.515 -3.004  -13.081 1.00 30.00 ? 7 PHE X CD2 1 
ATOM 399  C CE1 . PHE F 1 7 ? -24.257 -3.675  -15.442 1.00 30.00 ? 7 PHE X CE1 1 
ATOM 400  C CE2 . PHE F 1 7 ? -24.166 -3.304  -13.083 1.00 30.00 ? 7 PHE X CE2 1 
ATOM 401  C CZ  . PHE F 1 7 ? -23.535 -3.639  -14.265 1.00 30.00 ? 7 PHE X CZ  1 
ATOM 402  O OXT . PHE F 1 7 ? -30.995 -3.730  -13.785 1.00 0.00  ? 7 PHE X OXT 1 
ATOM 403  N N   . CYS G 1 1 ? -2.091  12.801  8.251   1.00 30.00 ? 1 CYS M N   1 
ATOM 404  C CA  . CYS G 1 1 ? -2.477  12.168  6.995   1.00 30.00 ? 1 CYS M CA  1 
ATOM 405  C C   . CYS G 1 1 ? -3.112  10.803  7.238   1.00 30.00 ? 1 CYS M C   1 
ATOM 406  O O   . CYS G 1 1 ? -3.199  10.340  8.375   1.00 30.00 ? 1 CYS M O   1 
ATOM 407  C CB  . CYS G 1 1 ? -1.266  12.025  6.071   1.00 30.00 ? 1 CYS M CB  1 
ATOM 408  S SG  . CYS G 1 1 ? -0.458  13.588  5.652   1.00 30.00 ? 1 CYS M SG  1 
ATOM 409  N N   . LYS G 1 2 ? -3.567  10.170  6.161   1.00 30.00 ? 2 LYS M N   1 
ATOM 410  C CA  . LYS G 1 2 ? -4.183  8.855   6.244   1.00 30.00 ? 2 LYS M CA  1 
ATOM 411  C C   . LYS G 1 2 ? -3.239  7.844   5.562   1.00 30.00 ? 2 LYS M C   1 
ATOM 412  O O   . LYS G 1 2 ? -3.097  6.714   6.029   1.00 30.00 ? 2 LYS M O   1 
ATOM 413  C CB  . LYS G 1 2 ? -5.553  8.897   5.564   1.00 0.00  ? 2 LYS M CB  1 
ATOM 414  C CG  . LYS G 1 2 ? -6.347  7.609   5.688   1.00 0.00  ? 2 LYS M CG  1 
ATOM 415  C CD  . LYS G 1 2 ? -7.527  7.778   6.632   1.00 0.00  ? 2 LYS M CD  1 
ATOM 416  C CE  . LYS G 1 2 ? -8.388  6.524   6.668   1.00 0.00  ? 2 LYS M CE  1 
ATOM 417  N NZ  . LYS G 1 2 ? -9.734  6.756   6.074   1.00 0.00  ? 2 LYS M NZ  1 
ATOM 418  N N   . PHE G 1 3 ? -2.571  8.269   4.494   1.00 30.00 ? 3 PHE M N   1 
ATOM 419  C CA  . PHE G 1 3 ? -1.658  7.390   3.765   1.00 30.00 ? 3 PHE M CA  1 
ATOM 420  C C   . PHE G 1 3 ? -0.335  8.046   3.358   1.00 30.00 ? 3 PHE M C   1 
ATOM 421  O O   . PHE G 1 3 ? -0.329  9.141   2.802   1.00 30.00 ? 3 PHE M O   1 
ATOM 422  C CB  . PHE G 1 3 ? -2.313  6.915   2.465   1.00 0.00  ? 3 PHE M CB  1 
ATOM 423  C CG  . PHE G 1 3 ? -3.421  5.922   2.667   1.00 0.00  ? 3 PHE M CG  1 
ATOM 424  C CD1 . PHE G 1 3 ? -4.530  6.246   3.427   1.00 0.00  ? 3 PHE M CD1 1 
ATOM 425  C CD2 . PHE G 1 3 ? -3.372  4.679   2.063   1.00 0.00  ? 3 PHE M CD2 1 
ATOM 426  C CE1 . PHE G 1 3 ? -5.558  5.340   3.603   1.00 0.00  ? 3 PHE M CE1 1 
ATOM 427  C CE2 . PHE G 1 3 ? -4.398  3.769   2.233   1.00 0.00  ? 3 PHE M CE2 1 
ATOM 428  C CZ  . PHE G 1 3 ? -5.492  4.099   3.003   1.00 0.00  ? 3 PHE M CZ  1 
ATOM 429  N N   . LYS G 1 4 ? 0.780   7.375   3.637   1.00 30.00 ? 4 LYS M N   1 
ATOM 430  C CA  . LYS G 1 4 ? 2.093   7.843   3.222   1.00 30.00 ? 4 LYS M CA  1 
ATOM 431  C C   . LYS G 1 4 ? 2.793   6.620   2.654   1.00 30.00 ? 4 LYS M C   1 
ATOM 432  O O   . LYS G 1 4 ? 3.182   5.716   3.393   1.00 30.00 ? 4 LYS M O   1 
ATOM 433  C CB  . LYS G 1 4 ? 2.810   8.402   4.447   1.00 30.00 ? 4 LYS M CB  1 
ATOM 434  C CG  . LYS G 1 4 ? 2.205   9.689   4.984   1.00 30.00 ? 4 LYS M CG  1 
ATOM 435  C CD  . LYS G 1 4 ? 2.870   10.111  6.284   1.00 30.00 ? 4 LYS M CD  1 
ATOM 436  C CE  . LYS G 1 4 ? 4.330   10.468  6.065   1.00 30.00 ? 4 LYS M CE  1 
ATOM 437  N NZ  . LYS G 1 4 ? 4.922   10.992  7.326   1.00 30.00 ? 4 LYS M NZ  1 
ATOM 438  N N   . PHE G 1 5 ? 2.884   6.572   1.330   1.00 30.00 ? 5 PHE M N   1 
ATOM 439  C CA  . PHE G 1 5 ? 3.505   5.460   0.629   1.00 30.00 ? 5 PHE M CA  1 
ATOM 440  C C   . PHE G 1 5 ? 4.763   5.956   -0.068  1.00 30.00 ? 5 PHE M C   1 
ATOM 441  O O   . PHE G 1 5 ? 4.684   6.825   -0.931  1.00 30.00 ? 5 PHE M O   1 
ATOM 442  C CB  . PHE G 1 5 ? 2.577   4.890   -0.445  1.00 0.00  ? 5 PHE M CB  1 
ATOM 443  C CG  . PHE G 1 5 ? 1.355   4.177   0.081   1.00 0.00  ? 5 PHE M CG  1 
ATOM 444  C CD1 . PHE G 1 5 ? 0.824   4.528   1.328   1.00 0.00  ? 5 PHE M CD1 1 
ATOM 445  C CD2 . PHE G 1 5 ? 0.752   3.167   -0.676  1.00 0.00  ? 5 PHE M CD2 1 
ATOM 446  C CE1 . PHE G 1 5 ? -0.310  3.868   1.817   1.00 0.00  ? 5 PHE M CE1 1 
ATOM 447  C CE2 . PHE G 1 5 ? -0.381  2.507   -0.188  1.00 0.00  ? 5 PHE M CE2 1 
ATOM 448  C CZ  . PHE G 1 5 ? -0.912  2.856   1.058   1.00 0.00  ? 5 PHE M CZ  1 
ATOM 449  N N   . GLN G 1 6 ? 5.921   5.419   0.291   1.00 30.00 ? 6 GLN M N   1 
ATOM 450  C CA  . GLN G 1 6 ? 7.161   5.830   -0.357  1.00 30.00 ? 6 GLN M CA  1 
ATOM 451  C C   . GLN G 1 6 ? 7.471   4.586   -1.177  1.00 30.00 ? 6 GLN M C   1 
ATOM 452  O O   . GLN G 1 6 ? 7.809   3.542   -0.629  1.00 30.00 ? 6 GLN M O   1 
ATOM 453  C CB  . GLN G 1 6 ? 8.212   6.228   0.676   1.00 30.00 ? 6 GLN M CB  1 
ATOM 454  C CG  . GLN G 1 6 ? 9.499   6.748   0.063   1.00 30.00 ? 6 GLN M CG  1 
ATOM 455  C CD  . GLN G 1 6 ? 10.180  7.783   0.935   1.00 30.00 ? 6 GLN M CD  1 
ATOM 456  O OE1 . GLN G 1 6 ? 10.174  7.678   2.159   1.00 30.00 ? 6 GLN M OE1 1 
ATOM 457  N NE2 . GLN G 1 6 ? 10.773  8.787   0.305   1.00 30.00 ? 6 GLN M NE2 1 
ATOM 458  N N   . PHE G 1 7 ? 7.349   4.708   -2.494  1.00 30.00 ? 7 PHE M N   1 
ATOM 459  C CA  . PHE G 1 7 ? 7.613   3.595   -3.397  1.00 30.00 ? 7 PHE M CA  1 
ATOM 460  C C   . PHE G 1 7 ? 9.063   3.780   -3.836  1.00 30.00 ? 7 PHE M C   1 
ATOM 461  O O   . PHE G 1 7 ? 9.540   4.905   -3.994  1.00 30.00 ? 7 PHE M O   1 
ATOM 462  C CB  . PHE G 1 7 ? 6.692   3.583   -4.618  1.00 30.00 ? 7 PHE M CB  1 
ATOM 463  C CG  . PHE G 1 7 ? 5.239   3.409   -4.281  1.00 30.00 ? 7 PHE M CG  1 
ATOM 464  C CD1 . PHE G 1 7 ? 4.467   4.496   -3.904  1.00 30.00 ? 7 PHE M CD1 1 
ATOM 465  C CD2 . PHE G 1 7 ? 4.644   2.161   -4.338  1.00 30.00 ? 7 PHE M CD2 1 
ATOM 466  C CE1 . PHE G 1 7 ? 3.130   4.341   -3.590  1.00 30.00 ? 7 PHE M CE1 1 
ATOM 467  C CE2 . PHE G 1 7 ? 3.307   1.997   -4.027  1.00 30.00 ? 7 PHE M CE2 1 
ATOM 468  C CZ  . PHE G 1 7 ? 2.550   3.090   -3.653  1.00 30.00 ? 7 PHE M CZ  1 
ATOM 469  O OXT . PHE G 1 7 ? 9.791   2.809   -4.041  1.00 0.00  ? 7 PHE M OXT 1 
ATOM 470  N N   . CYS H 1 1 ? 16.647  3.450   -7.149  1.00 30.00 ? 1 CYS N N   1 
ATOM 471  C CA  . CYS H 1 1 ? 16.576  4.368   -6.019  1.00 30.00 ? 1 CYS N CA  1 
ATOM 472  C C   . CYS H 1 1 ? 17.797  4.213   -5.140  1.00 30.00 ? 1 CYS N C   1 
ATOM 473  O O   . CYS H 1 1 ? 18.379  3.140   -5.145  1.00 30.00 ? 1 CYS N O   1 
ATOM 474  C CB  . CYS H 1 1 ? 15.307  4.111   -5.207  1.00 30.00 ? 1 CYS N CB  1 
ATOM 475  S SG  . CYS H 1 1 ? 13.777  4.378   -6.132  1.00 30.00 ? 1 CYS N SG  1 
ATOM 476  N N   . LYS H 1 2 ? 18.319  5.263   -4.472  1.00 30.00 ? 2 LYS N N   1 
ATOM 477  C CA  . LYS H 1 2 ? 19.373  5.026   -3.495  1.00 30.00 ? 2 LYS N CA  1 
ATOM 478  C C   . LYS H 1 2 ? 18.993  5.301   -2.038  1.00 30.00 ? 2 LYS N C   1 
ATOM 479  O O   . LYS H 1 2 ? 19.276  4.483   -1.169  1.00 30.00 ? 2 LYS N O   1 
ATOM 480  C CB  . LYS H 1 2 ? 20.627  5.845   -3.824  1.00 0.00  ? 2 LYS N CB  1 
ATOM 481  C CG  . LYS H 1 2 ? 21.864  5.422   -3.048  1.00 0.00  ? 2 LYS N CG  1 
ATOM 482  C CD  . LYS H 1 2 ? 23.125  6.002   -3.662  1.00 0.00  ? 2 LYS N CD  1 
ATOM 483  C CE  . LYS H 1 2 ? 24.290  5.033   -3.550  1.00 0.00  ? 2 LYS N CE  1 
ATOM 484  N NZ  . LYS H 1 2 ? 25.599  5.714   -3.751  1.00 0.00  ? 2 LYS N NZ  1 
ATOM 485  N N   . PHE H 1 3 ? 18.358  6.443   -1.757  1.00 30.00 ? 3 PHE N N   1 
ATOM 486  C CA  . PHE H 1 3 ? 17.996  6.716   -0.380  1.00 30.00 ? 3 PHE N CA  1 
ATOM 487  C C   . PHE H 1 3 ? 16.485  6.938   -0.362  1.00 30.00 ? 3 PHE N C   1 
ATOM 488  O O   . PHE H 1 3 ? 15.935  7.595   -1.245  1.00 30.00 ? 3 PHE N O   1 
ATOM 489  C CB  . PHE H 1 3 ? 18.713  7.952   0.161   1.00 0.00  ? 3 PHE N CB  1 
ATOM 490  C CG  . PHE H 1 3 ? 20.169  7.728   0.457   1.00 0.00  ? 3 PHE N CG  1 
ATOM 491  C CD1 . PHE H 1 3 ? 21.103  7.707   -0.565  1.00 0.00  ? 3 PHE N CD1 1 
ATOM 492  C CD2 . PHE H 1 3 ? 20.603  7.538   1.759   1.00 0.00  ? 3 PHE N CD2 1 
ATOM 493  C CE1 . PHE H 1 3 ? 22.444  7.501   -0.296  1.00 0.00  ? 3 PHE N CE1 1 
ATOM 494  C CE2 . PHE H 1 3 ? 21.941  7.332   2.035   1.00 0.00  ? 3 PHE N CE2 1 
ATOM 495  C CZ  . PHE H 1 3 ? 22.862  7.313   1.007   1.00 0.00  ? 3 PHE N CZ  1 
ATOM 496  N N   . LYS H 1 4 ? 15.829  6.375   0.646   1.00 30.00 ? 4 LYS N N   1 
ATOM 497  C CA  . LYS H 1 4 ? 14.388  6.502   0.798   1.00 30.00 ? 4 LYS N CA  1 
ATOM 498  C C   . LYS H 1 4 ? 14.205  6.774   2.281   1.00 30.00 ? 4 LYS N C   1 
ATOM 499  O O   . LYS H 1 4 ? 14.367  5.884   3.112   1.00 30.00 ? 4 LYS N O   1 
ATOM 500  C CB  . LYS H 1 4 ? 13.682  5.242   0.301   1.00 30.00 ? 4 LYS N CB  1 
ATOM 501  C CG  . LYS H 1 4 ? 13.809  5.017   -1.197  1.00 30.00 ? 4 LYS N CG  1 
ATOM 502  C CD  . LYS H 1 4 ? 13.175  3.703   -1.615  1.00 30.00 ? 4 LYS N CD  1 
ATOM 503  C CE  . LYS H 1 4 ? 11.671  3.732   -1.423  1.00 30.00 ? 4 LYS N CE  1 
ATOM 504  N NZ  . LYS H 1 4 ? 11.069  2.387   -1.623  1.00 30.00 ? 4 LYS N NZ  1 
ATOM 505  N N   . PHE H 1 5 ? 13.861  8.013   2.604   1.00 30.00 ? 5 PHE N N   1 
ATOM 506  C CA  . PHE H 1 5 ? 13.666  8.437   3.976   1.00 30.00 ? 5 PHE N CA  1 
ATOM 507  C C   . PHE H 1 5 ? 12.197  8.783   4.073   1.00 30.00 ? 5 PHE N C   1 
ATOM 508  O O   . PHE H 1 5 ? 11.673  9.505   3.229   1.00 30.00 ? 5 PHE N O   1 
ATOM 509  C CB  . PHE H 1 5 ? 14.479  9.678   4.331   1.00 0.00  ? 5 PHE N CB  1 
ATOM 510  C CG  . PHE H 1 5 ? 15.956  9.446   4.534   1.00 0.00  ? 5 PHE N CG  1 
ATOM 511  C CD1 . PHE H 1 5 ? 16.763  9.084   3.449   1.00 0.00  ? 5 PHE N CD1 1 
ATOM 512  C CD2 . PHE H 1 5 ? 16.519  9.594   5.807   1.00 0.00  ? 5 PHE N CD2 1 
ATOM 513  C CE1 . PHE H 1 5 ? 18.133  8.869   3.636   1.00 0.00  ? 5 PHE N CE1 1 
ATOM 514  C CE2 . PHE H 1 5 ? 17.891  9.379   5.994   1.00 0.00  ? 5 PHE N CE2 1 
ATOM 515  C CZ  . PHE H 1 5 ? 18.697  9.017   4.909   1.00 0.00  ? 5 PHE N CZ  1 
ATOM 516  N N   . GLN H 1 6 ? 11.531  8.245   5.087   1.00 30.00 ? 6 GLN N N   1 
ATOM 517  C CA  . GLN H 1 6 ? 10.114  8.504   5.309   1.00 30.00 ? 6 GLN N CA  1 
ATOM 518  C C   . GLN H 1 6 ? 9.953   9.006   6.734   1.00 30.00 ? 6 GLN N C   1 
ATOM 519  O O   . GLN H 1 6 ? 10.270  8.296   7.688   1.00 30.00 ? 6 GLN N O   1 
ATOM 520  C CB  . GLN H 1 6 ? 9.290   7.233   5.098   1.00 30.00 ? 6 GLN N CB  1 
ATOM 521  C CG  . GLN H 1 6 ? 7.842   7.350   5.544   1.00 30.00 ? 6 GLN N CG  1 
ATOM 522  C CD  . GLN H 1 6 ? 6.886   6.646   4.602   1.00 30.00 ? 6 GLN N CD  1 
ATOM 523  O OE1 . GLN H 1 6 ? 7.262   5.702   3.907   1.00 30.00 ? 6 GLN N OE1 1 
ATOM 524  N NE2 . GLN H 1 6 ? 5.639   7.105   4.574   1.00 30.00 ? 6 GLN N NE2 1 
ATOM 525  N N   . PHE H 1 7 ? 9.460   10.231  6.887   1.00 30.00 ? 7 PHE N N   1 
ATOM 526  C CA  . PHE H 1 7 ? 9.310   10.797  8.222   1.00 30.00 ? 7 PHE N CA  1 
ATOM 527  C C   . PHE H 1 7 ? 7.839   10.934  8.599   1.00 30.00 ? 7 PHE N C   1 
ATOM 528  O O   . PHE H 1 7 ? 7.170   11.890  8.206   1.00 30.00 ? 7 PHE N O   1 
ATOM 529  C CB  . PHE H 1 7 ? 10.005  12.157  8.308   1.00 30.00 ? 7 PHE N CB  1 
ATOM 530  C CG  . PHE H 1 7 ? 11.422  12.145  7.812   1.00 30.00 ? 7 PHE N CG  1 
ATOM 531  C CD1 . PHE H 1 7 ? 12.467  11.839  8.669   1.00 30.00 ? 7 PHE N CD1 1 
ATOM 532  C CD2 . PHE H 1 7 ? 11.712  12.441  6.491   1.00 30.00 ? 7 PHE N CD2 1 
ATOM 533  C CE1 . PHE H 1 7 ? 13.774  11.827  8.216   1.00 30.00 ? 7 PHE N CE1 1 
ATOM 534  C CE2 . PHE H 1 7 ? 13.015  12.431  6.030   1.00 30.00 ? 7 PHE N CE2 1 
ATOM 535  C CZ  . PHE H 1 7 ? 14.046  12.123  6.895   1.00 30.00 ? 7 PHE N CZ  1 
ATOM 536  O OXT . PHE H 1 7 ? 7.283   10.090  9.302   1.00 0.00  ? 7 PHE N OXT 1 
ATOM 537  N N   . CYS I 1 1 ? 20.751  20.509  14.664  1.00 30.00 ? 1 CYS O N   1 
ATOM 538  C CA  . CYS I 1 1 ? 20.593  19.712  15.875  1.00 30.00 ? 1 CYS O CA  1 
ATOM 539  C C   . CYS I 1 1 ? 19.868  18.404  15.581  1.00 30.00 ? 1 CYS O C   1 
ATOM 540  O O   . CYS I 1 1 ? 20.376  17.321  15.876  1.00 30.00 ? 1 CYS O O   1 
ATOM 541  C CB  . CYS I 1 1 ? 19.837  20.505  16.944  1.00 30.00 ? 1 CYS O CB  1 
ATOM 542  S SG  . CYS I 1 1 ? 20.107  19.924  18.634  1.00 30.00 ? 1 CYS O SG  1 
ATOM 543  N N   . LYS I 1 2 ? 18.696  18.508  14.967  1.00 30.00 ? 2 LYS O N   1 
ATOM 544  C CA  . LYS I 1 2 ? 17.865  17.341  14.674  1.00 30.00 ? 2 LYS O CA  1 
ATOM 545  C C   . LYS I 1 2 ? 18.351  16.479  13.501  1.00 30.00 ? 2 LYS O C   1 
ATOM 546  O O   . LYS I 1 2 ? 18.601  15.283  13.663  1.00 30.00 ? 2 LYS O O   1 
ATOM 547  C CB  . LYS I 1 2 ? 16.409  17.664  14.329  1.00 0.00  ? 2 LYS O CB  1 
ATOM 548  C CG  . LYS I 1 2 ? 15.449  17.546  15.505  1.00 0.00  ? 2 LYS O CG  1 
ATOM 549  C CD  . LYS I 1 2 ? 15.423  16.129  16.054  1.00 0.00  ? 2 LYS O CD  1 
ATOM 550  C CE  . LYS I 1 2 ? 14.001  15.604  16.158  1.00 0.00  ? 2 LYS O CE  1 
ATOM 551  N NZ  . LYS I 1 2 ? 13.861  14.585  17.235  1.00 0.00  ? 2 LYS O NZ  1 
ATOM 552  N N   . PHE I 1 3 ? 18.424  17.091  12.327  1.00 30.00 ? 3 PHE O N   1 
ATOM 553  C CA  . PHE I 1 3 ? 18.865  16.409  11.121  1.00 30.00 ? 3 PHE O CA  1 
ATOM 554  C C   . PHE I 1 3 ? 19.773  17.320  10.313  1.00 30.00 ? 3 PHE O C   1 
ATOM 555  O O   . PHE I 1 3 ? 19.449  18.479  10.064  1.00 30.00 ? 3 PHE O O   1 
ATOM 556  C CB  . PHE I 1 3 ? 17.663  15.966  10.287  1.00 0.00  ? 3 PHE O CB  1 
ATOM 557  C CG  . PHE I 1 3 ? 16.858  14.871  10.924  1.00 0.00  ? 3 PHE O CG  1 
ATOM 558  C CD1 . PHE I 1 3 ? 15.823  15.168  11.796  1.00 0.00  ? 3 PHE O CD1 1 
ATOM 559  C CD2 . PHE I 1 3 ? 17.133  13.543  10.650  1.00 0.00  ? 3 PHE O CD2 1 
ATOM 560  C CE1 . PHE I 1 3 ? 15.082  14.164  12.384  1.00 0.00  ? 3 PHE O CE1 1 
ATOM 561  C CE2 . PHE I 1 3 ? 16.394  12.532  11.233  1.00 0.00  ? 3 PHE O CE2 1 
ATOM 562  C CZ  . PHE I 1 3 ? 15.367  12.843  12.101  1.00 0.00  ? 3 PHE O CZ  1 
ATOM 563  N N   . LYS I 1 4 ? 20.912  16.783  9.905   1.00 30.00 ? 4 LYS O N   1 
ATOM 564  C CA  . LYS I 1 4 ? 21.895  17.533  9.157   1.00 30.00 ? 4 LYS O CA  1 
ATOM 565  C C   . LYS I 1 4 ? 22.249  16.589  8.024   1.00 30.00 ? 4 LYS O C   1 
ATOM 566  O O   . LYS I 1 4 ? 22.808  15.513  8.238   1.00 30.00 ? 4 LYS O O   1 
ATOM 567  C CB  . LYS I 1 4 ? 23.123  17.829  10.016  1.00 0.00  ? 4 LYS O CB  1 
ATOM 568  C CG  . LYS I 1 4 ? 22.803  18.463  11.359  1.00 0.00  ? 4 LYS O CG  1 
ATOM 569  C CD  . LYS I 1 4 ? 23.887  19.441  11.782  1.00 0.00  ? 4 LYS O CD  1 
ATOM 570  C CE  . LYS I 1 4 ? 23.497  20.181  13.049  1.00 0.00  ? 4 LYS O CE  1 
ATOM 571  N NZ  . LYS I 1 4 ? 24.577  20.140  14.075  1.00 0.00  ? 4 LYS O NZ  1 
ATOM 572  N N   . PHE I 1 5 ? 21.915  17.010  6.816   1.00 30.00 ? 5 PHE O N   1 
ATOM 573  C CA  . PHE I 1 5 ? 22.123  16.224  5.611   1.00 30.00 ? 5 PHE O CA  1 
ATOM 574  C C   . PHE I 1 5 ? 23.003  17.054  4.695   1.00 30.00 ? 5 PHE O C   1 
ATOM 575  O O   . PHE I 1 5 ? 22.636  18.166  4.316   1.00 30.00 ? 5 PHE O O   1 
ATOM 576  C CB  . PHE I 1 5 ? 20.789  15.913  4.931   1.00 0.00  ? 5 PHE O CB  1 
ATOM 577  C CG  . PHE I 1 5 ? 20.036  14.776  5.563   1.00 0.00  ? 5 PHE O CG  1 
ATOM 578  C CD1 . PHE I 1 5 ? 19.348  14.959  6.750   1.00 0.00  ? 5 PHE O CD1 1 
ATOM 579  C CD2 . PHE I 1 5 ? 20.021  13.524  4.970   1.00 0.00  ? 5 PHE O CD2 1 
ATOM 580  C CE1 . PHE I 1 5 ? 18.656  13.916  7.334   1.00 0.00  ? 5 PHE O CE1 1 
ATOM 581  C CE2 . PHE I 1 5 ? 19.330  12.477  5.550   1.00 0.00  ? 5 PHE O CE2 1 
ATOM 582  C CZ  . PHE I 1 5 ? 18.647  12.673  6.733   1.00 0.00  ? 5 PHE O CZ  1 
ATOM 583  N N   . GLN I 1 6 ? 24.210  16.616  4.385   1.00 30.00 ? 6 GLN O N   1 
ATOM 584  C CA  . GLN I 1 6 ? 25.050  17.453  3.533   1.00 30.00 ? 6 GLN O CA  1 
ATOM 585  C C   . GLN I 1 6 ? 25.521  16.640  2.335   1.00 30.00 ? 6 GLN O C   1 
ATOM 586  O O   . GLN I 1 6 ? 25.973  15.574  2.569   1.00 30.00 ? 6 GLN O O   1 
ATOM 587  C CB  . GLN I 1 6 ? 26.255  17.956  4.322   1.00 30.00 ? 6 GLN O CB  1 
ATOM 588  C CG  . GLN I 1 6 ? 25.928  19.091  5.280   1.00 30.00 ? 6 GLN O CG  1 
ATOM 589  C CD  . GLN I 1 6 ? 27.114  19.503  6.128   1.00 30.00 ? 6 GLN O CD  1 
ATOM 590  O OE1 . GLN I 1 6 ? 27.203  19.150  7.303   1.00 30.00 ? 6 GLN O OE1 1 
ATOM 591  N NE2 . GLN I 1 6 ? 28.031  20.258  5.534   1.00 30.00 ? 6 GLN O NE2 1 
ATOM 592  N N   . PHE I 1 7 ? 25.438  17.164  1.103   1.00 30.00 ? 7 PHE O N   1 
ATOM 593  C CA  . PHE I 1 7 ? 25.823  16.550  -0.161  1.00 30.00 ? 7 PHE O CA  1 
ATOM 594  C C   . PHE I 1 7 ? 26.963  17.293  -0.848  1.00 30.00 ? 7 PHE O C   1 
ATOM 595  O O   . PHE I 1 7 ? 26.815  18.447  -1.250  1.00 30.00 ? 7 PHE O O   1 
ATOM 596  C CB  . PHE I 1 7 ? 24.602  16.497  -1.084  1.00 30.00 ? 7 PHE O CB  1 
ATOM 597  C CG  . PHE I 1 7 ? 23.315  16.197  -0.369  1.00 30.00 ? 7 PHE O CG  1 
ATOM 598  C CD1 . PHE I 1 7 ? 22.558  17.220  0.179   1.00 30.00 ? 7 PHE O CD1 1 
ATOM 599  C CD2 . PHE I 1 7 ? 22.864  14.894  -0.245  1.00 30.00 ? 7 PHE O CD2 1 
ATOM 600  C CE1 . PHE I 1 7 ? 21.373  16.948  0.837   1.00 30.00 ? 7 PHE O CE1 1 
ATOM 601  C CE2 . PHE I 1 7 ? 21.680  14.616  0.413   1.00 30.00 ? 7 PHE O CE2 1 
ATOM 602  C CZ  . PHE I 1 7 ? 20.933  15.644  0.954   1.00 30.00 ? 7 PHE O CZ  1 
ATOM 603  O OXT . PHE I 1 7 ? 28.059  16.759  -1.016  1.00 0.00  ? 7 PHE O OXT 1 
ATOM 604  N N   . CYS J 1 1 ? 0.835   -7.758  -13.245 1.00 30.00 ? 1 CYS P N   1 
ATOM 605  C CA  . CYS J 1 1 ? 1.049   -6.433  -12.675 1.00 30.00 ? 1 CYS P CA  1 
ATOM 606  C C   . CYS J 1 1 ? 2.036   -6.484  -11.515 1.00 30.00 ? 1 CYS P C   1 
ATOM 607  O O   . CYS J 1 1 ? 2.505   -7.557  -11.132 1.00 30.00 ? 1 CYS P O   1 
ATOM 608  C CB  . CYS J 1 1 ? -0.277  -5.829  -12.207 1.00 30.00 ? 1 CYS P CB  1 
ATOM 609  S SG  . CYS J 1 1 ? -1.518  -5.652  -13.511 1.00 30.00 ? 1 CYS P SG  1 
ATOM 610  N N   . LYS J 1 2 ? 2.358   -5.317  -10.968 1.00 30.00 ? 2 LYS P N   1 
ATOM 611  C CA  . LYS J 1 2 ? 3.278   -5.219  -9.844  1.00 30.00 ? 2 LYS P CA  1 
ATOM 612  C C   . LYS J 1 2 ? 2.473   -4.767  -8.609  1.00 30.00 ? 2 LYS P C   1 
ATOM 613  O O   . LYS J 1 2 ? 2.728   -5.230  -7.498  1.00 30.00 ? 2 LYS P O   1 
ATOM 614  C CB  . LYS J 1 2 ? 4.390   -4.227  -10.189 1.00 0.00  ? 2 LYS P CB  1 
ATOM 615  C CG  . LYS J 1 2 ? 5.480   -4.127  -9.137  1.00 0.00  ? 2 LYS P CG  1 
ATOM 616  C CD  . LYS J 1 2 ? 6.775   -4.757  -9.623  1.00 0.00  ? 2 LYS P CD  1 
ATOM 617  C CE  . LYS J 1 2 ? 7.897   -4.556  -8.617  1.00 0.00  ? 2 LYS P CE  1 
ATOM 618  N NZ  . LYS J 1 2 ? 8.962   -3.657  -9.143  1.00 0.00  ? 2 LYS P NZ  1 
ATOM 619  N N   . PHE J 1 3 ? 1.483   -3.903  -8.818  1.00 30.00 ? 3 PHE P N   1 
ATOM 620  C CA  . PHE J 1 3 ? 0.665   -3.401  -7.715  1.00 30.00 ? 3 PHE P CA  1 
ATOM 621  C C   . PHE J 1 3 ? -0.836  -3.342  -8.016  1.00 30.00 ? 3 PHE P C   1 
ATOM 622  O O   . PHE J 1 3 ? -1.243  -2.828  -9.054  1.00 30.00 ? 3 PHE P O   1 
ATOM 623  C CB  . PHE J 1 3 ? 1.081   -1.971  -7.362  1.00 0.00  ? 3 PHE P CB  1 
ATOM 624  C CG  . PHE J 1 3 ? 2.413   -1.876  -6.674  1.00 0.00  ? 3 PHE P CG  1 
ATOM 625  C CD1 . PHE J 1 3 ? 3.559   -2.348  -7.287  1.00 0.00  ? 3 PHE P CD1 1 
ATOM 626  C CD2 . PHE J 1 3 ? 2.524   -1.275  -5.433  1.00 0.00  ? 3 PHE P CD2 1 
ATOM 627  C CE1 . PHE J 1 3 ? 4.789   -2.250  -6.664  1.00 0.00  ? 3 PHE P CE1 1 
ATOM 628  C CE2 . PHE J 1 3 ? 3.751   -1.171  -4.805  1.00 0.00  ? 3 PHE P CE2 1 
ATOM 629  C CZ  . PHE J 1 3 ? 4.884   -1.658  -5.420  1.00 0.00  ? 3 PHE P CZ  1 
ATOM 630  N N   . LYS J 1 4 ? -1.653  -3.870  -7.107  1.00 30.00 ? 4 LYS P N   1 
ATOM 631  C CA  . LYS J 1 4 ? -3.101  -3.798  -7.227  1.00 30.00 ? 4 LYS P CA  1 
ATOM 632  C C   . LYS J 1 4 ? -3.597  -3.392  -5.850  1.00 30.00 ? 4 LYS P C   1 
ATOM 633  O O   . LYS J 1 4 ? -3.564  -4.186  -4.909  1.00 30.00 ? 4 LYS P O   1 
ATOM 634  C CB  . LYS J 1 4 ? -3.614  -5.173  -7.645  1.00 30.00 ? 4 LYS P CB  1 
ATOM 635  C CG  . LYS J 1 4 ? -3.231  -5.573  -9.060  1.00 30.00 ? 4 LYS P CG  1 
ATOM 636  C CD  . LYS J 1 4 ? -3.644  -7.004  -9.361  1.00 30.00 ? 4 LYS P CD  1 
ATOM 637  C CE  . LYS J 1 4 ? -5.155  -7.155  -9.346  1.00 30.00 ? 4 LYS P CE  1 
ATOM 638  N NZ  . LYS J 1 4 ? -5.535  -8.533  -9.761  1.00 30.00 ? 4 LYS P NZ  1 
ATOM 639  N N   . PHE J 1 5 ? -3.990  -2.130  -5.729  1.00 30.00 ? 5 PHE P N   1 
ATOM 640  C CA  . PHE J 1 5 ? -4.472  -1.579  -4.472  1.00 30.00 ? 5 PHE P CA  1 
ATOM 641  C C   . PHE J 1 5 ? -5.943  -1.220  -4.622  1.00 30.00 ? 5 PHE P C   1 
ATOM 642  O O   . PHE J 1 5 ? -6.288  -0.382  -5.450  1.00 30.00 ? 5 PHE P O   1 
ATOM 643  C CB  . PHE J 1 5 ? -3.720  -0.299  -4.101  1.00 0.00  ? 5 PHE P CB  1 
ATOM 644  C CG  . PHE J 1 5 ? -2.272  -0.496  -3.726  1.00 0.00  ? 5 PHE P CG  1 
ATOM 645  C CD1 . PHE J 1 5 ? -1.558  -1.583  -4.244  1.00 0.00  ? 5 PHE P CD1 1 
ATOM 646  C CD2 . PHE J 1 5 ? -1.642  0.406   -2.862  1.00 0.00  ? 5 PHE P CD2 1 
ATOM 647  C CE1 . PHE J 1 5 ? -0.213  -1.767  -3.897  1.00 0.00  ? 5 PHE P CE1 1 
ATOM 648  C CE2 . PHE J 1 5 ? -0.299  0.223   -2.515  1.00 0.00  ? 5 PHE P CE2 1 
ATOM 649  C CZ  . PHE J 1 5 ? 0.415   -0.863  -3.032  1.00 0.00  ? 5 PHE P CZ  1 
ATOM 650  N N   . GLN J 1 6 ? -6.812  -1.839  -3.836  1.00 30.00 ? 6 GLN P N   1 
ATOM 651  C CA  . GLN J 1 6 ? -8.234  -1.522  -3.909  1.00 30.00 ? 6 GLN P CA  1 
ATOM 652  C C   . GLN J 1 6 ? -8.420  -0.777  -2.596  1.00 30.00 ? 6 GLN P C   1 
ATOM 653  O O   . GLN J 1 6 ? -8.351  -1.368  -1.524  1.00 30.00 ? 6 GLN P O   1 
ATOM 654  C CB  . GLN J 1 6 ? -9.068  -2.788  -4.082  1.00 30.00 ? 6 GLN P CB  1 
ATOM 655  C CG  . GLN J 1 6 ? -10.552 -2.519  -4.252  1.00 30.00 ? 6 GLN P CG  1 
ATOM 656  C CD  . GLN J 1 6 ? -11.233 -3.552  -5.125  1.00 30.00 ? 6 GLN P CD  1 
ATOM 657  O OE1 . GLN J 1 6 ? -10.907 -4.735  -5.074  1.00 30.00 ? 6 GLN P OE1 1 
ATOM 658  N NE2 . GLN J 1 6 ? -12.188 -3.107  -5.931  1.00 30.00 ? 6 GLN P NE2 1 
ATOM 659  N N   . PHE J 1 7 ? -8.653  0.528   -2.691  1.00 30.00 ? 7 PHE P N   1 
ATOM 660  C CA  . PHE J 1 7 ? -8.848  1.362   -1.512  1.00 30.00 ? 7 PHE P CA  1 
ATOM 661  C C   . PHE J 1 7 ? -10.361 1.430   -1.324  1.00 30.00 ? 7 PHE P C   1 
ATOM 662  O O   . PHE J 1 7 ? -11.121 1.444   -2.293  1.00 30.00 ? 7 PHE P O   1 
ATOM 663  C CB  . PHE J 1 7 ? -8.275  2.771   -1.674  1.00 30.00 ? 7 PHE P CB  1 
ATOM 664  C CG  . PHE J 1 7 ? -6.786  2.802   -1.870  1.00 30.00 ? 7 PHE P CG  1 
ATOM 665  C CD1 . PHE J 1 7 ? -6.234  2.602   -3.125  1.00 30.00 ? 7 PHE P CD1 1 
ATOM 666  C CD2 . PHE J 1 7 ? -5.936  3.028   -0.801  1.00 30.00 ? 7 PHE P CD2 1 
ATOM 667  C CE1 . PHE J 1 7 ? -4.865  2.627   -3.310  1.00 30.00 ? 7 PHE P CE1 1 
ATOM 668  C CE2 . PHE J 1 7 ? -4.566  3.056   -0.977  1.00 30.00 ? 7 PHE P CE2 1 
ATOM 669  C CZ  . PHE J 1 7 ? -4.031  2.855   -2.235  1.00 30.00 ? 7 PHE P CZ  1 
ATOM 670  O OXT . PHE J 1 7 ? -10.857 1.472   -0.198  1.00 0.00  ? 7 PHE P OXT 1 
ATOM 671  N N   . CYS K 1 1 ? -18.203 2.800   0.960   1.00 30.00 ? 1 CYS Q N   1 
ATOM 672  C CA  . CYS K 1 1 ? -18.088 1.703   0.007   1.00 30.00 ? 1 CYS Q CA  1 
ATOM 673  C C   . CYS K 1 1 ? -18.985 0.555   0.418   1.00 30.00 ? 1 CYS Q C   1 
ATOM 674  O O   . CYS K 1 1 ? -19.271 0.441   1.598   1.00 30.00 ? 1 CYS Q O   1 
ATOM 675  C CB  . CYS K 1 1 ? -16.637 1.230   -0.082  1.00 30.00 ? 1 CYS Q CB  1 
ATOM 676  S SG  . CYS K 1 1 ? -15.489 2.495   -0.674  1.00 30.00 ? 1 CYS Q SG  1 
ATOM 677  N N   . LYS K 1 2 ? -19.570 -0.241  -0.502  1.00 30.00 ? 2 LYS Q N   1 
ATOM 678  C CA  . LYS K 1 2 ? -20.266 -1.440  -0.056  1.00 30.00 ? 2 LYS Q CA  1 
ATOM 679  C C   . LYS K 1 2 ? -19.625 -2.766  -0.472  1.00 30.00 ? 2 LYS Q C   1 
ATOM 680  O O   . LYS K 1 2 ? -19.481 -3.661  0.355   1.00 30.00 ? 2 LYS Q O   1 
ATOM 681  C CB  . LYS K 1 2 ? -21.723 -1.445  -0.534  1.00 0.00  ? 2 LYS Q CB  1 
ATOM 682  C CG  . LYS K 1 2 ? -22.594 -2.490  0.144   1.00 0.00  ? 2 LYS Q CG  1 
ATOM 683  C CD  . LYS K 1 2 ? -24.069 -2.214  -0.089  1.00 0.00  ? 2 LYS Q CD  1 
ATOM 684  C CE  . LYS K 1 2 ? -24.899 -2.587  1.127   1.00 0.00  ? 2 LYS Q CE  1 
ATOM 685  N NZ  . LYS K 1 2 ? -26.344 -2.725  0.790   1.00 0.00  ? 2 LYS Q NZ  1 
ATOM 686  N N   . PHE K 1 3 ? -19.239 -2.907  -1.744  1.00 30.00 ? 3 PHE Q N   1 
ATOM 687  C CA  . PHE K 1 3 ? -18.632 -4.160  -2.151  1.00 30.00 ? 3 PHE Q CA  1 
ATOM 688  C C   . PHE K 1 3 ? -17.263 -3.814  -2.731  1.00 30.00 ? 3 PHE Q C   1 
ATOM 689  O O   . PHE K 1 3 ? -17.119 -2.838  -3.466  1.00 30.00 ? 3 PHE Q O   1 
ATOM 690  C CB  . PHE K 1 3 ? -19.477 -4.885  -3.197  1.00 0.00  ? 3 PHE Q CB  1 
ATOM 691  C CG  . PHE K 1 3 ? -20.719 -5.523  -2.640  1.00 0.00  ? 3 PHE Q CG  1 
ATOM 692  C CD1 . PHE K 1 3 ? -21.837 -4.759  -2.354  1.00 0.00  ? 3 PHE Q CD1 1 
ATOM 693  C CD2 . PHE K 1 3 ? -20.765 -6.887  -2.404  1.00 0.00  ? 3 PHE Q CD2 1 
ATOM 694  C CE1 . PHE K 1 3 ? -22.981 -5.343  -1.842  1.00 0.00  ? 3 PHE Q CE1 1 
ATOM 695  C CE2 . PHE K 1 3 ? -21.905 -7.477  -1.892  1.00 0.00  ? 3 PHE Q CE2 1 
ATOM 696  C CZ  . PHE K 1 3 ? -23.014 -6.704  -1.610  1.00 0.00  ? 3 PHE Q CZ  1 
ATOM 697  N N   . LYS K 1 4 ? -16.266 -4.620  -2.385  1.00 30.00 ? 4 LYS Q N   1 
ATOM 698  C CA  . LYS K 1 4 ? -14.907 -4.418  -2.862  1.00 30.00 ? 4 LYS Q CA  1 
ATOM 699  C C   . LYS K 1 4 ? -14.443 -5.817  -3.228  1.00 30.00 ? 4 LYS Q C   1 
ATOM 700  O O   . LYS K 1 4 ? -14.178 -6.643  -2.360  1.00 30.00 ? 4 LYS Q O   1 
ATOM 701  C CB  . LYS K 1 4 ? -14.057 -3.738  -1.790  1.00 30.00 ? 4 LYS Q CB  1 
ATOM 702  C CG  . LYS K 1 4 ? -14.482 -2.312  -1.483  1.00 30.00 ? 4 LYS Q CG  1 
ATOM 703  C CD  . LYS K 1 4 ? -13.668 -1.724  -0.345  1.00 30.00 ? 4 LYS Q CD  1 
ATOM 704  C CE  . LYS K 1 4 ? -12.217 -1.545  -0.744  1.00 30.00 ? 4 LYS Q CE  1 
ATOM 705  N NZ  . LYS K 1 4 ? -11.371 -1.175  0.423   1.00 30.00 ? 4 LYS Q NZ  1 
ATOM 706  N N   . PHE K 1 5 ? -14.344 -6.073  -4.526  1.00 30.00 ? 5 PHE Q N   1 
ATOM 707  C CA  . PHE K 1 5 ? -13.933 -7.364  -5.038  1.00 30.00 ? 5 PHE Q CA  1 
ATOM 708  C C   . PHE K 1 5 ? -12.614 -7.106  -5.733  1.00 30.00 ? 5 PHE Q C   1 
ATOM 709  O O   . PHE K 1 5 ? -12.502 -6.176  -6.526  1.00 30.00 ? 5 PHE Q O   1 
ATOM 710  C CB  . PHE K 1 5 ? -14.914 -7.933  -6.060  1.00 0.00  ? 5 PHE Q CB  1 
ATOM 711  C CG  . PHE K 1 5 ? -16.195 -8.484  -5.486  1.00 0.00  ? 5 PHE Q CG  1 
ATOM 712  C CD1 . PHE K 1 5 ? -17.128 -7.621  -4.897  1.00 0.00  ? 5 PHE Q CD1 1 
ATOM 713  C CD2 . PHE K 1 5 ? -16.453 -9.859  -5.544  1.00 0.00  ? 5 PHE Q CD2 1 
ATOM 714  C CE1 . PHE K 1 5 ? -18.317 -8.132  -4.365  1.00 0.00  ? 5 PHE Q CE1 1 
ATOM 715  C CE2 . PHE K 1 5 ? -17.644 -10.370 -5.012  1.00 0.00  ? 5 PHE Q CE2 1 
ATOM 716  C CZ  . PHE K 1 5 ? -18.575 -9.507  -4.423  1.00 0.00  ? 5 PHE Q CZ  1 
ATOM 717  N N   . GLN K 1 6 ? -11.613 -7.916  -5.413  1.00 30.00 ? 6 GLN Q N   1 
ATOM 718  C CA  . GLN K 1 6 ? -10.291 -7.792  -6.015  1.00 30.00 ? 6 GLN Q CA  1 
ATOM 719  C C   . GLN K 1 6 ? -9.919  -9.144  -6.597  1.00 30.00 ? 6 GLN Q C   1 
ATOM 720  O O   . GLN K 1 6 ? -9.813  -10.132 -5.870  1.00 30.00 ? 6 GLN Q O   1 
ATOM 721  C CB  . GLN K 1 6 ? -9.258  -7.359  -4.972  1.00 30.00 ? 6 GLN Q CB  1 
ATOM 722  C CG  . GLN K 1 6 ? -7.819  -7.442  -5.453  1.00 30.00 ? 6 GLN Q CG  1 
ATOM 723  C CD  . GLN K 1 6 ? -6.977  -6.281  -4.965  1.00 30.00 ? 6 GLN Q CD  1 
ATOM 724  O OE1 . GLN K 1 6 ? -7.268  -5.679  -3.930  1.00 30.00 ? 6 GLN Q OE1 1 
ATOM 725  N NE2 . GLN K 1 6 ? -5.925  -5.959  -5.710  1.00 30.00 ? 6 GLN Q NE2 1 
ATOM 726  N N   . PHE K 1 7 ? -9.717  -9.198  -7.910  1.00 30.00 ? 7 PHE Q N   1 
ATOM 727  C CA  . PHE K 1 7 ? -9.392  -10.467 -8.548  1.00 30.00 ? 7 PHE Q CA  1 
ATOM 728  C C   . PHE K 1 7 ? -7.953  -10.478 -9.051  1.00 30.00 ? 7 PHE Q C   1 
ATOM 729  O O   . PHE K 1 7 ? -7.652  -9.954  -10.124 1.00 30.00 ? 7 PHE Q O   1 
ATOM 730  C CB  . PHE K 1 7 ? -10.356 -10.749 -9.702  1.00 30.00 ? 7 PHE Q CB  1 
ATOM 731  C CG  . PHE K 1 7 ? -11.804 -10.614 -9.329  1.00 30.00 ? 7 PHE Q CG  1 
ATOM 732  C CD1 . PHE K 1 7 ? -12.503 -11.693 -8.813  1.00 30.00 ? 7 PHE Q CD1 1 
ATOM 733  C CD2 . PHE K 1 7 ? -12.467 -9.409  -9.493  1.00 30.00 ? 7 PHE Q CD2 1 
ATOM 734  C CE1 . PHE K 1 7 ? -13.837 -11.572 -8.469  1.00 30.00 ? 7 PHE Q CE1 1 
ATOM 735  C CE2 . PHE K 1 7 ? -13.800 -9.281  -9.150  1.00 30.00 ? 7 PHE Q CE2 1 
ATOM 736  C CZ  . PHE K 1 7 ? -14.485 -10.364 -8.637  1.00 30.00 ? 7 PHE Q CZ  1 
ATOM 737  O OXT . PHE K 1 7 ? -7.055  -11.006 -8.395  1.00 0.00  ? 7 PHE Q OXT 1 
ATOM 738  N N   . CYS L 1 1 ? -20.951 -19.707 -15.459 1.00 30.00 ? 1 CYS R N   1 
ATOM 739  C CA  . CYS L 1 1 ? -20.316 -20.826 -14.772 1.00 30.00 ? 1 CYS R CA  1 
ATOM 740  C C   . CYS L 1 1 ? -19.387 -20.336 -13.668 1.00 30.00 ? 1 CYS R C   1 
ATOM 741  O O   . CYS L 1 1 ? -19.529 -20.724 -12.506 1.00 30.00 ? 1 CYS R O   1 
ATOM 742  C CB  . CYS L 1 1 ? -19.541 -21.694 -15.766 1.00 30.00 ? 1 CYS R CB  1 
ATOM 743  S SG  . CYS L 1 1 ? -19.245 -23.387 -15.205 1.00 30.00 ? 1 CYS R SG  1 
ATOM 744  N N   . LYS L 1 2 ? -18.459 -19.458 -14.027 1.00 30.00 ? 2 LYS R N   1 
ATOM 745  C CA  . LYS L 1 2 ? -17.465 -18.947 -13.084 1.00 30.00 ? 2 LYS R CA  1 
ATOM 746  C C   . LYS L 1 2 ? -17.994 -17.910 -12.084 1.00 30.00 ? 2 LYS R C   1 
ATOM 747  O O   . LYS L 1 2 ? -17.899 -18.102 -10.871 1.00 30.00 ? 2 LYS R O   1 
ATOM 748  C CB  . LYS L 1 2 ? -16.259 -18.264 -13.736 1.00 0.00  ? 2 LYS R CB  1 
ATOM 749  C CG  . LYS L 1 2 ? -15.046 -19.167 -13.899 1.00 0.00  ? 2 LYS R CG  1 
ATOM 750  C CD  . LYS L 1 2 ? -14.543 -19.663 -12.554 1.00 0.00  ? 2 LYS R CD  1 
ATOM 751  C CE  . LYS L 1 2 ? -13.054 -19.406 -12.392 1.00 0.00  ? 2 LYS R CE  1 
ATOM 752  N NZ  . LYS L 1 2 ? -12.414 -20.396 -11.481 1.00 0.00  ? 2 LYS R NZ  1 
ATOM 753  N N   . PHE L 1 3 ? -18.496 -16.802 -12.613 1.00 30.00 ? 3 PHE R N   1 
ATOM 754  C CA  . PHE L 1 3 ? -19.036 -15.726 -11.798 1.00 30.00 ? 3 PHE R CA  1 
ATOM 755  C C   . PHE L 1 3 ? -20.305 -15.183 -12.429 1.00 30.00 ? 3 PHE R C   1 
ATOM 756  O O   . PHE L 1 3 ? -20.343 -14.887 -13.622 1.00 30.00 ? 3 PHE R O   1 
ATOM 757  C CB  . PHE L 1 3 ? -18.000 -14.615 -11.625 1.00 0.00  ? 3 PHE R CB  1 
ATOM 758  C CG  . PHE L 1 3 ? -16.822 -15.013 -10.783 1.00 0.00  ? 3 PHE R CG  1 
ATOM 759  C CD1 . PHE L 1 3 ? -15.712 -15.613 -11.356 1.00 0.00  ? 3 PHE R CD1 1 
ATOM 760  C CD2 . PHE L 1 3 ? -16.824 -14.787 -9.418  1.00 0.00  ? 3 PHE R CD2 1 
ATOM 761  C CE1 . PHE L 1 3 ? -14.629 -15.981 -10.584 1.00 0.00  ? 3 PHE R CE1 1 
ATOM 762  C CE2 . PHE L 1 3 ? -15.742 -15.151 -8.640  1.00 0.00  ? 3 PHE R CE2 1 
ATOM 763  C CZ  . PHE L 1 3 ? -14.643 -15.749 -9.224  1.00 0.00  ? 3 PHE R CZ  1 
ATOM 764  N N   . LYS L 1 4 ? -21.343 -15.054 -11.617 1.00 30.00 ? 4 LYS R N   1 
ATOM 765  C CA  . LYS L 1 4 ? -22.630 -14.584 -12.077 1.00 30.00 ? 4 LYS R CA  1 
ATOM 766  C C   . LYS L 1 4 ? -23.006 -13.552 -11.032 1.00 30.00 ? 4 LYS R C   1 
ATOM 767  O O   . LYS L 1 4 ? -23.216 -13.873 -9.861  1.00 30.00 ? 4 LYS R O   1 
ATOM 768  C CB  . LYS L 1 4 ? -23.647 -15.722 -12.102 1.00 0.00  ? 4 LYS R CB  1 
ATOM 769  C CG  . LYS L 1 4 ? -23.177 -16.960 -12.848 1.00 0.00  ? 4 LYS R CG  1 
ATOM 770  C CD  . LYS L 1 4 ? -24.332 -17.655 -13.551 1.00 0.00  ? 4 LYS R CD  1 
ATOM 771  C CE  . LYS L 1 4 ? -23.840 -18.804 -14.413 1.00 0.00  ? 4 LYS R CE  1 
ATOM 772  N NZ  . LYS L 1 4 ? -24.596 -20.061 -14.153 1.00 0.00  ? 4 LYS R NZ  1 
ATOM 773  N N   . PHE L 1 5 ? -23.086 -12.309 -11.472 1.00 30.00 ? 5 PHE R N   1 
ATOM 774  C CA  . PHE L 1 5 ? -23.381 -11.174 -10.612 1.00 30.00 ? 5 PHE R CA  1 
ATOM 775  C C   . PHE L 1 5 ? -24.631 -10.518 -11.167 1.00 30.00 ? 5 PHE R C   1 
ATOM 776  O O   . PHE L 1 5 ? -24.649 -10.084 -12.319 1.00 30.00 ? 5 PHE R O   1 
ATOM 777  C CB  . PHE L 1 5 ? -22.216 -10.183 -10.605 1.00 0.00  ? 5 PHE R CB  1 
ATOM 778  C CG  . PHE L 1 5 ? -21.079 -10.589 -9.710  1.00 0.00  ? 5 PHE R CG  1 
ATOM 779  C CD1 . PHE L 1 5 ? -20.191 -11.575 -10.101 1.00 0.00  ? 5 PHE R CD1 1 
ATOM 780  C CD2 . PHE L 1 5 ? -20.903 -9.983  -8.476  1.00 0.00  ? 5 PHE R CD2 1 
ATOM 781  C CE1 . PHE L 1 5 ? -19.145 -11.951 -9.280  1.00 0.00  ? 5 PHE R CE1 1 
ATOM 782  C CE2 . PHE L 1 5 ? -19.859 -10.355 -7.651  1.00 0.00  ? 5 PHE R CE2 1 
ATOM 783  C CZ  . PHE L 1 5 ? -18.979 -11.340 -8.053  1.00 0.00  ? 5 PHE R CZ  1 
ATOM 784  N N   . GLN L 1 6 ? -25.732 -10.502 -10.439 1.00 30.00 ? 6 GLN R N   1 
ATOM 785  C CA  . GLN L 1 6 ? -26.932 -9.899  -11.014 1.00 30.00 ? 6 GLN R CA  1 
ATOM 786  C C   . GLN L 1 6 ? -27.465 -8.835  -10.064 1.00 30.00 ? 6 GLN R C   1 
ATOM 787  O O   . GLN L 1 6 ? -27.573 -9.150  -8.931  1.00 30.00 ? 6 GLN R O   1 
ATOM 788  C CB  . GLN L 1 6 ? -27.996 -10.968 -11.242 1.00 30.00 ? 6 GLN R CB  1 
ATOM 789  C CG  . GLN L 1 6 ? -27.734 -11.841 -12.460 1.00 30.00 ? 6 GLN R CG  1 
ATOM 790  C CD  . GLN L 1 6 ? -28.744 -12.961 -12.607 1.00 30.00 ? 6 GLN R CD  1 
ATOM 791  O OE1 . GLN L 1 6 ? -28.457 -14.115 -12.290 1.00 30.00 ? 6 GLN R OE1 1 
ATOM 792  N NE2 . GLN L 1 6 ? -29.932 -12.625 -13.093 1.00 30.00 ? 6 GLN R NE2 1 
ATOM 793  N N   . PHE L 1 7 ? -27.812 -7.631  -10.544 1.00 30.00 ? 7 PHE R N   1 
ATOM 794  C CA  . PHE L 1 7 ? -28.329 -6.486  -9.804  1.00 30.00 ? 7 PHE R CA  1 
ATOM 795  C C   . PHE L 1 7 ? -29.747 -6.114  -10.222 1.00 30.00 ? 7 PHE R C   1 
ATOM 796  O O   . PHE L 1 7 ? -29.986 -5.712  -11.361 1.00 30.00 ? 7 PHE R O   1 
ATOM 797  C CB  . PHE L 1 7 ? -27.392 -5.293  -10.011 1.00 30.00 ? 7 PHE R CB  1 
ATOM 798  C CG  . PHE L 1 7 ? -25.938 -5.666  -10.060 1.00 30.00 ? 7 PHE R CG  1 
ATOM 799  C CD1 . PHE L 1 7 ? -25.344 -6.034  -11.256 1.00 30.00 ? 7 PHE R CD1 1 
ATOM 800  C CD2 . PHE L 1 7 ? -25.166 -5.649  -8.910  1.00 30.00 ? 7 PHE R CD2 1 
ATOM 801  C CE1 . PHE L 1 7 ? -24.006 -6.378  -11.305 1.00 30.00 ? 7 PHE R CE1 1 
ATOM 802  C CE2 . PHE L 1 7 ? -23.828 -5.992  -8.952  1.00 30.00 ? 7 PHE R CE2 1 
ATOM 803  C CZ  . PHE L 1 7 ? -23.246 -6.356  -10.152 1.00 30.00 ? 7 PHE R CZ  1 
ATOM 804  O OXT . PHE L 1 7 ? -30.687 -6.208  -9.433  1.00 0.00  ? 7 PHE R OXT 1 
ATOM 805  N N   . CYS M 1 1 ? -0.584  9.562   11.531  1.00 30.00 ? 1 CYS G N   1 
ATOM 806  C CA  . CYS M 1 1 ? -1.030  8.933   10.294  1.00 30.00 ? 1 CYS G CA  1 
ATOM 807  C C   . CYS M 1 1 ? -1.701  7.591   10.568  1.00 30.00 ? 1 CYS G C   1 
ATOM 808  O O   . CYS M 1 1 ? -1.766  7.140   11.712  1.00 30.00 ? 1 CYS G O   1 
ATOM 809  C CB  . CYS M 1 1 ? 0.145   8.746   9.333   1.00 30.00 ? 1 CYS G CB  1 
ATOM 810  S SG  . CYS M 1 1 ? 0.987   10.279  8.875   1.00 30.00 ? 1 CYS G SG  1 
ATOM 811  N N   . LYS M 1 2 ? -2.210  6.965   9.512   1.00 30.00 ? 2 LYS G N   1 
ATOM 812  C CA  . LYS M 1 2 ? -2.864  5.670   9.624   1.00 30.00 ? 2 LYS G CA  1 
ATOM 813  C C   . LYS M 1 2 ? -1.973  4.625   8.923   1.00 30.00 ? 2 LYS G C   1 
ATOM 814  O O   . LYS M 1 2 ? -1.852  3.494   9.393   1.00 30.00 ? 2 LYS G O   1 
ATOM 815  C CB  . LYS M 1 2 ? -4.252  5.751   8.989   1.00 0.00  ? 2 LYS G CB  1 
ATOM 816  C CG  . LYS M 1 2 ? -5.083  4.489   9.149   1.00 0.00  ? 2 LYS G CG  1 
ATOM 817  C CD  . LYS M 1 2 ? -6.226  4.703   10.129  1.00 0.00  ? 2 LYS G CD  1 
ATOM 818  C CE  . LYS M 1 2 ? -7.123  3.478   10.203  1.00 0.00  ? 2 LYS G CE  1 
ATOM 819  N NZ  . LYS M 1 2 ? -8.480  3.747   9.650   1.00 0.00  ? 2 LYS G NZ  1 
ATOM 820  N N   . PHE M 1 3 ? -1.327  5.020   7.829   1.00 30.00 ? 3 PHE G N   1 
ATOM 821  C CA  . PHE M 1 3 ? -0.466  4.108   7.080   1.00 30.00 ? 3 PHE G CA  1 
ATOM 822  C C   . PHE M 1 3 ? 0.863   4.718   6.625   1.00 30.00 ? 3 PHE G C   1 
ATOM 823  O O   . PHE M 1 3 ? 0.885   5.808   6.060   1.00 30.00 ? 3 PHE G O   1 
ATOM 824  C CB  . PHE M 1 3 ? -1.177  3.644   5.806   1.00 0.00  ? 3 PHE G CB  1 
ATOM 825  C CG  . PHE M 1 3 ? -2.310  2.688   6.051   1.00 0.00  ? 3 PHE G CG  1 
ATOM 826  C CD1 . PHE M 1 3 ? -3.383  3.053   6.843   1.00 0.00  ? 3 PHE G CD1 1 
ATOM 827  C CD2 . PHE M 1 3 ? -2.319  1.440   5.456   1.00 0.00  ? 3 PHE G CD2 1 
ATOM 828  C CE1 . PHE M 1 3 ? -4.433  2.181   7.059   1.00 0.00  ? 3 PHE G CE1 1 
ATOM 829  C CE2 . PHE M 1 3 ? -3.366  0.564   5.666   1.00 0.00  ? 3 PHE G CE2 1 
ATOM 830  C CZ  . PHE M 1 3 ? -4.425  0.935   6.468   1.00 0.00  ? 3 PHE G CZ  1 
ATOM 831  N N   . LYS M 1 4 ? 1.964   4.014   6.874   1.00 30.00 ? 4 LYS G N   1 
ATOM 832  C CA  . LYS M 1 4 ? 3.278   4.437   6.414   1.00 30.00 ? 4 LYS G CA  1 
ATOM 833  C C   . LYS M 1 4 ? 3.920   3.189   5.834   1.00 30.00 ? 4 LYS G C   1 
ATOM 834  O O   . LYS M 1 4 ? 4.304   2.278   6.569   1.00 30.00 ? 4 LYS G O   1 
ATOM 835  C CB  . LYS M 1 4 ? 4.051   4.982   7.611   1.00 30.00 ? 4 LYS G CB  1 
ATOM 836  C CG  . LYS M 1 4 ? 3.504   6.291   8.156   1.00 30.00 ? 4 LYS G CG  1 
ATOM 837  C CD  . LYS M 1 4 ? 4.224   6.702   9.430   1.00 30.00 ? 4 LYS G CD  1 
ATOM 838  C CE  . LYS M 1 4 ? 5.686   7.011   9.162   1.00 30.00 ? 4 LYS G CE  1 
ATOM 839  N NZ  . LYS M 1 4 ? 6.334   7.526   10.399  1.00 30.00 ? 4 LYS G NZ  1 
ATOM 840  N N   . PHE M 1 5 ? 3.967   3.128   4.509   1.00 30.00 ? 5 PHE G N   1 
ATOM 841  C CA  . PHE M 1 5 ? 4.530   1.991   3.797   1.00 30.00 ? 5 PHE G CA  1 
ATOM 842  C C   . PHE M 1 5 ? 5.780   2.443   3.058   1.00 30.00 ? 5 PHE G C   1 
ATOM 843  O O   . PHE M 1 5 ? 5.700   3.307   2.189   1.00 30.00 ? 5 PHE G O   1 
ATOM 844  C CB  . PHE M 1 5 ? 3.550   1.443   2.759   1.00 0.00  ? 5 PHE G CB  1 
ATOM 845  C CG  . PHE M 1 5 ? 2.324   0.774   3.329   1.00 0.00  ? 5 PHE G CG  1 
ATOM 846  C CD1 . PHE M 1 5 ? 1.845   1.150   4.589   1.00 0.00  ? 5 PHE G CD1 1 
ATOM 847  C CD2 . PHE M 1 5 ? 1.666   -0.223  2.600   1.00 0.00  ? 5 PHE G CD2 1 
ATOM 848  C CE1 . PHE M 1 5 ? 0.707   0.530   5.119   1.00 0.00  ? 5 PHE G CE1 1 
ATOM 849  C CE2 . PHE M 1 5 ? 0.529   -0.843  3.129   1.00 0.00  ? 5 PHE G CE2 1 
ATOM 850  C CZ  . PHE M 1 5 ? 0.049   -0.467  4.389   1.00 0.00  ? 5 PHE G CZ  1 
ATOM 851  N N   . GLN M 1 6 ? 6.931   1.872   3.383   1.00 30.00 ? 6 GLN G N   1 
ATOM 852  C CA  . GLN M 1 6 ? 8.163   2.238   2.693   1.00 30.00 ? 6 GLN G CA  1 
ATOM 853  C C   . GLN M 1 6 ? 8.407   0.979   1.874   1.00 30.00 ? 6 GLN G C   1 
ATOM 854  O O   . GLN M 1 6 ? 8.730   -0.071  2.419   1.00 30.00 ? 6 GLN G O   1 
ATOM 855  C CB  . GLN M 1 6 ? 9.258   2.610   3.688   1.00 30.00 ? 6 GLN G CB  1 
ATOM 856  C CG  . GLN M 1 6 ? 10.540  3.085   3.031   1.00 30.00 ? 6 GLN G CG  1 
ATOM 857  C CD  . GLN M 1 6 ? 11.281  4.103   3.872   1.00 30.00 ? 6 GLN G CD  1 
ATOM 858  O OE1 . GLN M 1 6 ? 11.311  4.008   5.096   1.00 30.00 ? 6 GLN G OE1 1 
ATOM 859  N NE2 . GLN M 1 6 ? 11.885  5.084   3.215   1.00 30.00 ? 6 GLN G NE2 1 
ATOM 860  N N   . PHE M 1 7 ? 8.247   1.094   0.560   1.00 30.00 ? 7 PHE G N   1 
ATOM 861  C CA  . PHE M 1 7 ? 8.447   -0.033  -0.341  1.00 30.00 ? 7 PHE G CA  1 
ATOM 862  C C   . PHE M 1 7 ? 9.888   0.103   -0.827  1.00 30.00 ? 7 PHE G C   1 
ATOM 863  O O   . PHE M 1 7 ? 10.394  1.210   -1.011  1.00 30.00 ? 7 PHE G O   1 
ATOM 864  C CB  . PHE M 1 7 ? 7.487   -0.025  -1.532  1.00 30.00 ? 7 PHE G CB  1 
ATOM 865  C CG  . PHE M 1 7 ? 6.041   -0.149  -1.147  1.00 30.00 ? 7 PHE G CG  1 
ATOM 866  C CD1 . PHE M 1 7 ? 5.315   0.964   -0.755  1.00 30.00 ? 7 PHE G CD1 1 
ATOM 867  C CD2 . PHE M 1 7 ? 5.405   -1.379  -1.175  1.00 30.00 ? 7 PHE G CD2 1 
ATOM 868  C CE1 . PHE M 1 7 ? 3.985   0.854   -0.398  1.00 30.00 ? 7 PHE G CE1 1 
ATOM 869  C CE2 . PHE M 1 7 ? 4.075   -1.498  -0.820  1.00 30.00 ? 7 PHE G CE2 1 
ATOM 870  C CZ  . PHE M 1 7 ? 3.364   -0.379  -0.431  1.00 30.00 ? 7 PHE G CZ  1 
ATOM 871  O OXT . PHE M 1 7 ? 10.577  -0.892  -1.047  1.00 0.00  ? 7 PHE G OXT 1 
ATOM 872  N N   . CYS N 1 1 ? 17.346  -0.492  -4.377  1.00 30.00 ? 1 CYS H N   1 
ATOM 873  C CA  . CYS N 1 1 ? 17.341  0.436   -3.254  1.00 30.00 ? 1 CYS H CA  1 
ATOM 874  C C   . CYS N 1 1 ? 18.584  0.249   -2.412  1.00 30.00 ? 1 CYS H C   1 
ATOM 875  O O   . CYS N 1 1 ? 19.131  -0.842  -2.426  1.00 30.00 ? 1 CYS H O   1 
ATOM 876  C CB  . CYS N 1 1 ? 16.091  0.225   -2.399  1.00 30.00 ? 1 CYS H CB  1 
ATOM 877  S SG  . CYS N 1 1 ? 14.541  0.534   -3.277  1.00 30.00 ? 1 CYS H SG  1 
ATOM 878  N N   . LYS N 1 2 ? 19.159  1.286   -1.771  1.00 30.00 ? 2 LYS H N   1 
ATOM 879  C CA  . LYS N 1 2 ? 20.236  1.023   -0.825  1.00 30.00 ? 2 LYS H CA  1 
ATOM 880  C C   . LYS N 1 2 ? 19.912  1.321   0.641   1.00 30.00 ? 2 LYS H C   1 
ATOM 881  O O   . LYS N 1 2 ? 20.197  0.500   1.507   1.00 30.00 ? 2 LYS H O   1 
ATOM 882  C CB  . LYS N 1 2 ? 21.505  1.800   -1.200  1.00 0.00  ? 2 LYS H CB  1 
ATOM 883  C CG  . LYS N 1 2 ? 22.751  1.344   -0.460  1.00 0.00  ? 2 LYS H CG  1 
ATOM 884  C CD  . LYS N 1 2 ? 24.010  1.878   -1.120  1.00 0.00  ? 2 LYS H CD  1 
ATOM 885  C CE  . LYS N 1 2 ? 25.147  0.874   -1.036  1.00 0.00  ? 2 LYS H CE  1 
ATOM 886  N NZ  . LYS N 1 2 ? 26.470  1.512   -1.285  1.00 0.00  ? 2 LYS H NZ  1 
ATOM 887  N N   . PHE N 1 3 ? 19.323  2.484   0.932   1.00 30.00 ? 3 PHE H N   1 
ATOM 888  C CA  . PHE N 1 3 ? 19.013  2.779   2.317   1.00 30.00 ? 3 PHE H CA  1 
ATOM 889  C C   . PHE N 1 3 ? 17.512  3.049   2.382   1.00 30.00 ? 3 PHE H C   1 
ATOM 890  O O   . PHE N 1 3 ? 16.955  3.716   1.511   1.00 30.00 ? 3 PHE H O   1 
ATOM 891  C CB  . PHE N 1 3 ? 19.787  3.996   2.825   1.00 0.00  ? 3 PHE H CB  1 
ATOM 892  C CG  . PHE N 1 3 ? 21.243  3.728   3.078   1.00 0.00  ? 3 PHE H CG  1 
ATOM 893  C CD1 . PHE N 1 3 ? 22.143  3.670   2.026   1.00 0.00  ? 3 PHE H CD1 1 
ATOM 894  C CD2 . PHE N 1 3 ? 21.713  3.535   4.366   1.00 0.00  ? 3 PHE H CD2 1 
ATOM 895  C CE1 . PHE N 1 3 ? 23.484  3.424   2.254   1.00 0.00  ? 3 PHE H CE1 1 
ATOM 896  C CE2 . PHE N 1 3 ? 23.053  3.288   4.601   1.00 0.00  ? 3 PHE H CE2 1 
ATOM 897  C CZ  . PHE N 1 3 ? 23.939  3.232   3.544   1.00 0.00  ? 3 PHE H CZ  1 
ATOM 898  N N   . LYS N 1 4 ? 16.871  2.515   3.415   1.00 30.00 ? 4 LYS H N   1 
ATOM 899  C CA  . LYS N 1 4 ? 15.441  2.689   3.611   1.00 30.00 ? 4 LYS H CA  1 
ATOM 900  C C   . LYS N 1 4 ? 15.314  2.977   5.098   1.00 30.00 ? 4 LYS H C   1 
ATOM 901  O O   . LYS N 1 4 ? 15.474  2.089   5.930   1.00 30.00 ? 4 LYS H O   1 
ATOM 902  C CB  . LYS N 1 4 ? 14.680  1.447   3.148   1.00 30.00 ? 4 LYS H CB  1 
ATOM 903  C CG  . LYS N 1 4 ? 14.750  1.209   1.649   1.00 30.00 ? 4 LYS H CG  1 
ATOM 904  C CD  . LYS N 1 4 ? 14.063  -0.088  1.262   1.00 30.00 ? 4 LYS H CD  1 
ATOM 905  C CE  . LYS N 1 4 ? 12.568  -0.010  1.502   1.00 30.00 ? 4 LYS H CE  1 
ATOM 906  N NZ  . LYS N 1 4 ? 11.918  -1.336  1.332   1.00 30.00 ? 4 LYS H NZ  1 
ATOM 907  N N   . PHE N 1 5 ? 15.020  4.229   5.421   1.00 30.00 ? 5 PHE H N   1 
ATOM 908  C CA  . PHE N 1 5 ? 14.882  4.669   6.795   1.00 30.00 ? 5 PHE H CA  1 
ATOM 909  C C   . PHE N 1 5 ? 13.428  5.063   6.935   1.00 30.00 ? 5 PHE H C   1 
ATOM 910  O O   . PHE N 1 5 ? 12.901  5.794   6.102   1.00 30.00 ? 5 PHE H O   1 
ATOM 911  C CB  . PHE N 1 5 ? 15.745  5.886   7.113   1.00 0.00  ? 5 PHE H CB  1 
ATOM 912  C CG  . PHE N 1 5 ? 17.219  5.609   7.270   1.00 0.00  ? 5 PHE H CG  1 
ATOM 913  C CD1 . PHE N 1 5 ? 17.980  5.214   6.164   1.00 0.00  ? 5 PHE H CD1 1 
ATOM 914  C CD2 . PHE N 1 5 ? 17.828  5.749   8.524   1.00 0.00  ? 5 PHE H CD2 1 
ATOM 915  C CE1 . PHE N 1 5 ? 19.348  4.957   6.309   1.00 0.00  ? 5 PHE H CE1 1 
ATOM 916  C CE2 . PHE N 1 5 ? 19.196  5.491   8.669   1.00 0.00  ? 5 PHE H CE2 1 
ATOM 917  C CZ  . PHE N 1 5 ? 19.956  5.096   7.562   1.00 0.00  ? 5 PHE H CZ  1 
ATOM 918  N N   . GLN N 1 6 ? 12.777  4.554   7.974   1.00 30.00 ? 6 GLN H N   1 
ATOM 919  C CA  . GLN N 1 6 ? 11.378  4.860   8.240   1.00 30.00 ? 6 GLN H CA  1 
ATOM 920  C C   . GLN N 1 6 ? 11.279  5.377   9.664   1.00 30.00 ? 6 GLN H C   1 
ATOM 921  O O   . GLN N 1 6 ? 11.604  4.664   10.613  1.00 30.00 ? 6 GLN H O   1 
ATOM 922  C CB  . GLN N 1 6 ? 10.509  3.613   8.065   1.00 30.00 ? 6 GLN H CB  1 
ATOM 923  C CG  . GLN N 1 6 ? 9.079   3.779   8.556   1.00 30.00 ? 6 GLN H CG  1 
ATOM 924  C CD  . GLN N 1 6 ? 8.073   3.099   7.651   1.00 30.00 ? 6 GLN H CD  1 
ATOM 925  O OE1 . GLN N 1 6 ? 8.396   2.138   6.953   1.00 30.00 ? 6 GLN H OE1 1 
ATOM 926  N NE2 . GLN N 1 6 ? 6.841   3.597   7.659   1.00 30.00 ? 6 GLN H NE2 1 
ATOM 927  N N   . PHE N 1 7 ? 10.829  6.618   9.822   1.00 30.00 ? 7 PHE H N   1 
ATOM 928  C CA  . PHE N 1 7 ? 10.740  7.198   11.157  1.00 30.00 ? 7 PHE H CA  1 
ATOM 929  C C   . PHE N 1 7 ? 9.287   7.384   11.579  1.00 30.00 ? 7 PHE H C   1 
ATOM 930  O O   . PHE N 1 7 ? 8.637   8.358   11.200  1.00 30.00 ? 7 PHE H O   1 
ATOM 931  C CB  . PHE N 1 7 ? 11.480  8.536   11.209  1.00 30.00 ? 7 PHE H CB  1 
ATOM 932  C CG  . PHE N 1 7 ? 12.880  8.476   10.669  1.00 30.00 ? 7 PHE H CG  1 
ATOM 933  C CD1 . PHE N 1 7 ? 13.942  8.143   11.495  1.00 30.00 ? 7 PHE H CD1 1 
ATOM 934  C CD2 . PHE N 1 7 ? 13.136  8.751   9.336   1.00 30.00 ? 7 PHE H CD2 1 
ATOM 935  C CE1 . PHE N 1 7 ? 15.231  8.086   11.001  1.00 30.00 ? 7 PHE H CE1 1 
ATOM 936  C CE2 . PHE N 1 7 ? 14.422  8.697   8.835   1.00 30.00 ? 7 PHE H CE2 1 
ATOM 937  C CZ  . PHE N 1 7 ? 15.472  8.363   9.669   1.00 30.00 ? 7 PHE H CZ  1 
ATOM 938  O OXT . PHE N 1 7 ? 8.729   6.564   12.307  1.00 0.00  ? 7 PHE H OXT 1 
ATOM 939  N N   . CYS O 1 1 ? 22.683  16.590  17.150  1.00 30.00 ? 1 CYS I N   1 
ATOM 940  C CA  . CYS O 1 1 ? 22.538  15.807  18.372  1.00 30.00 ? 1 CYS I CA  1 
ATOM 941  C C   . CYS O 1 1 ? 21.762  14.521  18.112  1.00 30.00 ? 1 CYS I C   1 
ATOM 942  O O   . CYS O 1 1 ? 22.246  13.424  18.399  1.00 30.00 ? 1 CYS I O   1 
ATOM 943  C CB  . CYS O 1 1 ? 21.842  16.631  19.457  1.00 30.00 ? 1 CYS I CB  1 
ATOM 944  S SG  . CYS O 1 1 ? 22.147  16.055  21.143  1.00 30.00 ? 1 CYS I SG  1 
ATOM 945  N N   . LYS O 1 2 ? 20.575  14.657  17.535  1.00 30.00 ? 2 LYS I N   1 
ATOM 946  C CA  . LYS O 1 2 ? 19.701  13.515  17.278  1.00 30.00 ? 2 LYS I CA  1 
ATOM 947  C C   . LYS O 1 2 ? 20.120  12.629  16.098  1.00 30.00 ? 2 LYS I C   1 
ATOM 948  O O   . LYS O 1 2 ? 20.338  11.427  16.261  1.00 30.00 ? 2 LYS I O   1 
ATOM 949  C CB  . LYS O 1 2 ? 18.243  13.881  16.977  1.00 0.00  ? 2 LYS I CB  1 
ATOM 950  C CG  . LYS O 1 2 ? 17.320  13.803  18.184  1.00 0.00  ? 2 LYS I CG  1 
ATOM 951  C CD  . LYS O 1 2 ? 17.266  12.391  18.745  1.00 0.00  ? 2 LYS I CD  1 
ATOM 952  C CE  . LYS O 1 2 ? 15.833  11.912  18.899  1.00 0.00  ? 2 LYS I CE  1 
ATOM 953  N NZ  . LYS O 1 2 ? 15.695  10.907  19.989  1.00 0.00  ? 2 LYS I NZ  1 
ATOM 954  N N   . PHE O 1 3 ? 20.174  13.230  14.917  1.00 30.00 ? 3 PHE I N   1 
ATOM 955  C CA  . PHE O 1 3 ? 20.555  12.526  13.703  1.00 30.00 ? 3 PHE I CA  1 
ATOM 956  C C   . PHE O 1 3 ? 21.465  13.401  12.858  1.00 30.00 ? 3 PHE I C   1 
ATOM 957  O O   . PHE O 1 3 ? 21.169  14.568  12.610  1.00 30.00 ? 3 PHE I O   1 
ATOM 958  C CB  . PHE O 1 3 ? 19.314  12.115  12.912  1.00 0.00  ? 3 PHE I CB  1 
ATOM 959  C CG  . PHE O 1 3 ? 18.495  11.050  13.583  1.00 0.00  ? 3 PHE I CG  1 
ATOM 960  C CD1 . PHE O 1 3 ? 17.499  11.387  14.485  1.00 0.00  ? 3 PHE I CD1 1 
ATOM 961  C CD2 . PHE O 1 3 ? 18.720  9.712   13.311  1.00 0.00  ? 3 PHE I CD2 1 
ATOM 962  C CE1 . PHE O 1 3 ? 16.745  10.410  15.104  1.00 0.00  ? 3 PHE I CE1 1 
ATOM 963  C CE2 . PHE O 1 3 ? 17.968  8.730   13.926  1.00 0.00  ? 3 PHE I CE2 1 
ATOM 964  C CZ  . PHE O 1 3 ? 16.980  9.080   14.825  1.00 0.00  ? 3 PHE I CZ  1 
ATOM 965  N N   . LYS O 1 4 ? 22.574  12.825  12.420  1.00 30.00 ? 4 LYS I N   1 
ATOM 966  C CA  . LYS O 1 4 ? 23.555  13.539  11.635  1.00 30.00 ? 4 LYS I CA  1 
ATOM 967  C C   . LYS O 1 4 ? 23.843  12.575  10.499  1.00 30.00 ? 4 LYS I C   1 
ATOM 968  O O   . LYS O 1 4 ? 24.374  11.483  10.704  1.00 30.00 ? 4 LYS I O   1 
ATOM 969  C CB  . LYS O 1 4 ? 24.818  13.801  12.451  1.00 0.00  ? 4 LYS I CB  1 
ATOM 970  C CG  . LYS O 1 4 ? 24.561  14.456  13.799  1.00 0.00  ? 4 LYS I CG  1 
ATOM 971  C CD  . LYS O 1 4 ? 25.688  15.401  14.178  1.00 0.00  ? 4 LYS I CD  1 
ATOM 972  C CE  . LYS O 1 4 ? 25.363  16.163  15.452  1.00 0.00  ? 4 LYS I CE  1 
ATOM 973  N NZ  . LYS O 1 4 ? 26.474  16.094  16.442  1.00 0.00  ? 4 LYS I NZ  1 
ATOM 974  N N   . PHE O 1 5 ? 23.483  12.997  9.299   1.00 30.00 ? 5 PHE I N   1 
ATOM 975  C CA  . PHE O 1 5 ? 23.628  12.196  8.094   1.00 30.00 ? 5 PHE I CA  1 
ATOM 976  C C   . PHE O 1 5 ? 24.504  12.991  7.144   1.00 30.00 ? 5 PHE I C   1 
ATOM 977  O O   . PHE O 1 5 ? 24.159  14.112  6.768   1.00 30.00 ? 5 PHE I O   1 
ATOM 978  C CB  . PHE O 1 5 ? 22.264  11.922  7.460   1.00 0.00  ? 5 PHE I CB  1 
ATOM 979  C CG  . PHE O 1 5 ? 21.497  10.815  8.125   1.00 0.00  ? 5 PHE I CG  1 
ATOM 980  C CD1 . PHE O 1 5 ? 20.852  11.028  9.331   1.00 0.00  ? 5 PHE I CD1 1 
ATOM 981  C CD2 . PHE O 1 5 ? 21.422  9.560   7.543   1.00 0.00  ? 5 PHE I CD2 1 
ATOM 982  C CE1 . PHE O 1 5 ? 20.147  10.012  9.945   1.00 0.00  ? 5 PHE I CE1 1 
ATOM 983  C CE2 . PHE O 1 5 ? 20.718  8.539   8.153   1.00 0.00  ? 5 PHE I CE2 1 
ATOM 984  C CZ  . PHE O 1 5 ? 20.078  8.766   9.356   1.00 0.00  ? 5 PHE I CZ  1 
ATOM 985  N N   . GLN O 1 6 ? 25.686  12.513  6.798   1.00 30.00 ? 6 GLN I N   1 
ATOM 986  C CA  . GLN O 1 6 ? 26.523  13.316  5.914   1.00 30.00 ? 6 GLN I CA  1 
ATOM 987  C C   . GLN O 1 6 ? 26.931  12.479  4.708   1.00 30.00 ? 6 GLN I C   1 
ATOM 988  O O   . GLN O 1 6 ? 27.355  11.401  4.938   1.00 30.00 ? 6 GLN I O   1 
ATOM 989  C CB  . GLN O 1 6 ? 27.769  13.787  6.661   1.00 30.00 ? 6 GLN I CB  1 
ATOM 990  C CG  . GLN O 1 6 ? 27.509  14.939  7.618   1.00 30.00 ? 6 GLN I CG  1 
ATOM 991  C CD  . GLN O 1 6 ? 28.734  15.319  8.424   1.00 30.00 ? 6 GLN I CD  1 
ATOM 992  O OE1 . GLN O 1 6 ? 28.850  14.972  9.599   1.00 30.00 ? 6 GLN I OE1 1 
ATOM 993  N NE2 . GLN O 1 6 ? 29.655  16.040  7.796   1.00 30.00 ? 6 GLN I NE2 1 
ATOM 994  N N   . PHE O 1 7 ? 26.824  12.997  3.476   1.00 30.00 ? 7 PHE I N   1 
ATOM 995  C CA  . PHE O 1 7 ? 27.149  12.361  2.204   1.00 30.00 ? 7 PHE I CA  1 
ATOM 996  C C   . PHE O 1 7 ? 28.290  13.063  1.476   1.00 30.00 ? 7 PHE I C   1 
ATOM 997  O O   . PHE O 1 7 ? 28.165  14.218  1.069   1.00 30.00 ? 7 PHE I O   1 
ATOM 998  C CB  . PHE O 1 7 ? 25.898  12.341  1.322   1.00 30.00 ? 7 PHE I CB  1 
ATOM 999  C CG  . PHE O 1 7 ? 24.626  12.087  2.080   1.00 30.00 ? 7 PHE I CG  1 
ATOM 1000 C CD1 . PHE O 1 7 ? 23.920  13.137  2.643   1.00 30.00 ? 7 PHE I CD1 1 
ATOM 1001 C CD2 . PHE O 1 7 ? 24.138  10.800  2.229   1.00 30.00 ? 7 PHE I CD2 1 
ATOM 1002 C CE1 . PHE O 1 7 ? 22.749  12.908  3.341   1.00 30.00 ? 7 PHE I CE1 1 
ATOM 1003 C CE2 . PHE O 1 7 ? 22.968  10.564  2.926   1.00 30.00 ? 7 PHE I CE2 1 
ATOM 1004 C CZ  . PHE O 1 7 ? 22.272  11.620  3.482   1.00 30.00 ? 7 PHE I CZ  1 
ATOM 1005 O OXT . PHE O 1 7 ? 29.362  12.493  1.278   1.00 0.00  ? 7 PHE I OXT 1 
ATOM 1006 N N   . CYS P 1 1 ? 1.002   -11.238 -9.871  1.00 30.00 ? 1 CYS J N   1 
ATOM 1007 C CA  . CYS P 1 1 ? 1.275   -9.917  -9.321  1.00 30.00 ? 1 CYS J CA  1 
ATOM 1008 C C   . CYS P 1 1 ? 2.298   -9.990  -8.192  1.00 30.00 ? 1 CYS J C   1 
ATOM 1009 O O   . CYS P 1 1 ? 2.746   -11.074 -7.815  1.00 30.00 ? 1 CYS J O   1 
ATOM 1010 C CB  . CYS P 1 1 ? -0.015  -9.267  -8.817  1.00 30.00 ? 1 CYS J CB  1 
ATOM 1011 S SG  . CYS P 1 1 ? -1.291  -9.061  -10.081 1.00 30.00 ? 1 CYS J SG  1 
ATOM 1012 N N   . LYS P 1 2 ? 2.674   -8.830  -7.666  1.00 30.00 ? 2 LYS J N   1 
ATOM 1013 C CA  . LYS P 1 2 ? 3.631   -8.752  -6.572  1.00 30.00 ? 2 LYS J CA  1 
ATOM 1014 C C   . LYS P 1 2 ? 2.880   -8.267  -5.316  1.00 30.00 ? 2 LYS J C   1 
ATOM 1015 O O   . LYS P 1 2 ? 3.156   -8.729  -4.209  1.00 30.00 ? 2 LYS J O   1 
ATOM 1016 C CB  . LYS P 1 2 ? 4.762   -7.799  -6.961  1.00 0.00  ? 2 LYS J CB  1 
ATOM 1017 C CG  . LYS P 1 2 ? 5.889   -7.725  -5.944  1.00 0.00  ? 2 LYS J CG  1 
ATOM 1018 C CD  . LYS P 1 2 ? 7.147   -8.401  -6.467  1.00 0.00  ? 2 LYS J CD  1 
ATOM 1019 C CE  . LYS P 1 2 ? 8.306   -8.228  -5.499  1.00 0.00  ? 2 LYS J CE  1 
ATOM 1020 N NZ  . LYS P 1 2 ? 9.381   -7.367  -6.066  1.00 0.00  ? 2 LYS J NZ  1 
ATOM 1021 N N   . PHE P 1 3 ? 1.913   -7.372  -5.500  1.00 30.00 ? 3 PHE J N   1 
ATOM 1022 C CA  . PHE P 1 3 ? 1.146   -6.837  -4.377  1.00 30.00 ? 3 PHE J CA  1 
ATOM 1023 C C   . PHE P 1 3 ? -0.361  -6.732  -4.630  1.00 30.00 ? 3 PHE J C   1 
ATOM 1024 O O   . PHE P 1 3 ? -0.784  -6.213  -5.659  1.00 30.00 ? 3 PHE J O   1 
ATOM 1025 C CB  . PHE P 1 3 ? 1.619   -5.418  -4.049  1.00 0.00  ? 3 PHE J CB  1 
ATOM 1026 C CG  . PHE P 1 3 ? 2.975   -5.360  -3.405  1.00 0.00  ? 3 PHE J CG  1 
ATOM 1027 C CD1 . PHE P 1 3 ? 4.085   -5.873  -4.049  1.00 0.00  ? 3 PHE J CD1 1 
ATOM 1028 C CD2 . PHE P 1 3 ? 3.144   -4.754  -2.173  1.00 0.00  ? 3 PHE J CD2 1 
ATOM 1029 C CE1 . PHE P 1 3 ? 5.336   -5.809  -3.466  1.00 0.00  ? 3 PHE J CE1 1 
ATOM 1030 C CE2 . PHE P 1 3 ? 4.392   -4.684  -1.585  1.00 0.00  ? 3 PHE J CE2 1 
ATOM 1031 C CZ  . PHE P 1 3 ? 5.490   -5.212  -2.233  1.00 0.00  ? 3 PHE J CZ  1 
ATOM 1032 N N   . LYS P 1 4 ? -1.163  -7.228  -3.691  1.00 30.00 ? 4 LYS J N   1 
ATOM 1033 C CA  . LYS P 1 4 ? -2.612  -7.111  -3.766  1.00 30.00 ? 4 LYS J CA  1 
ATOM 1034 C C   . LYS P 1 4 ? -3.050  -6.679  -2.377  1.00 30.00 ? 4 LYS J C   1 
ATOM 1035 O O   . LYS P 1 4 ? -3.012  -7.466  -1.431  1.00 30.00 ? 4 LYS J O   1 
ATOM 1036 C CB  . LYS P 1 4 ? -3.182  -8.471  -4.155  1.00 30.00 ? 4 LYS J CB  1 
ATOM 1037 C CG  . LYS P 1 4 ? -2.856  -8.894  -5.579  1.00 30.00 ? 4 LYS J CG  1 
ATOM 1038 C CD  . LYS P 1 4 ? -3.324  -10.314 -5.854  1.00 30.00 ? 4 LYS J CD  1 
ATOM 1039 C CE  . LYS P 1 4 ? -4.838  -10.417 -5.790  1.00 30.00 ? 4 LYS J CE  1 
ATOM 1040 N NZ  . LYS P 1 4 ? -5.273  -11.785 -6.182  1.00 30.00 ? 4 LYS J NZ  1 
ATOM 1041 N N   . PHE P 1 5 ? -3.400  -5.404  -2.255  1.00 30.00 ? 5 PHE J N   1 
ATOM 1042 C CA  . PHE P 1 5 ? -3.823  -4.828  -0.988  1.00 30.00 ? 5 PHE J CA  1 
ATOM 1043 C C   . PHE P 1 5 ? -5.286  -4.425  -1.095  1.00 30.00 ? 5 PHE J C   1 
ATOM 1044 O O   . PHE P 1 5 ? -5.631  -3.582  -1.917  1.00 30.00 ? 5 PHE J O   1 
ATOM 1045 C CB  . PHE P 1 5 ? -3.020  -3.571  -0.651  1.00 0.00  ? 5 PHE J CB  1 
ATOM 1046 C CG  . PHE P 1 5 ? -1.568  -3.811  -0.322  1.00 0.00  ? 5 PHE J CG  1 
ATOM 1047 C CD1 . PHE P 1 5 ? -0.905  -4.923  -0.852  1.00 0.00  ? 5 PHE J CD1 1 
ATOM 1048 C CD2 . PHE P 1 5 ? -0.882  -2.923  0.514   1.00 0.00  ? 5 PHE J CD2 1 
ATOM 1049 C CE1 . PHE P 1 5 ? 0.443   -5.147  -0.547  1.00 0.00  ? 5 PHE J CE1 1 
ATOM 1050 C CE2 . PHE P 1 5 ? 0.464   -3.146  0.821   1.00 0.00  ? 5 PHE J CE2 1 
ATOM 1051 C CZ  . PHE P 1 5 ? 1.127   -4.258  0.290   1.00 0.00  ? 5 PHE J CZ  1 
ATOM 1052 N N   . GLN P 1 6 ? -6.150  -5.010  -0.276  1.00 30.00 ? 6 GLN J N   1 
ATOM 1053 C CA  . GLN P 1 6 ? -7.562  -4.648  -0.306  1.00 30.00 ? 6 GLN J CA  1 
ATOM 1054 C C   . GLN P 1 6 ? -7.683  -3.888  1.006   1.00 30.00 ? 6 GLN J C   1 
ATOM 1055 O O   . GLN P 1 6 ? -7.598  -4.473  2.081   1.00 30.00 ? 6 GLN J O   1 
ATOM 1056 C CB  . GLN P 1 6 ? -8.441  -5.888  -0.442  1.00 30.00 ? 6 GLN J CB  1 
ATOM 1057 C CG  . GLN P 1 6 ? -9.920  -5.573  -0.566  1.00 30.00 ? 6 GLN J CG  1 
ATOM 1058 C CD  . GLN P 1 6 ? -10.661 -6.591  -1.409  1.00 30.00 ? 6 GLN J CD  1 
ATOM 1059 O OE1 . GLN P 1 6 ? -10.371 -7.783  -1.358  1.00 30.00 ? 6 GLN J OE1 1 
ATOM 1060 N NE2 . GLN P 1 6 ? -11.627 -6.122  -2.187  1.00 30.00 ? 6 GLN J NE2 1 
ATOM 1061 N N   . PHE P 1 7 ? -7.878  -2.577  0.908   1.00 30.00 ? 7 PHE J N   1 
ATOM 1062 C CA  . PHE P 1 7 ? -8.008  -1.728  2.085   1.00 30.00 ? 7 PHE J CA  1 
ATOM 1063 C C   . PHE P 1 7 ? -9.512  -1.611  2.321   1.00 30.00 ? 7 PHE J C   1 
ATOM 1064 O O   . PHE P 1 7 ? -10.301 -1.580  1.377   1.00 30.00 ? 7 PHE J O   1 
ATOM 1065 C CB  . PHE P 1 7 ? -7.396  -0.340  1.893   1.00 30.00 ? 7 PHE J CB  1 
ATOM 1066 C CG  . PHE P 1 7 ? -5.915  -0.358  1.649   1.00 30.00 ? 7 PHE J CG  1 
ATOM 1067 C CD1 . PHE P 1 7 ? -5.410  -0.585  0.379   1.00 30.00 ? 7 PHE J CD1 1 
ATOM 1068 C CD2 . PHE P 1 7 ? -5.024  -0.150  2.689   1.00 30.00 ? 7 PHE J CD2 1 
ATOM 1069 C CE1 . PHE P 1 7 ? -4.047  -0.604  0.150   1.00 30.00 ? 7 PHE J CE1 1 
ATOM 1070 C CE2 . PHE P 1 7 ? -3.660  -0.167  2.469   1.00 30.00 ? 7 PHE J CE2 1 
ATOM 1071 C CZ  . PHE P 1 7 ? -3.171  -0.394  1.197   1.00 30.00 ? 7 PHE J CZ  1 
ATOM 1072 O OXT . PHE P 1 7 ? -9.970  -1.545  3.461   1.00 0.00  ? 7 PHE J OXT 1 
ATOM 1073 N N   . CYS Q 1 1 ? -17.229 0.024   4.840   1.00 30.00 ? 1 CYS K N   1 
ATOM 1074 C CA  . CYS Q 1 1 ? -17.179 -1.083  3.895   1.00 30.00 ? 1 CYS K CA  1 
ATOM 1075 C C   . CYS Q 1 1 ? -18.098 -2.199  4.343   1.00 30.00 ? 1 CYS K C   1 
ATOM 1076 O O   . CYS Q 1 1 ? -18.350 -2.295  5.533   1.00 30.00 ? 1 CYS K O   1 
ATOM 1077 C CB  . CYS Q 1 1 ? -15.748 -1.603  3.763   1.00 30.00 ? 1 CYS K CB  1 
ATOM 1078 S SG  . CYS Q 1 1 ? -14.580 -0.380  3.124   1.00 30.00 ? 1 CYS K SG  1 
ATOM 1079 N N   . LYS Q 1 2 ? -18.736 -2.982  3.449   1.00 30.00 ? 2 LYS K N   1 
ATOM 1080 C CA  . LYS Q 1 2 ? -19.456 -4.156  3.927   1.00 30.00 ? 2 LYS K CA  1 
ATOM 1081 C C   . LYS Q 1 2 ? -18.871 -5.505  3.502   1.00 30.00 ? 2 LYS K C   1 
ATOM 1082 O O   . LYS Q 1 2 ? -18.728 -6.397  4.332   1.00 30.00 ? 2 LYS K O   1 
ATOM 1083 C CB  . LYS Q 1 2 ? -20.928 -4.118  3.496   1.00 0.00  ? 2 LYS K CB  1 
ATOM 1084 C CG  . LYS Q 1 2 ? -21.808 -5.130  4.209   1.00 0.00  ? 2 LYS K CG  1 
ATOM 1085 C CD  . LYS Q 1 2 ? -23.281 -4.808  4.021   1.00 0.00  ? 2 LYS K CD  1 
ATOM 1086 C CE  . LYS Q 1 2 ? -24.083 -5.146  5.266   1.00 0.00  ? 2 LYS K CE  1 
ATOM 1087 N NZ  . LYS Q 1 2 ? -25.541 -5.241  4.977   1.00 0.00  ? 2 LYS K NZ  1 
ATOM 1088 N N   . PHE Q 1 3 ? -18.530 -5.667  2.220   1.00 30.00 ? 3 PHE K N   1 
ATOM 1089 C CA  . PHE Q 1 3 ? -17.976 -6.941  1.805   1.00 30.00 ? 3 PHE K CA  1 
ATOM 1090 C C   . PHE Q 1 3 ? -16.617 -6.643  1.178   1.00 30.00 ? 3 PHE K C   1 
ATOM 1091 O O   . PHE Q 1 3 ? -16.466 -5.677  0.431   1.00 30.00 ? 3 PHE K O   1 
ATOM 1092 C CB  . PHE Q 1 3 ? -18.878 -7.648  0.791   1.00 0.00  ? 3 PHE K CB  1 
ATOM 1093 C CG  . PHE Q 1 3 ? -20.119 -8.242  1.392   1.00 0.00  ? 3 PHE K CG  1 
ATOM 1094 C CD1 . PHE Q 1 3 ? -21.204 -7.441  1.708   1.00 0.00  ? 3 PHE K CD1 1 
ATOM 1095 C CD2 . PHE Q 1 3 ? -20.201 -9.601  1.642   1.00 0.00  ? 3 PHE K CD2 1 
ATOM 1096 C CE1 . PHE Q 1 3 ? -22.348 -7.984  2.261   1.00 0.00  ? 3 PHE K CE1 1 
ATOM 1097 C CE2 . PHE Q 1 3 ? -21.343 -10.151 2.195   1.00 0.00  ? 3 PHE K CE2 1 
ATOM 1098 C CZ  . PHE Q 1 3 ? -22.418 -9.341  2.506   1.00 0.00  ? 3 PHE K CZ  1 
ATOM 1099 N N   . LYS Q 1 4 ? -15.635 -7.478  1.499   1.00 30.00 ? 4 LYS K N   1 
ATOM 1100 C CA  . LYS Q 1 4 ? -14.287 -7.323  0.978   1.00 30.00 ? 4 LYS K CA  1 
ATOM 1101 C C   . LYS Q 1 4 ? -13.879 -8.739  0.608   1.00 30.00 ? 4 LYS K C   1 
ATOM 1102 O O   . LYS Q 1 4 ? -13.612 -9.567  1.475   1.00 30.00 ? 4 LYS K O   1 
ATOM 1103 C CB  . LYS Q 1 4 ? -13.381 -6.662  2.016   1.00 30.00 ? 4 LYS K CB  1 
ATOM 1104 C CG  . LYS Q 1 4 ? -13.751 -5.221  2.324   1.00 30.00 ? 4 LYS K CG  1 
ATOM 1105 C CD  . LYS Q 1 4 ? -12.882 -4.651  3.431   1.00 30.00 ? 4 LYS K CD  1 
ATOM 1106 C CE  . LYS Q 1 4 ? -11.440 -4.521  2.985   1.00 30.00 ? 4 LYS K CE  1 
ATOM 1107 N NZ  . LYS Q 1 4 ? -10.546 -4.170  4.121   1.00 30.00 ? 4 LYS K NZ  1 
ATOM 1108 N N   . PHE Q 1 5 ? -13.830 -9.007  -0.689  1.00 30.00 ? 5 PHE K N   1 
ATOM 1109 C CA  . PHE Q 1 5 ? -13.476 -10.315 -1.204  1.00 30.00 ? 5 PHE K CA  1 
ATOM 1110 C C   . PHE Q 1 5 ? -12.172 -10.104 -1.942  1.00 30.00 ? 5 PHE K C   1 
ATOM 1111 O O   . PHE Q 1 5 ? -12.057 -9.183  -2.746  1.00 30.00 ? 5 PHE K O   1 
ATOM 1112 C CB  . PHE Q 1 5 ? -14.506 -10.859 -2.188  1.00 0.00  ? 5 PHE K CB  1 
ATOM 1113 C CG  . PHE Q 1 5 ? -15.785 -11.365 -1.570  1.00 0.00  ? 5 PHE K CG  1 
ATOM 1114 C CD1 . PHE Q 1 5 ? -16.671 -10.469 -0.959  1.00 0.00  ? 5 PHE K CD1 1 
ATOM 1115 C CD2 . PHE Q 1 5 ? -16.088 -12.732 -1.608  1.00 0.00  ? 5 PHE K CD2 1 
ATOM 1116 C CE1 . PHE Q 1 5 ? -17.858 -10.939 -0.385  1.00 0.00  ? 5 PHE K CE1 1 
ATOM 1117 C CE2 . PHE Q 1 5 ? -17.276 -13.201 -1.034  1.00 0.00  ? 5 PHE K CE2 1 
ATOM 1118 C CZ  . PHE Q 1 5 ? -18.161 -12.305 -0.423  1.00 0.00  ? 5 PHE K CZ  1 
ATOM 1119 N N   . GLN Q 1 6 ? -11.186 -10.943 -1.647  1.00 30.00 ? 6 GLN K N   1 
ATOM 1120 C CA  . GLN Q 1 6 ? -9.882  -10.865 -2.293  1.00 30.00 ? 6 GLN K CA  1 
ATOM 1121 C C   . GLN Q 1 6 ? -9.571  -12.233 -2.875  1.00 30.00 ? 6 GLN K C   1 
ATOM 1122 O O   . GLN Q 1 6 ? -9.474  -13.218 -2.143  1.00 30.00 ? 6 GLN K O   1 
ATOM 1123 C CB  . GLN Q 1 6 ? -8.804  -10.458 -1.287  1.00 30.00 ? 6 GLN K CB  1 
ATOM 1124 C CG  . GLN Q 1 6 ? -7.383  -10.589 -1.812  1.00 30.00 ? 6 GLN K CG  1 
ATOM 1125 C CD  . GLN Q 1 6 ? -6.491  -9.451  -1.360  1.00 30.00 ? 6 GLN K CD  1 
ATOM 1126 O OE1 . GLN Q 1 6 ? -6.728  -8.834  -0.323  1.00 30.00 ? 6 GLN K OE1 1 
ATOM 1127 N NE2 . GLN Q 1 6 ? -5.453  -9.169  -2.141  1.00 30.00 ? 6 GLN K NE2 1 
ATOM 1128 N N   . PHE Q 1 7 ? -9.413  -12.303 -4.193  1.00 30.00 ? 7 PHE K N   1 
ATOM 1129 C CA  . PHE Q 1 7 ? -9.149  -13.587 -4.830  1.00 30.00 ? 7 PHE K CA  1 
ATOM 1130 C C   . PHE Q 1 7 ? -7.728  -13.646 -5.378  1.00 30.00 ? 7 PHE K C   1 
ATOM 1131 O O   . PHE Q 1 7 ? -7.446  -13.140 -6.464  1.00 30.00 ? 7 PHE K O   1 
ATOM 1132 C CB  . PHE Q 1 7 ? -10.157 -13.846 -5.950  1.00 30.00 ? 7 PHE K CB  1 
ATOM 1133 C CG  . PHE Q 1 7 ? -11.589 -13.662 -5.532  1.00 30.00 ? 7 PHE K CG  1 
ATOM 1134 C CD1 . PHE Q 1 7 ? -12.305 -14.715 -4.986  1.00 30.00 ? 7 PHE K CD1 1 
ATOM 1135 C CD2 . PHE Q 1 7 ? -12.218 -12.438 -5.685  1.00 30.00 ? 7 PHE K CD2 1 
ATOM 1136 C CE1 . PHE Q 1 7 ? -13.622 -14.549 -4.600  1.00 30.00 ? 7 PHE K CE1 1 
ATOM 1137 C CE2 . PHE Q 1 7 ? -13.534 -12.265 -5.302  1.00 30.00 ? 7 PHE K CE2 1 
ATOM 1138 C CZ  . PHE Q 1 7 ? -14.237 -13.322 -4.758  1.00 30.00 ? 7 PHE K CZ  1 
ATOM 1139 O OXT . PHE Q 1 7 ? -6.827  -14.198 -4.747  1.00 0.00  ? 7 PHE K OXT 1 
ATOM 1140 N N   . CYS R 1 1 ? -21.210 -22.506 -11.291 1.00 30.00 ? 1 CYS L N   1 
ATOM 1141 C CA  . CYS R 1 1 ? -20.587 -23.639 -10.616 1.00 30.00 ? 1 CYS L CA  1 
ATOM 1142 C C   . CYS R 1 1 ? -19.608 -23.171 -9.545  1.00 30.00 ? 1 CYS L C   1 
ATOM 1143 O O   . CYS R 1 1 ? -19.725 -23.545 -8.377  1.00 30.00 ? 1 CYS L O   1 
ATOM 1144 C CB  . CYS R 1 1 ? -19.873 -24.539 -11.626 1.00 30.00 ? 1 CYS L CB  1 
ATOM 1145 S SG  . CYS R 1 1 ? -19.612 -26.236 -11.061 1.00 30.00 ? 1 CYS L SG  1 
ATOM 1146 N N   . LYS R 1 2 ? -18.665 -22.325 -9.942  1.00 30.00 ? 2 LYS L N   1 
ATOM 1147 C CA  . LYS R 1 2 ? -17.627 -21.839 -9.035  1.00 30.00 ? 2 LYS L CA  1 
ATOM 1148 C C   . LYS R 1 2 ? -18.090 -20.778 -8.028  1.00 30.00 ? 2 LYS L C   1 
ATOM 1149 O O   . LYS R 1 2 ? -17.962 -20.965 -6.816  1.00 30.00 ? 2 LYS L O   1 
ATOM 1150 C CB  . LYS R 1 2 ? -16.421 -21.199 -9.730  1.00 0.00  ? 2 LYS L CB  1 
ATOM 1151 C CG  . LYS R 1 2 ? -15.243 -22.143 -9.925  1.00 0.00  ? 2 LYS L CG  1 
ATOM 1152 C CD  . LYS R 1 2 ? -14.713 -22.644 -8.592  1.00 0.00  ? 2 LYS L CD  1 
ATOM 1153 C CE  . LYS R 1 2 ? -13.212 -22.434 -8.480  1.00 0.00  ? 2 LYS L CE  1 
ATOM 1154 N NZ  . LYS R 1 2 ? -12.575 -23.436 -7.581  1.00 0.00  ? 2 LYS L NZ  1 
ATOM 1155 N N   . PHE R 1 3 ? -18.573 -19.659 -8.550  1.00 30.00 ? 3 PHE L N   1 
ATOM 1156 C CA  . PHE R 1 3 ? -19.052 -18.561 -7.727  1.00 30.00 ? 3 PHE L CA  1 
ATOM 1157 C C   . PHE R 1 3 ? -20.324 -17.982 -8.322  1.00 30.00 ? 3 PHE L C   1 
ATOM 1158 O O   . PHE R 1 3 ? -20.391 -17.694 -9.515  1.00 30.00 ? 3 PHE L O   1 
ATOM 1159 C CB  . PHE R 1 3 ? -17.977 -17.482 -7.597  1.00 0.00  ? 3 PHE L CB  1 
ATOM 1160 C CG  . PHE R 1 3 ? -16.786 -17.911 -6.789  1.00 0.00  ? 3 PHE L CG  1 
ATOM 1161 C CD1 . PHE R 1 3 ? -15.715 -18.550 -7.392  1.00 0.00  ? 3 PHE L CD1 1 
ATOM 1162 C CD2 . PHE R 1 3 ? -16.737 -17.674 -5.427  1.00 0.00  ? 3 PHE L CD2 1 
ATOM 1163 C CE1 . PHE R 1 3 ? -14.619 -18.946 -6.652  1.00 0.00  ? 3 PHE L CE1 1 
ATOM 1164 C CE2 . PHE R 1 3 ? -15.643 -18.067 -4.680  1.00 0.00  ? 3 PHE L CE2 1 
ATOM 1165 C CZ  . PHE R 1 3 ? -14.582 -18.703 -5.293  1.00 0.00  ? 3 PHE L CZ  1 
ATOM 1166 N N   . LYS R 1 4 ? -21.331 -17.815 -7.479  1.00 30.00 ? 4 LYS L N   1 
ATOM 1167 C CA  . LYS R 1 4 ? -22.616 -17.308 -7.902  1.00 30.00 ? 4 LYS L CA  1 
ATOM 1168 C C   . LYS R 1 4 ? -22.926 -16.256 -6.853  1.00 30.00 ? 4 LYS L C   1 
ATOM 1169 O O   . LYS R 1 4 ? -23.109 -16.562 -5.674  1.00 30.00 ? 4 LYS L O   1 
ATOM 1170 C CB  . LYS R 1 4 ? -23.670 -18.413 -7.884  1.00 0.00  ? 4 LYS L CB  1 
ATOM 1171 C CG  . LYS R 1 4 ? -23.262 -19.671 -8.635  1.00 0.00  ? 4 LYS L CG  1 
ATOM 1172 C CD  . LYS R 1 4 ? -24.460 -20.333 -9.294  1.00 0.00  ? 4 LYS L CD  1 
ATOM 1173 C CE  . LYS R 1 4 ? -24.033 -21.504 -10.163 1.00 0.00  ? 4 LYS L CE  1 
ATOM 1174 N NZ  . LYS R 1 4 ? -24.820 -22.734 -9.867  1.00 0.00  ? 4 LYS L NZ  1 
ATOM 1175 N N   . PHE R 1 5 ? -22.980 -15.014 -7.301  1.00 30.00 ? 5 PHE L N   1 
ATOM 1176 C CA  . PHE R 1 5 ? -23.213 -13.865 -6.441  1.00 30.00 ? 5 PHE L CA  1 
ATOM 1177 C C   . PHE R 1 5 ? -24.458 -13.174 -6.963  1.00 30.00 ? 5 PHE L C   1 
ATOM 1178 O O   . PHE R 1 5 ? -24.499 -12.748 -8.118  1.00 30.00 ? 5 PHE L O   1 
ATOM 1179 C CB  . PHE R 1 5 ? -22.018 -12.911 -6.480  1.00 0.00  ? 5 PHE L CB  1 
ATOM 1180 C CG  . PHE R 1 5 ? -20.866 -13.346 -5.619  1.00 0.00  ? 5 PHE L CG  1 
ATOM 1181 C CD1 . PHE R 1 5 ? -20.021 -14.362 -6.029  1.00 0.00  ? 5 PHE L CD1 1 
ATOM 1182 C CD2 . PHE R 1 5 ? -20.631 -12.737 -4.396  1.00 0.00  ? 5 PHE L CD2 1 
ATOM 1183 C CE1 . PHE R 1 5 ? -18.963 -14.765 -5.239  1.00 0.00  ? 5 PHE L CE1 1 
ATOM 1184 C CE2 . PHE R 1 5 ? -19.573 -13.136 -3.601  1.00 0.00  ? 5 PHE L CE2 1 
ATOM 1185 C CZ  . PHE R 1 5 ? -18.737 -14.151 -4.023  1.00 0.00  ? 5 PHE L CZ  1 
ATOM 1186 N N   . GLN R 1 6 ? -25.536 -13.116 -6.200  1.00 30.00 ? 6 GLN L N   1 
ATOM 1187 C CA  . GLN R 1 6 ? -26.732 -12.480 -6.742  1.00 30.00 ? 6 GLN L CA  1 
ATOM 1188 C C   . GLN R 1 6 ? -27.201 -11.393 -5.784  1.00 30.00 ? 6 GLN L C   1 
ATOM 1189 O O   . GLN R 1 6 ? -27.282 -11.696 -4.646  1.00 30.00 ? 6 GLN L O   1 
ATOM 1190 C CB  . GLN R 1 6 ? -27.836 -13.518 -6.927  1.00 30.00 ? 6 GLN L CB  1 
ATOM 1191 C CG  . GLN R 1 6 ? -27.641 -14.406 -8.145  1.00 30.00 ? 6 GLN L CG  1 
ATOM 1192 C CD  . GLN R 1 6 ? -28.690 -15.495 -8.250  1.00 30.00 ? 6 GLN L CD  1 
ATOM 1193 O OE1 . GLN R 1 6 ? -28.431 -16.655 -7.933  1.00 30.00 ? 6 GLN L OE1 1 
ATOM 1194 N NE2 . GLN R 1 6 ? -29.883 -15.126 -8.701  1.00 30.00 ? 6 GLN L NE2 1 
ATOM 1195 N N   . PHE R 1 7 ? -27.525 -10.183 -6.263  1.00 30.00 ? 7 PHE L N   1 
ATOM 1196 C CA  . PHE R 1 7 ? -27.982 -9.016  -5.517  1.00 30.00 ? 7 PHE L CA  1 
ATOM 1197 C C   . PHE R 1 7 ? -29.400 -8.603  -5.893  1.00 30.00 ? 7 PHE L C   1 
ATOM 1198 O O   . PHE R 1 7 ? -29.663 -8.202  -7.027  1.00 30.00 ? 7 PHE L O   1 
ATOM 1199 C CB  . PHE R 1 7 ? -27.016 -7.855  -5.764  1.00 30.00 ? 7 PHE L CB  1 
ATOM 1200 C CG  . PHE R 1 7 ? -25.576 -8.274  -5.855  1.00 30.00 ? 7 PHE L CG  1 
ATOM 1201 C CD1 . PHE R 1 7 ? -25.033 -8.670  -7.067  1.00 30.00 ? 7 PHE L CD1 1 
ATOM 1202 C CD2 . PHE R 1 7 ? -24.767 -8.274  -4.731  1.00 30.00 ? 7 PHE L CD2 1 
ATOM 1203 C CE1 . PHE R 1 7 ? -23.708 -9.056  -7.155  1.00 30.00 ? 7 PHE L CE1 1 
ATOM 1204 C CE2 . PHE R 1 7 ? -23.443 -8.659  -4.813  1.00 30.00 ? 7 PHE L CE2 1 
ATOM 1205 C CZ  . PHE R 1 7 ? -22.912 -9.050  -6.027  1.00 30.00 ? 7 PHE L CZ  1 
ATOM 1206 O OXT . PHE R 1 7 ? -30.317 -8.660  -5.074  1.00 0.00  ? 7 PHE L OXT 1 
ATOM 1207 N N   . CYS S 1 1 ? 0.923   6.301   14.790  1.00 30.00 ? 1 CYS A N   1 
ATOM 1208 C CA  . CYS S 1 1 ? 0.418   5.678   13.573  1.00 30.00 ? 1 CYS A CA  1 
ATOM 1209 C C   . CYS S 1 1 ? -0.284  4.360   13.879  1.00 30.00 ? 1 CYS A C   1 
ATOM 1210 O O   . CYS S 1 1 ? -0.327  3.919   15.028  1.00 30.00 ? 1 CYS A O   1 
ATOM 1211 C CB  . CYS S 1 1 ? 1.556   5.446   12.576  1.00 30.00 ? 1 CYS A CB  1 
ATOM 1212 S SG  . CYS S 1 1 ? 2.431   6.948   12.079  1.00 30.00 ? 1 CYS A SG  1 
ATOM 1213 N N   . LYS S 1 2 ? -0.846  3.743   12.846  1.00 30.00 ? 2 LYS A N   1 
ATOM 1214 C CA  . LYS S 1 2 ? -1.537  2.470   12.990  1.00 30.00 ? 2 LYS A CA  1 
ATOM 1215 C C   . LYS S 1 2 ? -0.704  1.391   12.268  1.00 30.00 ? 2 LYS A C   1 
ATOM 1216 O O   . LYS S 1 2 ? -0.603  0.261   12.745  1.00 30.00 ? 2 LYS A O   1 
ATOM 1217 C CB  . LYS S 1 2 ? -2.942  2.589   12.397  1.00 0.00  ? 2 LYS A CB  1 
ATOM 1218 C CG  . LYS S 1 2 ? -3.806  1.357   12.595  1.00 0.00  ? 2 LYS A CG  1 
ATOM 1219 C CD  . LYS S 1 2 ? -4.910  1.613   13.608  1.00 0.00  ? 2 LYS A CD  1 
ATOM 1220 C CE  . LYS S 1 2 ? -5.843  0.418   13.721  1.00 0.00  ? 2 LYS A CE  1 
ATOM 1221 N NZ  . LYS S 1 2 ? -7.207  0.727   13.210  1.00 0.00  ? 2 LYS A NZ  1 
ATOM 1222 N N   . PHE S 1 3 ? -0.080  1.759   11.152  1.00 30.00 ? 3 PHE A N   1 
ATOM 1223 C CA  . PHE S 1 3 ? 0.727   0.813   10.384  1.00 30.00 ? 3 PHE A CA  1 
ATOM 1224 C C   . PHE S 1 3 ? 2.059   1.378   9.881   1.00 30.00 ? 3 PHE A C   1 
ATOM 1225 O O   . PHE S 1 3 ? 2.097   2.462   9.307   1.00 30.00 ? 3 PHE A O   1 
ATOM 1226 C CB  . PHE S 1 3 ? -0.039  0.363   9.136   1.00 0.00  ? 3 PHE A CB  1 
ATOM 1227 C CG  . PHE S 1 3 ? -1.192  -0.556  9.425   1.00 0.00  ? 3 PHE A CG  1 
ATOM 1228 C CD1 . PHE S 1 3 ? -2.227  -0.151  10.248  1.00 0.00  ? 3 PHE A CD1 1 
ATOM 1229 C CD2 . PHE S 1 3 ? -1.260  -1.807  8.841   1.00 0.00  ? 3 PHE A CD2 1 
ATOM 1230 C CE1 . PHE S 1 3 ? -3.297  -0.987  10.505  1.00 0.00  ? 3 PHE A CE1 1 
ATOM 1231 C CE2 . PHE S 1 3 ? -2.327  -2.647  9.093   1.00 0.00  ? 3 PHE A CE2 1 
ATOM 1232 C CZ  . PHE S 1 3 ? -3.347  -2.237  9.925   1.00 0.00  ? 3 PHE A CZ  1 
ATOM 1233 N N   . LYS S 1 4 ? 3.146   0.641   10.101  1.00 30.00 ? 4 LYS A N   1 
ATOM 1234 C CA  . LYS S 1 4 ? 4.457   1.019   9.596   1.00 30.00 ? 4 LYS A CA  1 
ATOM 1235 C C   . LYS S 1 4 ? 5.040   -0.255  9.006   1.00 30.00 ? 4 LYS A C   1 
ATOM 1236 O O   . LYS S 1 4 ? 5.419   -1.170  9.737   1.00 30.00 ? 4 LYS A O   1 
ATOM 1237 C CB  . LYS S 1 4 ? 5.284   1.547   10.763  1.00 30.00 ? 4 LYS A CB  1 
ATOM 1238 C CG  . LYS S 1 4 ? 4.796   2.878   11.314  1.00 30.00 ? 4 LYS A CG  1 
ATOM 1239 C CD  . LYS S 1 4 ? 5.569   3.275   12.562  1.00 30.00 ? 4 LYS A CD  1 
ATOM 1240 C CE  . LYS S 1 4 ? 7.031   3.536   12.245  1.00 30.00 ? 4 LYS A CE  1 
ATOM 1241 N NZ  . LYS S 1 4 ? 7.735   4.038   13.456  1.00 30.00 ? 4 LYS A NZ  1 
ATOM 1242 N N   . PHE S 1 5 ? 5.042   -0.326  7.681   1.00 30.00 ? 5 PHE A N   1 
ATOM 1243 C CA  . PHE S 1 5 ? 5.547   -1.485  6.962   1.00 30.00 ? 5 PHE A CA  1 
ATOM 1244 C C   . PHE S 1 5 ? 6.786   -1.079  6.179   1.00 30.00 ? 5 PHE A C   1 
ATOM 1245 O O   . PHE S 1 5 ? 6.705   -0.219  5.306   1.00 30.00 ? 5 PHE A O   1 
ATOM 1246 C CB  . PHE S 1 5 ? 4.518   -2.010  5.959   1.00 0.00  ? 5 PHE A CB  1 
ATOM 1247 C CG  . PHE S 1 5 ? 3.289   -2.636  6.574   1.00 0.00  ? 5 PHE A CG  1 
ATOM 1248 C CD1 . PHE S 1 5 ? 2.863   -2.235  7.845   1.00 0.00  ? 5 PHE A CD1 1 
ATOM 1249 C CD2 . PHE S 1 5 ? 2.577   -3.616  5.875   1.00 0.00  ? 5 PHE A CD2 1 
ATOM 1250 C CE1 . PHE S 1 5 ? 1.723   -2.815  8.417   1.00 0.00  ? 5 PHE A CE1 1 
ATOM 1251 C CE2 . PHE S 1 5 ? 1.439   -4.196  6.446   1.00 0.00  ? 5 PHE A CE2 1 
ATOM 1252 C CZ  . PHE S 1 5 ? 1.012   -3.796  7.716   1.00 0.00  ? 5 PHE A CZ  1 
ATOM 1253 N N   . GLN S 1 6 ? 7.928   -1.684  6.473   1.00 30.00 ? 6 GLN A N   1 
ATOM 1254 C CA  . GLN S 1 6 ? 9.148   -1.362  5.741   1.00 30.00 ? 6 GLN A CA  1 
ATOM 1255 C C   . GLN S 1 6 ? 9.326   -2.634  4.925   1.00 30.00 ? 6 GLN A C   1 
ATOM 1256 O O   . GLN S 1 6 ? 9.633   -3.690  5.468   1.00 30.00 ? 6 GLN A O   1 
ATOM 1257 C CB  . GLN S 1 6 ? 10.285  -1.017  6.698   1.00 30.00 ? 6 GLN A CB  1 
ATOM 1258 C CG  . GLN S 1 6 ? 11.561  -0.589  5.996   1.00 30.00 ? 6 GLN A CG  1 
ATOM 1259 C CD  . GLN S 1 6 ? 12.360  0.412   6.804   1.00 30.00 ? 6 GLN A CD  1 
ATOM 1260 O OE1 . GLN S 1 6 ? 12.426  0.326   8.027   1.00 30.00 ? 6 GLN A OE1 1 
ATOM 1261 N NE2 . GLN S 1 6 ? 12.973  1.368   6.120   1.00 30.00 ? 6 GLN A NE2 1 
ATOM 1262 N N   . PHE S 1 7 ? 9.127   -2.524  3.616   1.00 30.00 ? 7 PHE A N   1 
ATOM 1263 C CA  . PHE S 1 7 ? 9.262   -3.663  2.719   1.00 30.00 ? 7 PHE A CA  1 
ATOM 1264 C C   . PHE S 1 7 ? 10.691  -3.576  2.186   1.00 30.00 ? 7 PHE A C   1 
ATOM 1265 O O   . PHE S 1 7 ? 11.225  -2.488  1.977   1.00 30.00 ? 7 PHE A O   1 
ATOM 1266 C CB  . PHE S 1 7 ? 8.266   -3.634  1.558   1.00 30.00 ? 7 PHE A CB  1 
ATOM 1267 C CG  . PHE S 1 7 ? 6.830   -3.710  1.990   1.00 30.00 ? 7 PHE A CG  1 
ATOM 1268 C CD1 . PHE S 1 7 ? 6.153   -2.570  2.396   1.00 30.00 ? 7 PHE A CD1 1 
ATOM 1269 C CD2 . PHE S 1 7 ? 6.155   -4.918  1.993   1.00 30.00 ? 7 PHE A CD2 1 
ATOM 1270 C CE1 . PHE S 1 7 ? 4.833   -2.636  2.796   1.00 30.00 ? 7 PHE A CE1 1 
ATOM 1271 C CE2 . PHE S 1 7 ? 4.834   -4.992  2.390   1.00 30.00 ? 7 PHE A CE2 1 
ATOM 1272 C CZ  . PHE S 1 7 ? 4.172   -3.849  2.792   1.00 30.00 ? 7 PHE A CZ  1 
ATOM 1273 O OXT . PHE S 1 7 ? 11.341  -4.595  1.952   1.00 0.00  ? 7 PHE A OXT 1 
ATOM 1274 N N   . CYS T 1 1 ? 18.009  -4.435  -1.595  1.00 30.00 ? 1 CYS B N   1 
ATOM 1275 C CA  . CYS T 1 1 ? 18.069  -3.499  -0.479  1.00 30.00 ? 1 CYS B CA  1 
ATOM 1276 C C   . CYS T 1 1 ? 19.333  -3.719  0.324   1.00 30.00 ? 1 CYS B C   1 
ATOM 1277 O O   . CYS T 1 1 ? 19.844  -4.827  0.301   1.00 30.00 ? 1 CYS B O   1 
ATOM 1278 C CB  . CYS T 1 1 ? 16.842  -3.663  0.417   1.00 30.00 ? 1 CYS B CB  1 
ATOM 1279 S SG  . CYS T 1 1 ? 15.275  -3.312  -0.415  1.00 30.00 ? 1 CYS B SG  1 
ATOM 1280 N N   . LYS T 1 2 ? 19.960  -2.695  0.938   1.00 30.00 ? 2 LYS B N   1 
ATOM 1281 C CA  . LYS T 1 2 ? 21.058  -2.985  1.851   1.00 30.00 ? 2 LYS B CA  1 
ATOM 1282 C C   . LYS T 1 2 ? 20.791  -2.666  3.324   1.00 30.00 ? 2 LYS B C   1 
ATOM 1283 O O   . LYS T 1 2 ? 21.078  -3.489  4.187   1.00 30.00 ? 2 LYS B O   1 
ATOM 1284 C CB  . LYS T 1 2 ? 22.338  -2.253  1.429   1.00 0.00  ? 2 LYS B CB  1 
ATOM 1285 C CG  . LYS T 1 2 ? 23.592  -2.742  2.133   1.00 0.00  ? 2 LYS B CG  1 
ATOM 1286 C CD  . LYS T 1 2 ? 24.846  -2.252  1.429   1.00 0.00  ? 2 LYS B CD  1 
ATOM 1287 C CE  . LYS T 1 2 ? 25.952  -3.292  1.485   1.00 0.00  ? 2 LYS B CE  1 
ATOM 1288 N NZ  . LYS T 1 2 ? 27.286  -2.698  1.189   1.00 0.00  ? 2 LYS B NZ  1 
ATOM 1289 N N   . PHE T 1 3 ? 20.248  -1.483  3.623   1.00 30.00 ? 3 PHE B N   1 
ATOM 1290 C CA  . PHE T 1 3 ? 19.993  -1.168  5.015   1.00 30.00 ? 3 PHE B CA  1 
ATOM 1291 C C   . PHE T 1 3 ? 18.504  -0.850  5.126   1.00 30.00 ? 3 PHE B C   1 
ATOM 1292 O O   . PHE T 1 3 ? 17.939  -0.172  4.268   1.00 30.00 ? 3 PHE B O   1 
ATOM 1293 C CB  . PHE T 1 3 ? 20.820  0.027   5.488   1.00 0.00  ? 3 PHE B CB  1 
ATOM 1294 C CG  . PHE T 1 3 ? 22.275  -0.285  5.696   1.00 0.00  ? 3 PHE B CG  1 
ATOM 1295 C CD1 . PHE T 1 3 ? 23.138  -0.379  4.617   1.00 0.00  ? 3 PHE B CD1 1 
ATOM 1296 C CD2 . PHE T 1 3 ? 22.779  -0.483  6.971   1.00 0.00  ? 3 PHE B CD2 1 
ATOM 1297 C CE1 . PHE T 1 3 ? 24.477  -0.666  4.805   1.00 0.00  ? 3 PHE B CE1 1 
ATOM 1298 C CE2 . PHE T 1 3 ? 24.117  -0.771  7.165   1.00 0.00  ? 3 PHE B CE2 1 
ATOM 1299 C CZ  . PHE T 1 3 ? 24.966  -0.862  6.081   1.00 0.00  ? 3 PHE B CZ  1 
ATOM 1300 N N   . LYS T 1 4 ? 17.879  -1.356  6.183   1.00 30.00 ? 4 LYS B N   1 
ATOM 1301 C CA  . LYS T 1 4 ? 16.462  -1.136  6.423   1.00 30.00 ? 4 LYS B CA  1 
ATOM 1302 C C   . LYS T 1 4 ? 16.392  -0.832  7.910   1.00 30.00 ? 4 LYS B C   1 
ATOM 1303 O O   . LYS T 1 4 ? 16.551  -1.719  8.745   1.00 30.00 ? 4 LYS B O   1 
ATOM 1304 C CB  . LYS T 1 4 ? 15.648  -2.355  5.995   1.00 30.00 ? 4 LYS B CB  1 
ATOM 1305 C CG  . LYS T 1 4 ? 15.663  -2.608  4.496   1.00 30.00 ? 4 LYS B CG  1 
ATOM 1306 C CD  . LYS T 1 4 ? 14.923  -3.884  4.143   1.00 30.00 ? 4 LYS B CD  1 
ATOM 1307 C CE  . LYS T 1 4 ? 13.440  -3.757  4.429   1.00 30.00 ? 4 LYS B CE  1 
ATOM 1308 N NZ  . LYS T 1 4 ? 12.742  -5.064  4.291   1.00 30.00 ? 4 LYS B NZ  1 
ATOM 1309 N N   . PHE T 1 5 ? 16.148  0.430   8.232   1.00 30.00 ? 5 PHE B N   1 
ATOM 1310 C CA  . PHE T 1 5 ? 16.069  0.885   9.606   1.00 30.00 ? 5 PHE B CA  1 
ATOM 1311 C C   . PHE T 1 5 ? 14.632  1.325   9.788   1.00 30.00 ? 5 PHE B C   1 
ATOM 1312 O O   . PHE T 1 5 ? 14.102  2.068   8.967   1.00 30.00 ? 5 PHE B O   1 
ATOM 1313 C CB  . PHE T 1 5 ? 16.979  2.077   9.886   1.00 0.00  ? 5 PHE B CB  1 
ATOM 1314 C CG  . PHE T 1 5 ? 18.448  1.754   9.999   1.00 0.00  ? 5 PHE B CG  1 
ATOM 1315 C CD1 . PHE T 1 5 ? 19.160  1.327   8.872   1.00 0.00  ? 5 PHE B CD1 1 
ATOM 1316 C CD2 . PHE T 1 5 ? 19.100  1.884   11.232  1.00 0.00  ? 5 PHE B CD2 1 
ATOM 1317 C CE1 . PHE T 1 5 ? 20.523  1.028   8.976   1.00 0.00  ? 5 PHE B CE1 1 
ATOM 1318 C CE2 . PHE T 1 5 ? 20.465  1.584   11.335  1.00 0.00  ? 5 PHE B CE2 1 
ATOM 1319 C CZ  . PHE T 1 5 ? 21.175  1.157   10.208  1.00 0.00  ? 5 PHE B CZ  1 
ATOM 1320 N N   . GLN T 1 6 ? 14.001  0.845   10.852  1.00 30.00 ? 6 GLN B N   1 
ATOM 1321 C CA  . GLN T 1 6 ? 12.620  1.198   11.160  1.00 30.00 ? 6 GLN B CA  1 
ATOM 1322 C C   . GLN T 1 6 ? 12.583  1.728   12.583  1.00 30.00 ? 6 GLN B C   1 
ATOM 1323 O O   . GLN T 1 6 ? 12.915  1.012   13.526  1.00 30.00 ? 6 GLN B O   1 
ATOM 1324 C CB  . GLN T 1 6 ? 11.707  -0.023  11.023  1.00 30.00 ? 6 GLN B CB  1 
ATOM 1325 C CG  . GLN T 1 6 ? 10.300  0.193   11.559  1.00 30.00 ? 6 GLN B CG  1 
ATOM 1326 C CD  . GLN T 1 6 ? 9.244   -0.462  10.691  1.00 30.00 ? 6 GLN B CD  1 
ATOM 1327 O OE1 . GLN T 1 6 ? 9.515   -1.438  9.991   1.00 30.00 ? 6 GLN B OE1 1 
ATOM 1328 N NE2 . GLN T 1 6 ? 8.029   0.076   10.734  1.00 30.00 ? 6 GLN B NE2 1 
ATOM 1329 N N   . PHE T 1 7 ? 12.178  2.984   12.744  1.00 30.00 ? 7 PHE B N   1 
ATOM 1330 C CA  . PHE T 1 7 ? 12.151  3.576   14.075  1.00 30.00 ? 7 PHE B CA  1 
ATOM 1331 C C   . PHE T 1 7 ? 10.718  3.812   14.542  1.00 30.00 ? 7 PHE B C   1 
ATOM 1332 O O   . PHE T 1 7 ? 10.087  4.803   14.176  1.00 30.00 ? 7 PHE B O   1 
ATOM 1333 C CB  . PHE T 1 7 ? 12.933  4.891   14.093  1.00 30.00 ? 7 PHE B CB  1 
ATOM 1334 C CG  . PHE T 1 7 ? 14.312  4.781   13.509  1.00 30.00 ? 7 PHE B CG  1 
ATOM 1335 C CD1 . PHE T 1 7 ? 15.389  4.421   14.303  1.00 30.00 ? 7 PHE B CD1 1 
ATOM 1336 C CD2 . PHE T 1 7 ? 14.534  5.040   12.167  1.00 30.00 ? 7 PHE B CD2 1 
ATOM 1337 C CE1 . PHE T 1 7 ? 16.660  4.321   13.770  1.00 30.00 ? 7 PHE B CE1 1 
ATOM 1338 C CE2 . PHE T 1 7 ? 15.802  4.941   11.625  1.00 30.00 ? 7 PHE B CE2 1 
ATOM 1339 C CZ  . PHE T 1 7 ? 16.866  4.580   12.428  1.00 30.00 ? 7 PHE B CZ  1 
ATOM 1340 O OXT . PHE T 1 7 ? 10.157  3.016   15.295  1.00 0.00  ? 7 PHE B OXT 1 
ATOM 1341 N N   . CYS U 1 1 ? 24.568  12.629  19.606  1.00 30.00 ? 1 CYS C N   1 
ATOM 1342 C CA  . CYS U 1 1 ? 24.439  11.861  20.839  1.00 30.00 ? 1 CYS C CA  1 
ATOM 1343 C C   . CYS U 1 1 ? 23.615  10.597  20.614  1.00 30.00 ? 1 CYS C C   1 
ATOM 1344 O O   . CYS U 1 1 ? 24.072  9.488   20.896  1.00 30.00 ? 1 CYS C O   1 
ATOM 1345 C CB  . CYS U 1 1 ? 23.803  12.715  21.939  1.00 30.00 ? 1 CYS C CB  1 
ATOM 1346 S SG  . CYS U 1 1 ? 24.144  12.141  23.619  1.00 30.00 ? 1 CYS C SG  1 
ATOM 1347 N N   . LYS U 1 2 ? 22.414  10.767  20.075  1.00 30.00 ? 2 LYS C N   1 
ATOM 1348 C CA  . LYS U 1 2 ? 21.496  9.652   19.856  1.00 30.00 ? 2 LYS C CA  1 
ATOM 1349 C C   . LYS U 1 2 ? 21.850  8.745   18.671  1.00 30.00 ? 2 LYS C C   1 
ATOM 1350 O O   . LYS U 1 2 ? 22.035  7.537   18.836  1.00 30.00 ? 2 LYS C O   1 
ATOM 1351 C CB  . LYS U 1 2 ? 20.043  10.062  19.598  1.00 0.00  ? 2 LYS C CB  1 
ATOM 1352 C CG  . LYS U 1 2 ? 19.156  10.022  20.834  1.00 0.00  ? 2 LYS C CG  1 
ATOM 1353 C CD  . LYS U 1 2 ? 19.076  8.617   21.408  1.00 0.00  ? 2 LYS C CD  1 
ATOM 1354 C CE  . LYS U 1 2 ? 17.634  8.184   21.611  1.00 0.00  ? 2 LYS C CE  1 
ATOM 1355 N NZ  . LYS U 1 2 ? 17.500  7.192   22.714  1.00 0.00  ? 2 LYS C NZ  1 
ATOM 1356 N N   . PHE U 1 3 ? 21.885  9.334   17.483  1.00 30.00 ? 3 PHE C N   1 
ATOM 1357 C CA  . PHE U 1 3 ? 22.205  8.609   16.264  1.00 30.00 ? 3 PHE C CA  1 
ATOM 1358 C C   . PHE U 1 3 ? 23.113  9.448   15.383  1.00 30.00 ? 3 PHE C C   1 
ATOM 1359 O O   . PHE U 1 3 ? 22.847  10.623  15.135  1.00 30.00 ? 3 PHE C O   1 
ATOM 1360 C CB  . PHE U 1 3 ? 20.926  8.232   15.516  1.00 0.00  ? 3 PHE C CB  1 
ATOM 1361 C CG  . PHE U 1 3 ? 20.096  7.198   16.221  1.00 0.00  ? 3 PHE C CG  1 
ATOM 1362 C CD1 . PHE U 1 3 ? 19.141  7.573   17.151  1.00 0.00  ? 3 PHE C CD1 1 
ATOM 1363 C CD2 . PHE U 1 3 ? 20.270  5.852   15.954  1.00 0.00  ? 3 PHE C CD2 1 
ATOM 1364 C CE1 . PHE U 1 3 ? 18.377  6.626   17.803  1.00 0.00  ? 3 PHE C CE1 1 
ATOM 1365 C CE2 . PHE U 1 3 ? 19.508  4.899   16.601  1.00 0.00  ? 3 PHE C CE2 1 
ATOM 1366 C CZ  . PHE U 1 3 ? 18.561  5.286   17.527  1.00 0.00  ? 3 PHE C CZ  1 
ATOM 1367 N N   . LYS U 1 4 ? 24.189  8.835   14.915  1.00 30.00 ? 4 LYS C N   1 
ATOM 1368 C CA  . LYS U 1 4 ? 25.167  9.510   14.092  1.00 30.00 ? 4 LYS C CA  1 
ATOM 1369 C C   . LYS U 1 4 ? 25.387  8.531   12.956  1.00 30.00 ? 4 LYS C C   1 
ATOM 1370 O O   . LYS U 1 4 ? 25.891  7.424   13.154  1.00 30.00 ? 4 LYS C O   1 
ATOM 1371 C CB  . LYS U 1 4 ? 26.463  9.739   14.866  1.00 0.00  ? 4 LYS C CB  1 
ATOM 1372 C CG  . LYS U 1 4 ? 26.270  10.411  16.215  1.00 0.00  ? 4 LYS C CG  1 
ATOM 1373 C CD  . LYS U 1 4 ? 27.438  11.324  16.552  1.00 0.00  ? 4 LYS C CD  1 
ATOM 1374 C CE  . LYS U 1 4 ? 27.178  12.105  17.828  1.00 0.00  ? 4 LYS C CE  1 
ATOM 1375 N NZ  . LYS U 1 4 ? 28.317  12.009  18.783  1.00 0.00  ? 4 LYS C NZ  1 
ATOM 1376 N N   . PHE U 1 5 ? 25.003  8.954   11.765  1.00 30.00 ? 5 PHE C N   1 
ATOM 1377 C CA  . PHE U 1 5 ? 25.083  8.140   10.563  1.00 30.00 ? 5 PHE C CA  1 
ATOM 1378 C C   . PHE U 1 5 ? 25.953  8.900   9.579   1.00 30.00 ? 5 PHE C C   1 
ATOM 1379 O O   . PHE U 1 5 ? 25.633  10.027  9.203   1.00 30.00 ? 5 PHE C O   1 
ATOM 1380 C CB  . PHE U 1 5 ? 23.693  7.905   9.974   1.00 0.00  ? 5 PHE C CB  1 
ATOM 1381 C CG  . PHE U 1 5 ? 22.911  6.828   10.673  1.00 0.00  ? 5 PHE C CG  1 
ATOM 1382 C CD1 . PHE U 1 5 ? 22.313  7.070   11.897  1.00 0.00  ? 5 PHE C CD1 1 
ATOM 1383 C CD2 . PHE U 1 5 ? 22.780  5.571   10.104  1.00 0.00  ? 5 PHE C CD2 1 
ATOM 1384 C CE1 . PHE U 1 5 ? 21.597  6.082   12.543  1.00 0.00  ? 5 PHE C CE1 1 
ATOM 1385 C CE2 . PHE U 1 5 ? 22.064  4.578   10.745  1.00 0.00  ? 5 PHE C CE2 1 
ATOM 1386 C CZ  . PHE U 1 5 ? 21.471  4.834   11.966  1.00 0.00  ? 5 PHE C CZ  1 
ATOM 1387 N N   . GLN U 1 6 ? 27.108  8.382   9.200   1.00 30.00 ? 6 GLN C N   1 
ATOM 1388 C CA  . GLN U 1 6 ? 27.942  9.152   8.283   1.00 30.00 ? 6 GLN C CA  1 
ATOM 1389 C C   . GLN U 1 6 ? 28.284  8.293   7.071   1.00 30.00 ? 6 GLN C C   1 
ATOM 1390 O O   . GLN U 1 6 ? 28.681  7.205   7.297   1.00 30.00 ? 6 GLN C O   1 
ATOM 1391 C CB  . GLN U 1 6 ? 29.225  9.588   8.985   1.00 30.00 ? 6 GLN C CB  1 
ATOM 1392 C CG  . GLN U 1 6 ? 29.031  10.755  9.940   1.00 30.00 ? 6 GLN C CG  1 
ATOM 1393 C CD  . GLN U 1 6 ? 30.293  11.102  10.704  1.00 30.00 ? 6 GLN C CD  1 
ATOM 1394 O OE1 . GLN U 1 6 ? 30.436  10.760  11.877  1.00 30.00 ? 6 GLN C OE1 1 
ATOM 1395 N NE2 . GLN U 1 6 ? 31.217  11.788  10.040  1.00 30.00 ? 6 GLN C NE2 1 
ATOM 1396 N N   . PHE U 1 7 ? 28.154  8.805   5.838   1.00 30.00 ? 7 PHE C N   1 
ATOM 1397 C CA  . PHE U 1 7 ? 28.419  8.150   4.563   1.00 30.00 ? 7 PHE C CA  1 
ATOM 1398 C C   . PHE U 1 7 ? 29.556  8.810   3.793   1.00 30.00 ? 7 PHE C C   1 
ATOM 1399 O O   . PHE U 1 7 ? 29.455  9.965   3.380   1.00 30.00 ? 7 PHE C O   1 
ATOM 1400 C CB  . PHE U 1 7 ? 27.140  8.162   3.721   1.00 30.00 ? 7 PHE C CB  1 
ATOM 1401 C CG  . PHE U 1 7 ? 25.885  7.955   4.521   1.00 30.00 ? 7 PHE C CG  1 
ATOM 1402 C CD1 . PHE U 1 7 ? 25.230  9.031   5.097   1.00 30.00 ? 7 PHE C CD1 1 
ATOM 1403 C CD2 . PHE U 1 7 ? 25.362  6.685   4.697   1.00 30.00 ? 7 PHE C CD2 1 
ATOM 1404 C CE1 . PHE U 1 7 ? 24.076  8.844   5.834   1.00 30.00 ? 7 PHE C CE1 1 
ATOM 1405 C CE2 . PHE U 1 7 ? 24.208  6.491   5.432   1.00 30.00 ? 7 PHE C CE2 1 
ATOM 1406 C CZ  . PHE U 1 7 ? 23.563  7.573   6.001   1.00 30.00 ? 7 PHE C CZ  1 
ATOM 1407 O OXT . PHE U 1 7 ? 30.603  8.205   3.565   1.00 0.00  ? 7 PHE C OXT 1 
ATOM 1408 N N   . CYS V 1 1 ? 1.168   -14.697 -6.476  1.00 30.00 ? 1 CYS D N   1 
ATOM 1409 C CA  . CYS V 1 1 ? 1.501   -13.381 -5.945  1.00 30.00 ? 1 CYS D CA  1 
ATOM 1410 C C   . CYS V 1 1 ? 2.555   -13.479 -4.848  1.00 30.00 ? 1 CYS D C   1 
ATOM 1411 O O   . CYS V 1 1 ? 2.980   -14.573 -4.478  1.00 30.00 ? 1 CYS D O   1 
ATOM 1412 C CB  . CYS V 1 1 ? 0.247   -12.687 -5.406  1.00 30.00 ? 1 CYS D CB  1 
ATOM 1413 S SG  . CYS V 1 1 ? -1.061  -12.450 -6.631  1.00 30.00 ? 1 CYS D SG  1 
ATOM 1414 N N   . LYS V 1 2 ? 2.984   -12.327 -4.345  1.00 30.00 ? 2 LYS D N   1 
ATOM 1415 C CA  . LYS V 1 2 ? 3.978   -12.271 -3.283  1.00 30.00 ? 2 LYS D CA  1 
ATOM 1416 C C   . LYS V 1 2 ? 3.284   -11.753 -2.007  1.00 30.00 ? 2 LYS D C   1 
ATOM 1417 O O   . LYS V 1 2 ? 3.580   -12.216 -0.907  1.00 30.00 ? 2 LYS D O   1 
ATOM 1418 C CB  . LYS V 1 2 ? 5.126   -11.357 -3.715  1.00 0.00  ? 2 LYS D CB  1 
ATOM 1419 C CG  . LYS V 1 2 ? 6.286   -11.312 -2.736  1.00 0.00  ? 2 LYS D CG  1 
ATOM 1420 C CD  . LYS V 1 2 ? 7.505   -12.031 -3.292  1.00 0.00  ? 2 LYS D CD  1 
ATOM 1421 C CE  . LYS V 1 2 ? 8.700   -11.888 -2.363  1.00 0.00  ? 2 LYS D CE  1 
ATOM 1422 N NZ  . LYS V 1 2 ? 9.782   -11.066 -2.971  1.00 0.00  ? 2 LYS D NZ  1 
ATOM 1423 N N   . PHE V 1 3 ? 2.339   -10.830 -2.169  1.00 30.00 ? 3 PHE D N   1 
ATOM 1424 C CA  . PHE V 1 3 ? 1.627   -10.262 -1.026  1.00 30.00 ? 3 PHE D CA  1 
ATOM 1425 C C   . PHE V 1 3 ? 0.116   -10.112 -1.232  1.00 30.00 ? 3 PHE D C   1 
ATOM 1426 O O   . PHE V 1 3 ? -0.323  -9.587  -2.251  1.00 30.00 ? 3 PHE D O   1 
ATOM 1427 C CB  . PHE V 1 3 ? 2.154   -8.856  -0.725  1.00 0.00  ? 3 PHE D CB  1 
ATOM 1428 C CG  . PHE V 1 3 ? 3.531   -8.836  -0.125  1.00 0.00  ? 3 PHE D CG  1 
ATOM 1429 C CD1 . PHE V 1 3 ? 4.603   -9.390  -0.800  1.00 0.00  ? 3 PHE D CD1 1 
ATOM 1430 C CD2 . PHE V 1 3 ? 3.759   -8.228  1.095   1.00 0.00  ? 3 PHE D CD2 1 
ATOM 1431 C CE1 . PHE V 1 3 ? 5.874   -9.361  -0.258  1.00 0.00  ? 3 PHE D CE1 1 
ATOM 1432 C CE2 . PHE V 1 3 ? 5.027   -8.193  1.642   1.00 0.00  ? 3 PHE D CE2 1 
ATOM 1433 C CZ  . PHE V 1 3 ? 6.086   -8.760  0.966   1.00 0.00  ? 3 PHE D CZ  1 
ATOM 1434 N N   . LYS V 1 4 ? -0.672  -10.575 -0.265  1.00 30.00 ? 4 LYS D N   1 
ATOM 1435 C CA  . LYS V 1 4 ? -2.117  -10.412 -0.294  1.00 30.00 ? 4 LYS D CA  1 
ATOM 1436 C C   . LYS V 1 4 ? -2.497  -9.956  1.105   1.00 30.00 ? 4 LYS D C   1 
ATOM 1437 O O   . LYS V 1 4 ? -2.453  -10.738 2.056   1.00 30.00 ? 4 LYS D O   1 
ATOM 1438 C CB  . LYS V 1 4 ? -2.742  -11.757 -0.653  1.00 30.00 ? 4 LYS D CB  1 
ATOM 1439 C CG  . LYS V 1 4 ? -2.474  -12.199 -2.083  1.00 30.00 ? 4 LYS D CG  1 
ATOM 1440 C CD  . LYS V 1 4 ? -2.996  -13.606 -2.331  1.00 30.00 ? 4 LYS D CD  1 
ATOM 1441 C CE  . LYS V 1 4 ? -4.509  -13.661 -2.218  1.00 30.00 ? 4 LYS D CE  1 
ATOM 1442 N NZ  . LYS V 1 4 ? -5.001  -15.017 -2.584  1.00 30.00 ? 4 LYS D NZ  1 
ATOM 1443 N N   . PHE V 1 5 ? -2.802  -8.670  1.227   1.00 30.00 ? 5 PHE D N   1 
ATOM 1444 C CA  . PHE V 1 5 ? -3.166  -8.072  2.502   1.00 30.00 ? 5 PHE D CA  1 
ATOM 1445 C C   . PHE V 1 5 ? -4.619  -7.623  2.439   1.00 30.00 ? 5 PHE D C   1 
ATOM 1446 O O   . PHE V 1 5 ? -4.963  -6.775  1.621   1.00 30.00 ? 5 PHE D O   1 
ATOM 1447 C CB  . PHE V 1 5 ? -2.314  -6.838  2.802   1.00 0.00  ? 5 PHE D CB  1 
ATOM 1448 C CG  . PHE V 1 5 ? -0.859  -7.121  3.088   1.00 0.00  ? 5 PHE D CG  1 
ATOM 1449 C CD1 . PHE V 1 5 ? -0.250  -8.258  2.546   1.00 0.00  ? 5 PHE D CD1 1 
ATOM 1450 C CD2 . PHE V 1 5 ? -0.120  -6.249  3.894   1.00 0.00  ? 5 PHE D CD2 1 
ATOM 1451 C CE1 . PHE V 1 5 ? 1.100   -8.523  2.810   1.00 0.00  ? 5 PHE D CE1 1 
ATOM 1452 C CE2 . PHE V 1 5 ? 1.228   -6.513  4.159   1.00 0.00  ? 5 PHE D CE2 1 
ATOM 1453 C CZ  . PHE V 1 5 ? 1.838   -7.649  3.617   1.00 0.00  ? 5 PHE D CZ  1 
ATOM 1454 N N   . GLN V 1 6 ? -5.473  -8.174  3.289   1.00 30.00 ? 6 GLN D N   1 
ATOM 1455 C CA  . GLN V 1 6 ? -6.874  -7.768  3.301   1.00 30.00 ? 6 GLN D CA  1 
ATOM 1456 C C   . GLN V 1 6 ? -6.928  -6.994  4.610   1.00 30.00 ? 6 GLN D C   1 
ATOM 1457 O O   . GLN V 1 6 ? -6.828  -7.574  5.686   1.00 30.00 ? 6 GLN D O   1 
ATOM 1458 C CB  . GLN V 1 6 ? -7.795  -8.981  3.203   1.00 30.00 ? 6 GLN D CB  1 
ATOM 1459 C CG  . GLN V 1 6 ? -9.267  -8.620  3.123   1.00 30.00 ? 6 GLN D CG  1 
ATOM 1460 C CD  . GLN V 1 6 ? -10.067 -9.620  2.314   1.00 30.00 ? 6 GLN D CD  1 
ATOM 1461 O OE1 . GLN V 1 6 ? -9.812  -10.820 2.365   1.00 30.00 ? 6 GLN D OE1 1 
ATOM 1462 N NE2 . GLN V 1 6 ? -11.041 -9.126  1.563   1.00 30.00 ? 6 GLN D NE2 1 
ATOM 1463 N N   . PHE V 1 7 ? -7.084  -5.679  4.507   1.00 30.00 ? 7 PHE D N   1 
ATOM 1464 C CA  . PHE V 1 7 ? -7.150  -4.818  5.680   1.00 30.00 ? 7 PHE D CA  1 
ATOM 1465 C C   . PHE V 1 7 ? -8.641  -4.651  5.962   1.00 30.00 ? 7 PHE D C   1 
ATOM 1466 O O   . PHE V 1 7 ? -9.460  -4.602  5.044   1.00 30.00 ? 7 PHE D O   1 
ATOM 1467 C CB  . PHE V 1 7 ? -6.502  -3.451  5.457   1.00 30.00 ? 7 PHE D CB  1 
ATOM 1468 C CG  . PHE V 1 7 ? -5.030  -3.518  5.167   1.00 30.00 ? 7 PHE D CG  1 
ATOM 1469 C CD1 . PHE V 1 7 ? -4.574  -3.770  3.883   1.00 30.00 ? 7 PHE D CD1 1 
ATOM 1470 C CD2 . PHE V 1 7 ? -4.101  -3.331  6.175   1.00 30.00 ? 7 PHE D CD2 1 
ATOM 1471 C CE1 . PHE V 1 7 ? -3.221  -3.835  3.611   1.00 30.00 ? 7 PHE D CE1 1 
ATOM 1472 C CE2 . PHE V 1 7 ? -2.745  -3.392  5.912   1.00 30.00 ? 7 PHE D CE2 1 
ATOM 1473 C CZ  . PHE V 1 7 ? -2.305  -3.644  4.628   1.00 30.00 ? 7 PHE D CZ  1 
ATOM 1474 O OXT . PHE V 1 7 ? -9.060  -4.562  7.116   1.00 0.00  ? 7 PHE D OXT 1 
ATOM 1475 N N   . CYS W 1 1 ? -16.219 -2.753  8.713   1.00 30.00 ? 1 CYS E N   1 
ATOM 1476 C CA  . CYS W 1 1 ? -16.234 -3.868  7.775   1.00 30.00 ? 1 CYS E CA  1 
ATOM 1477 C C   . CYS W 1 1 ? -17.174 -4.951  8.262   1.00 30.00 ? 1 CYS E C   1 
ATOM 1478 O O   . CYS W 1 1 ? -17.389 -5.030  9.460   1.00 30.00 ? 1 CYS E O   1 
ATOM 1479 C CB  . CYS W 1 1 ? -14.825 -4.434  7.602   1.00 30.00 ? 1 CYS E CB  1 
ATOM 1480 S SG  . CYS W 1 1 ? -13.640 -3.253  6.916   1.00 30.00 ? 1 CYS E SG  1 
ATOM 1481 N N   . LYS W 1 2 ? -17.864 -5.720  7.396   1.00 30.00 ? 2 LYS E N   1 
ATOM 1482 C CA  . LYS W 1 2 ? -18.604 -6.867  7.906   1.00 30.00 ? 2 LYS E CA  1 
ATOM 1483 C C   . LYS W 1 2 ? -18.075 -8.237  7.474   1.00 30.00 ? 2 LYS E C   1 
ATOM 1484 O O   . LYS W 1 2 ? -17.936 -9.127  8.306   1.00 30.00 ? 2 LYS E O   1 
ATOM 1485 C CB  . LYS W 1 2 ? -20.087 -6.785  7.521   1.00 0.00  ? 2 LYS E CB  1 
ATOM 1486 C CG  . LYS W 1 2 ? -20.975 -7.763  8.271   1.00 0.00  ? 2 LYS E CG  1 
ATOM 1487 C CD  . LYS W 1 2 ? -22.442 -7.397  8.127   1.00 0.00  ? 2 LYS E CD  1 
ATOM 1488 C CE  . LYS W 1 2 ? -23.214 -7.700  9.399   1.00 0.00  ? 2 LYS E CE  1 
ATOM 1489 N NZ  . LYS W 1 2 ? -24.684 -7.750  9.158   1.00 0.00  ? 2 LYS E NZ  1 
ATOM 1490 N N   . PHE W 1 3 ? -17.782 -8.420  6.183   1.00 30.00 ? 3 PHE E N   1 
ATOM 1491 C CA  . PHE W 1 3 ? -17.283 -9.714  5.761   1.00 30.00 ? 3 PHE E CA  1 
ATOM 1492 C C   . PHE W 1 3 ? -15.935 -9.464  5.088   1.00 30.00 ? 3 PHE E C   1 
ATOM 1493 O O   . PHE W 1 3 ? -15.777 -8.509  4.329   1.00 30.00 ? 3 PHE E O   1 
ATOM 1494 C CB  . PHE W 1 3 ? -18.237 -10.399 4.783   1.00 0.00  ? 3 PHE E CB  1 
ATOM 1495 C CG  . PHE W 1 3 ? -19.477 -10.948 5.428   1.00 0.00  ? 3 PHE E CG  1 
ATOM 1496 C CD1 . PHE W 1 3 ? -20.525 -10.111 5.771   1.00 0.00  ? 3 PHE E CD1 1 
ATOM 1497 C CD2 . PHE W 1 3 ? -19.594 -12.304 5.692   1.00 0.00  ? 3 PHE E CD2 1 
ATOM 1498 C CE1 . PHE W 1 3 ? -21.668 -10.614 6.365   1.00 0.00  ? 3 PHE E CE1 1 
ATOM 1499 C CE2 . PHE W 1 3 ? -20.734 -12.812 6.286   1.00 0.00  ? 3 PHE E CE2 1 
ATOM 1500 C CZ  . PHE W 1 3 ? -21.771 -11.966 6.623   1.00 0.00  ? 3 PHE E CZ  1 
ATOM 1501 N N   . LYS W 1 4 ? -14.970 -10.327 5.386   1.00 30.00 ? 4 LYS E N   1 
ATOM 1502 C CA  . LYS W 1 4 ? -13.635 -10.218 4.821   1.00 30.00 ? 4 LYS E CA  1 
ATOM 1503 C C   . LYS W 1 4 ? -13.283 -11.650 4.450   1.00 30.00 ? 4 LYS E C   1 
ATOM 1504 O O   . LYS W 1 4 ? -13.015 -12.479 5.315   1.00 30.00 ? 4 LYS E O   1 
ATOM 1505 C CB  . LYS W 1 4 ? -12.675 -9.579  5.824   1.00 30.00 ? 4 LYS E CB  1 
ATOM 1506 C CG  . LYS W 1 4 ? -12.990 -8.125  6.132   1.00 30.00 ? 4 LYS E CG  1 
ATOM 1507 C CD  . LYS W 1 4 ? -12.069 -7.575  7.205   1.00 30.00 ? 4 LYS E CD  1 
ATOM 1508 C CE  . LYS W 1 4 ? -10.638 -7.493  6.712   1.00 30.00 ? 4 LYS E CE  1 
ATOM 1509 N NZ  . LYS W 1 4 ? -9.697  -7.162  7.816   1.00 30.00 ? 4 LYS E NZ  1 
ATOM 1510 N N   . PHE W 1 5 ? -13.284 -11.928 3.154   1.00 30.00 ? 5 PHE E N   1 
ATOM 1511 C CA  . PHE W 1 5 ? -12.989 -13.250 2.640   1.00 30.00 ? 5 PHE E CA  1 
ATOM 1512 C C   . PHE W 1 5 ? -11.703 -13.086 1.858   1.00 30.00 ? 5 PHE E C   1 
ATOM 1513 O O   . PHE W 1 5 ? -11.584 -12.176 1.043   1.00 30.00 ? 5 PHE E O   1 
ATOM 1514 C CB  . PHE W 1 5 ? -14.067 -13.769 1.693   1.00 0.00  ? 5 PHE E CB  1 
ATOM 1515 C CG  . PHE W 1 5 ? -15.340 -14.230 2.356   1.00 0.00  ? 5 PHE E CG  1 
ATOM 1516 C CD1 . PHE W 1 5 ? -16.177 -13.302 2.987   1.00 0.00  ? 5 PHE E CD1 1 
ATOM 1517 C CD2 . PHE W 1 5 ? -15.687 -15.587 2.338   1.00 0.00  ? 5 PHE E CD2 1 
ATOM 1518 C CE1 . PHE W 1 5 ? -17.359 -13.729 3.602   1.00 0.00  ? 5 PHE E CE1 1 
ATOM 1519 C CE2 . PHE W 1 5 ? -16.871 -16.014 2.955   1.00 0.00  ? 5 PHE E CE2 1 
ATOM 1520 C CZ  . PHE W 1 5 ? -17.706 -15.085 3.585   1.00 0.00  ? 5 PHE E CZ  1 
ATOM 1521 N N   . GLN W 1 6 ? -10.736 -13.954 2.129   1.00 30.00 ? 6 GLN E N   1 
ATOM 1522 C CA  . GLN W 1 6 ? -9.451  -13.923 1.442   1.00 30.00 ? 6 GLN E CA  1 
ATOM 1523 C C   . GLN W 1 6 ? -9.202  -15.304 0.861   1.00 30.00 ? 6 GLN E C   1 
ATOM 1524 O O   . GLN W 1 6 ? -9.112  -16.286 1.599   1.00 30.00 ? 6 GLN E O   1 
ATOM 1525 C CB  . GLN W 1 6 ? -8.328  -13.542 2.410   1.00 30.00 ? 6 GLN E CB  1 
ATOM 1526 C CG  . GLN W 1 6 ? -6.930  -13.723 1.839   1.00 30.00 ? 6 GLN E CG  1 
ATOM 1527 C CD  . GLN W 1 6 ? -5.988  -12.611 2.254   1.00 30.00 ? 6 GLN E CD  1 
ATOM 1528 O OE1 . GLN W 1 6 ? -6.173  -11.977 3.294   1.00 30.00 ? 6 GLN E OE1 1 
ATOM 1529 N NE2 . GLN W 1 6 ? -4.968  -12.367 1.438   1.00 30.00 ? 6 GLN E NE2 1 
ATOM 1530 N N   . PHE W 1 7 ? -9.089  -15.389 -0.460  1.00 30.00 ? 7 PHE E N   1 
ATOM 1531 C CA  . PHE W 1 7 ? -8.886  -16.685 -1.094  1.00 30.00 ? 7 PHE E CA  1 
ATOM 1532 C C   . PHE W 1 7 ? -7.485  -16.793 -1.687  1.00 30.00 ? 7 PHE E C   1 
ATOM 1533 O O   . PHE W 1 7 ? -7.222  -16.305 -2.786  1.00 30.00 ? 7 PHE E O   1 
ATOM 1534 C CB  . PHE W 1 7 ? -9.937  -16.920 -2.180  1.00 30.00 ? 7 PHE E CB  1 
ATOM 1535 C CG  . PHE W 1 7 ? -11.347 -16.688 -1.718  1.00 30.00 ? 7 PHE E CG  1 
ATOM 1536 C CD1 . PHE W 1 7 ? -12.078 -17.713 -1.141  1.00 30.00 ? 7 PHE E CD1 1 
ATOM 1537 C CD2 . PHE W 1 7 ? -11.943 -15.446 -1.861  1.00 30.00 ? 7 PHE E CD2 1 
ATOM 1538 C CE1 . PHE W 1 7 ? -13.377 -17.504 -0.715  1.00 30.00 ? 7 PHE E CE1 1 
ATOM 1539 C CE2 . PHE W 1 7 ? -13.240 -15.228 -1.437  1.00 30.00 ? 7 PHE E CE2 1 
ATOM 1540 C CZ  . PHE W 1 7 ? -13.957 -16.259 -0.863  1.00 30.00 ? 7 PHE E CZ  1 
ATOM 1541 O OXT . PHE W 1 7 ? -6.582  -17.370 -1.080  1.00 0.00  ? 7 PHE E OXT 1 
ATOM 1542 N N   . CYS X 1 1 ? -21.421 -25.265 -7.094  1.00 30.00 ? 1 CYS F N   1 
ATOM 1543 C CA  . CYS X 1 1 ? -20.815 -26.412 -6.429  1.00 30.00 ? 1 CYS F CA  1 
ATOM 1544 C C   . CYS X 1 1 ? -19.787 -25.967 -5.394  1.00 30.00 ? 1 CYS F C   1 
ATOM 1545 O O   . CYS X 1 1 ? -19.878 -26.329 -4.219  1.00 30.00 ? 1 CYS F O   1 
ATOM 1546 C CB  . CYS X 1 1 ? -20.160 -27.342 -7.454  1.00 30.00 ? 1 CYS F CB  1 
ATOM 1547 S SG  . CYS X 1 1 ? -19.935 -29.042 -6.882  1.00 30.00 ? 1 CYS F SG  1 
ATOM 1548 N N   . LYS X 1 2 ? -18.831 -25.155 -5.827  1.00 30.00 ? 2 LYS F N   1 
ATOM 1549 C CA  . LYS X 1 2 ? -17.749 -24.696 -4.958  1.00 30.00 ? 2 LYS F CA  1 
ATOM 1550 C C   . LYS X 1 2 ? -18.146 -23.614 -3.946  1.00 30.00 ? 2 LYS F C   1 
ATOM 1551 O O   . LYS X 1 2 ? -17.986 -23.794 -2.737  1.00 30.00 ? 2 LYS F O   1 
ATOM 1552 C CB  . LYS X 1 2 ? -16.547 -24.100 -5.697  1.00 0.00  ? 2 LYS F CB  1 
ATOM 1553 C CG  . LYS X 1 2 ? -15.405 -25.081 -5.921  1.00 0.00  ? 2 LYS F CG  1 
ATOM 1554 C CD  . LYS X 1 2 ? -14.849 -25.589 -4.601  1.00 0.00  ? 2 LYS F CD  1 
ATOM 1555 C CE  . LYS X 1 2 ? -13.340 -25.425 -4.538  1.00 0.00  ? 2 LYS F CE  1 
ATOM 1556 N NZ  . LYS X 1 2 ? -12.706 -26.441 -3.652  1.00 0.00  ? 2 LYS F NZ  1 
ATOM 1557 N N   . PHE X 1 3 ? -18.610 -22.483 -4.462  1.00 30.00 ? 3 PHE F N   1 
ATOM 1558 C CA  . PHE X 1 3 ? -19.028 -21.364 -3.633  1.00 30.00 ? 3 PHE F CA  1 
ATOM 1559 C C   . PHE X 1 3 ? -20.299 -20.749 -4.192  1.00 30.00 ? 3 PHE F C   1 
ATOM 1560 O O   . PHE X 1 3 ? -20.395 -20.468 -5.385  1.00 30.00 ? 3 PHE F O   1 
ATOM 1561 C CB  . PHE X 1 3 ? -17.916 -20.319 -3.546  1.00 0.00  ? 3 PHE F CB  1 
ATOM 1562 C CG  . PHE X 1 3 ? -16.714 -20.779 -2.773  1.00 0.00  ? 3 PHE F CG  1 
ATOM 1563 C CD1 . PHE X 1 3 ? -15.683 -21.456 -3.404  1.00 0.00  ? 3 PHE F CD1 1 
ATOM 1564 C CD2 . PHE X 1 3 ? -16.613 -20.534 -1.415  1.00 0.00  ? 3 PHE F CD2 1 
ATOM 1565 C CE1 . PHE X 1 3 ? -14.578 -21.881 -2.696  1.00 0.00  ? 3 PHE F CE1 1 
ATOM 1566 C CE2 . PHE X 1 3 ? -15.509 -20.956 -0.700  1.00 0.00  ? 3 PHE F CE2 1 
ATOM 1567 C CZ  . PHE X 1 3 ? -14.490 -21.630 -1.342  1.00 0.00  ? 3 PHE F CZ  1 
ATOM 1568 N N   . LYS X 1 4 ? -21.273 -20.545 -3.320  1.00 30.00 ? 4 LYS F N   1 
ATOM 1569 C CA  . LYS X 1 4 ? -22.554 -19.999 -3.705  1.00 30.00 ? 4 LYS F CA  1 
ATOM 1570 C C   . LYS X 1 4 ? -22.797 -18.931 -2.657  1.00 30.00 ? 4 LYS F C   1 
ATOM 1571 O O   . LYS X 1 4 ? -22.952 -19.222 -1.470  1.00 30.00 ? 4 LYS F O   1 
ATOM 1572 C CB  . LYS X 1 4 ? -23.641 -21.071 -3.645  1.00 0.00  ? 4 LYS F CB  1 
ATOM 1573 C CG  . LYS X 1 4 ? -23.297 -22.346 -4.397  1.00 0.00  ? 4 LYS F CG  1 
ATOM 1574 C CD  . LYS X 1 4 ? -24.536 -22.976 -5.013  1.00 0.00  ? 4 LYS F CD  1 
ATOM 1575 C CE  . LYS X 1 4 ? -24.174 -24.166 -5.884  1.00 0.00  ? 4 LYS F CE  1 
ATOM 1576 N NZ  . LYS X 1 4 ? -24.990 -25.368 -5.554  1.00 0.00  ? 4 LYS F NZ  1 
ATOM 1577 N N   . PHE X 1 5 ? -22.827 -17.691 -3.112  1.00 30.00 ? 5 PHE F N   1 
ATOM 1578 C CA  . PHE X 1 5 ? -22.994 -16.529 -2.256  1.00 30.00 ? 5 PHE F CA  1 
ATOM 1579 C C   . PHE X 1 5 ? -24.234 -15.802 -2.743  1.00 30.00 ? 5 PHE F C   1 
ATOM 1580 O O   . PHE X 1 5 ? -24.299 -15.384 -3.899  1.00 30.00 ? 5 PHE F O   1 
ATOM 1581 C CB  . PHE X 1 5 ? -21.773 -15.614 -2.341  1.00 0.00  ? 5 PHE F CB  1 
ATOM 1582 C CG  . PHE X 1 5 ? -20.607 -16.078 -1.513  1.00 0.00  ? 5 PHE F CG  1 
ATOM 1583 C CD1 . PHE X 1 5 ? -19.809 -17.124 -1.941  1.00 0.00  ? 5 PHE F CD1 1 
ATOM 1584 C CD2 . PHE X 1 5 ? -20.315 -15.468 -0.303  1.00 0.00  ? 5 PHE F CD2 1 
ATOM 1585 C CE1 . PHE X 1 5 ? -18.739 -17.555 -1.182  1.00 0.00  ? 5 PHE F CE1 1 
ATOM 1586 C CE2 . PHE X 1 5 ? -19.246 -15.894 0.461   1.00 0.00  ? 5 PHE F CE2 1 
ATOM 1587 C CZ  . PHE X 1 5 ? -18.456 -16.939 0.021   1.00 0.00  ? 5 PHE F CZ  1 
ATOM 1588 N N   . GLN X 1 6 ? -25.284 -15.705 -1.947  1.00 30.00 ? 6 GLN F N   1 
ATOM 1589 C CA  . GLN X 1 6 ? -26.477 -15.036 -2.456  1.00 30.00 ? 6 GLN F CA  1 
ATOM 1590 C C   . GLN X 1 6 ? -26.881 -13.927 -1.493  1.00 30.00 ? 6 GLN F C   1 
ATOM 1591 O O   . GLN X 1 6 ? -26.934 -14.219 -0.350  1.00 30.00 ? 6 GLN F O   1 
ATOM 1592 C CB  . GLN X 1 6 ? -27.619 -16.038 -2.597  1.00 30.00 ? 6 GLN F CB  1 
ATOM 1593 C CG  . GLN X 1 6 ? -27.490 -16.942 -3.813  1.00 30.00 ? 6 GLN F CG  1 
ATOM 1594 C CD  . GLN X 1 6 ? -28.576 -17.998 -3.876  1.00 30.00 ? 6 GLN F CD  1 
ATOM 1595 O OE1 . GLN X 1 6 ? -28.343 -19.163 -3.557  1.00 30.00 ? 6 GLN F OE1 1 
ATOM 1596 N NE2 . GLN X 1 6 ? -29.771 -17.594 -4.291  1.00 30.00 ? 6 GLN F NE2 1 
ATOM 1597 N N   . PHE X 1 7 ? -27.182 -12.710 -1.971  1.00 30.00 ? 7 PHE F N   1 
ATOM 1598 C CA  . PHE X 1 7 ? -27.578 -11.524 -1.221  1.00 30.00 ? 7 PHE F CA  1 
ATOM 1599 C C   . PHE X 1 7 ? -28.993 -11.069 -1.555  1.00 30.00 ? 7 PHE F C   1 
ATOM 1600 O O   . PHE X 1 7 ? -29.280 -10.668 -2.684  1.00 30.00 ? 7 PHE F O   1 
ATOM 1601 C CB  . PHE X 1 7 ? -26.583 -10.396 -1.508  1.00 30.00 ? 7 PHE F CB  1 
ATOM 1602 C CG  . PHE X 1 7 ? -25.161 -10.862 -1.642  1.00 30.00 ? 7 PHE F CG  1 
ATOM 1603 C CD1 . PHE X 1 7 ? -24.669 -11.283 -2.867  1.00 30.00 ? 7 PHE F CD1 1 
ATOM 1604 C CD2 . PHE X 1 7 ? -24.318 -10.878 -0.544  1.00 30.00 ? 7 PHE F CD2 1 
ATOM 1605 C CE1 . PHE X 1 7 ? -23.362 -11.712 -2.994  1.00 30.00 ? 7 PHE F CE1 1 
ATOM 1606 C CE2 . PHE X 1 7 ? -23.009 -11.306 -0.665  1.00 30.00 ? 7 PHE F CE2 1 
ATOM 1607 C CZ  . PHE X 1 7 ? -22.530 -11.723 -1.891  1.00 30.00 ? 7 PHE F CZ  1 
ATOM 1608 O OXT . PHE X 1 7 ? -29.884 -11.091 -0.707  1.00 0.00  ? 7 PHE F OXT 1 
# 
